data_9RJS
#
_entry.id   9RJS
#
_cell.length_a   1.00
_cell.length_b   1.00
_cell.length_c   1.00
_cell.angle_alpha   90.00
_cell.angle_beta   90.00
_cell.angle_gamma   90.00
#
_symmetry.space_group_name_H-M   'P 1'
#
loop_
_entity.id
_entity.type
_entity.pdbx_description
1 polymer 'DNA-directed RNA polymerase,PHIKZ056.1'
2 polymer PHIKZ068
3 polymer PHIKZ071
4 polymer PHIKZ074
5 polymer PHIKZ123
6 polymer 'DNA - ATGAGTAATTTTAGTGAATGTATTTGCTATATTGCTATGTAGACAGTTCCCAAAAGCCTAAAGTTACAATATAGG'
7 polymer 'DNA - CCTATATTGTAACTTTAGGCTTTTGGGAACTCCTCTCATATTCCCATAGCAAATACATTCACTAAAATTACTCAT'
8 non-polymer 'ZINC ION'
#
loop_
_entity_poly.entity_id
_entity_poly.type
_entity_poly.pdbx_seq_one_letter_code
_entity_poly.pdbx_strand_id
1 'polypeptide(L)'
;MGSSHHHHHHSSGLVPRGSHMGLYAKVVDHNEVHDQFTGKRIYANDYNTSNSDEKEEFDRHFYSHFQDSEAIESSVSCDC
RAIEDAHKLGVICDICNTPVVNTSSRPIEPSMWVRTPKHVRSLINPRLIIMLTGYLVTKEFDFLAYLTDTSYRYDVESIG
SKETRRKVDRLLHRGFERGLNHFIDNFNEIFQFLLDANIISNNKSEFAQFVAQNKDKLFPKYLPVPSKLCFVAESTTSGT
YLDKPIEAAIDATLTFASIDASSVPLSPIKAQNRTMRGLRLYGQFYEIYAKSRIAQKPGLARRHMFGARLNATARAVITS
ISDPHDYDELHIPWGVGCQLLKYHLTNKLKAKFNMTTREAFSFVYENVLQYNQIIADLFKELIAEAAPYKGMGCTFHRNP
TLQRGSTQQFFITKVKDDINDNSISMSVLCLKAPNADFDGDQLNLTLMPDVYLTKATERIAPHTWVLSIDEPHEISGNLE
LQGPVVETIINWAHEKYLPPLEEWLKAK
;
A
2 'polypeptide(L)'
;MEIIVTGVQGTGFTEVATEHNGKRLTWTTTAYSKIRVQDQQRVFQEINDYWSGLSAEAQQHIWNCYVEIRKIMDMAMHPM
RIAMSLSYYIKEMYKAMPMNSFRRWLLTIGKLYIPVDIEEVITDDSRYNRPDQTYLKHDYINLASVSLALRPLVPIWGEF
IDQGTSQEMHKECEVISLISDCEVNHWPVDEISIDGTPVETAYDKLSAYVKFCVEDEAPTLANLYRGMSSAEVPDILQAK
VMVRRLTILPLNDATSHSIVSNMFRYVKSNLNPAERSTADRVNDKRPDKGGIDDDDKTSFIESHKTKQRVTPGDIVAYNL
DALDVVKLVHKIDDTVPVELIQECLDCVAVTATKDIYPHQILLAQWVMHKAFPARAFSHINKNAVNHLLAAAQSLMWHWG
FQQVAVFMQVELYYSGEHAMSIQPRNSTRIQIKYKDVMDELYPHQRQQRAINGVPVAPVNIAGIAVQSAHASIRSSNWIY
HGPDRLFKEAEQVTQNKVLVVPATIKSVITELVIHLGKLNQ
;
B
3 'polypeptide(L)'
;MSQLGRREIDLTLLGHTGLDPWYGTTSSARGAMFVTHIGQAPEVNGNESRYFLTGAELEYAKYTHDVRFPEDCRVLHVLR
KYPTGIGKDSIRSNPVTTIIYENYFDKYKTIGVLHVPEYMSHHQDFGYELVKNREVWETIAPNEMFSKDTVIAQSGAVKK
DGTLGMGVNANVVFLSAAGTIEDGFVANKNFLKRMMPTSYSTAVANAGRKAFFLNMYGDDKIYKPFPDIGDVIRPDGVIF
AIRDHDDDLAPAEMTPRALRTLDRTFDRAVIGTPGAKVIDIDIWRDERVNPSPTPTGMDAQLVKYHTHLSSYYRELLKIY
RGLLARRKDDLHITEEFERLIVTAQMFLPQPDNVRKLSRFYRLDPLDEWRVEVTYKAQKMPAGAFKMTDFHGGKGVICKV
MEDEDMPIDENGNRADLIIFGGSTMRRSNYGRIYEHGFGAAARDLAQRLRVEAGLDRHAKPTQQQLNSVMGNTQWVDYAF
KELLGFYEIIAPTMHSKMMEHPNPAEHVKTVLMDGFPYIYAPVDDPVDLMAAVNKLINSDKYRPHYGKVSYRDQAGKWVT
TKDNVLMGPLYMMLLEKIGEDWSAAASVKTQPFGLPSKLNNADRASTPGRETAIRSFGESETRSYNCTVGPGPTAEILDQ
TNNPLAHAAVIESWLTAEKPSSVPVAVDREKIPFGGSRPVAMFDHLLECSGIALEYAPDH
;
C
4 'polypeptide(L)'
;MNLNRYKARDLLNLSYDDLWSLPSEWHLIEFDDGKTVVSVDRITKLSVLCWYPLKHYKDCPIPSDHHIDFNRILTDNPKD
YLNVEGGRVTSKAMVKHLNKAIWNIYDWSGETVDPEVLSKLAIEGKNWLYNQTTVKLSEYLATLSMFDIAEVYNHPKVRE
ANHNIEPTTYGIEKISYGKVKEVFNDPTQFIGNSIIEGLRSGTQKTEQLLQAFAWRGFPTDINSDIFKYPVTTGYIDGIW
NLYENMIESRSGTKALLYNKELLRVTEYFNRKSQLIAQYVQRLHPGDCKTTILAEYPVTKLTLKAFKGKYYQKEDGKLDW
IRGNETHLIGTKQKFRSVFGCNHPDSQGICMTCYGRLGINIPKGTNIGQVAAVSMGDKITSAVLSTKHTDASSAVEQYKL
GKIESNYLRTGEIPETLYLKKELTQKDYRLVIARSEAENLADILMIDDLTAYPATSATELTSLALVYDDEVNGECGDVLT
VSLYNRRASLSIEMLKHIKMVRWELDQRDNIVISLRGFDFNLPFLTLPNKHVNMYEVMKRFQSFLHSGSDSAEAGKLSTE
KVGYTSKTYLKNYKSPIEALPVFATMANEKISLNISHCEILIYAMMIRSAQYRDYRLPKPGINGQFEKYNRLMQCRSLGG
AMAFEKQHEPLNNPGSFLNKMRNDHPYDLLVKGGKLR
;
D
5 'polypeptide(L)'
;MPDPFLIEKIRENTPCMNPTLANGITVEHTMTRDPNTGVNMTRRYIDSLFDISSVLFPDGFKYEGNRACTPLKHFEEITR
EYNAKRIANIAPTDMYMIDLMFSYKGEMLYPRPMLLPAFKRGNMVTINGAKYIGSPVLTDVGFSVLNDSIFIPFRRTKLT
FKQTDHHYMCNGQRKIMYVIWSQIHNEMAKRTKRDLGNRPHIESCLAHYFFCQFGVTQTFKQWANVDVKCGLLSDFPEEE
YPREKWNIYSSATLKGKHPTGEMVLVIPRHQESIFATRLIAGFWYVVDAFPMRFTRPEYVDSTNLWRVILGHMVFGDFEH
QGKVEENIDSHLHSFCNSLDEMTIEELKTVGVNVSTIWELLYEIMTSLAHHLYATDIDETSMYGKRLTVLHYLMSEFNYA
VSMFGYMFQSRRDREWTVQELNEGLKRSFKLQTAIKRLTVDHGELDTMSNPNSSMLIKGTSILVTQDRAKTAKAHNKSLI
NDSSRIIHASIAEVGQYKNQPKNNPDGRGRLNMYTKVGPTGLVERREEVREIIDNAQLMFRAK
;
E
6 'polydeoxyribonucleotide'
;(DA)(DT)(DG)(DA)(DG)(DT)(DA)(DA)(DT)(DT)(DT)(DT)(DA)(DG)(DT)(DG)(DA)(DA)(DT)(DG)
(DT)(DA)(DT)(DT)(DT)(DG)(DC)(DT)(DA)(DT)(DA)(DT)(DT)(DG)(DC)(DT)(DA)(DT)(DG)(DT)
(DA)(DG)(DA)(DC)(DA)(DG)(DT)(DT)(DC)(DC)(DC)(DA)(DA)(DA)(DA)(DG)(DC)(DC)(DT)(DA)
(DA)(DA)(DG)(DT)(DT)(DA)(DC)(DA)(DA)(DT)(DA)(DT)(DA)(DG)(DG)
;
X
7 'polydeoxyribonucleotide'
;(DC)(DC)(DT)(DA)(DT)(DA)(DT)(DT)(DG)(DT)(DA)(DA)(DC)(DT)(DT)(DT)(DA)(DG)(DG)(DC)
(DT)(DT)(DT)(DT)(DG)(DG)(DG)(DA)(DA)(DC)(DT)(DC)(DC)(DT)(DC)(DT)(DC)(DA)(DT)(DA)
(DT)(DT)(DC)(DC)(DC)(DA)(DT)(DA)(DG)(DC)(DA)(DA)(DA)(DT)(DA)(DC)(DA)(DT)(DT)(DC)
(DA)(DC)(DT)(DA)(DA)(DA)(DA)(DT)(DT)(DA)(DC)(DT)(DC)(DA)(DT)
;
Y
#
# COMPACT_ATOMS: atom_id res chain seq x y z
N MET A 21 5.62 -31.02 -25.23
CA MET A 21 4.32 -31.58 -25.58
C MET A 21 3.34 -31.47 -24.43
N GLY A 22 3.55 -30.45 -23.58
CA GLY A 22 2.67 -30.22 -22.45
C GLY A 22 3.05 -31.06 -21.24
N LEU A 23 2.40 -30.74 -20.13
CA LEU A 23 2.64 -31.42 -18.86
C LEU A 23 1.38 -32.16 -18.42
N TYR A 24 1.58 -33.38 -17.94
CA TYR A 24 0.52 -34.18 -17.35
C TYR A 24 0.94 -34.59 -15.94
N ALA A 25 0.08 -35.34 -15.26
CA ALA A 25 0.29 -35.71 -13.87
C ALA A 25 0.58 -37.20 -13.75
N LYS A 26 1.47 -37.54 -12.84
CA LYS A 26 1.82 -38.92 -12.53
C LYS A 26 1.45 -39.25 -11.10
N VAL A 27 1.55 -40.54 -10.77
CA VAL A 27 1.31 -41.04 -9.42
C VAL A 27 2.62 -41.61 -8.90
N VAL A 28 3.05 -41.13 -7.75
CA VAL A 28 4.33 -41.53 -7.16
C VAL A 28 4.12 -42.78 -6.32
N ASP A 29 5.17 -43.58 -6.20
CA ASP A 29 5.16 -44.78 -5.37
C ASP A 29 5.87 -44.44 -4.07
N HIS A 30 5.11 -44.35 -2.98
CA HIS A 30 5.66 -43.83 -1.73
C HIS A 30 6.72 -44.75 -1.15
N ASN A 31 6.53 -46.07 -1.23
CA ASN A 31 7.52 -46.97 -0.66
C ASN A 31 8.81 -46.97 -1.46
N GLU A 32 8.75 -46.63 -2.75
CA GLU A 32 9.97 -46.44 -3.51
C GLU A 32 10.70 -45.18 -3.06
N VAL A 33 9.96 -44.13 -2.72
CA VAL A 33 10.58 -42.95 -2.13
C VAL A 33 11.21 -43.30 -0.79
N HIS A 34 10.54 -44.14 0.00
CA HIS A 34 11.08 -44.56 1.29
C HIS A 34 12.37 -45.35 1.10
N ASP A 35 12.40 -46.27 0.14
CA ASP A 35 13.57 -47.11 -0.05
C ASP A 35 14.79 -46.29 -0.48
N GLN A 36 14.59 -45.32 -1.36
CA GLN A 36 15.69 -44.55 -1.92
C GLN A 36 16.12 -43.39 -1.05
N PHE A 37 15.44 -43.15 0.07
CA PHE A 37 15.81 -42.05 0.95
C PHE A 37 17.14 -42.33 1.62
N THR A 38 17.92 -41.27 1.83
CA THR A 38 19.25 -41.38 2.42
C THR A 38 19.27 -40.68 3.77
N GLY A 39 19.85 -41.34 4.77
CA GLY A 39 19.91 -40.82 6.12
C GLY A 39 19.02 -41.63 7.06
N LYS A 40 19.24 -41.38 8.35
CA LYS A 40 18.46 -42.05 9.37
C LYS A 40 17.00 -41.60 9.29
N ARG A 41 16.09 -42.55 9.38
CA ARG A 41 14.67 -42.30 9.18
C ARG A 41 13.96 -42.29 10.53
N ILE A 42 13.16 -41.25 10.76
CA ILE A 42 12.41 -41.08 12.00
C ILE A 42 10.94 -41.37 11.72
N TYR A 43 10.35 -42.24 12.52
CA TYR A 43 8.95 -42.63 12.38
C TYR A 43 8.13 -42.00 13.50
N ALA A 44 7.04 -41.33 13.14
CA ALA A 44 6.18 -40.70 14.13
C ALA A 44 5.42 -41.70 14.99
N ASN A 45 5.42 -42.98 14.60
CA ASN A 45 4.77 -43.99 15.43
C ASN A 45 5.52 -44.20 16.74
N ASP A 46 6.83 -44.01 16.73
CA ASP A 46 7.69 -44.30 17.89
C ASP A 46 7.87 -43.06 18.77
N TYR A 47 6.74 -42.46 19.16
CA TYR A 47 6.79 -41.25 19.97
C TYR A 47 5.57 -41.20 20.87
N ASN A 48 5.80 -41.15 22.18
CA ASN A 48 4.74 -40.96 23.16
C ASN A 48 4.78 -39.51 23.64
N THR A 49 3.78 -38.73 23.23
CA THR A 49 3.75 -37.32 23.59
C THR A 49 3.53 -37.10 25.07
N SER A 50 2.91 -38.08 25.76
CA SER A 50 2.66 -37.94 27.19
C SER A 50 3.95 -37.76 27.96
N ASN A 51 4.99 -38.52 27.61
CA ASN A 51 6.30 -38.33 28.20
C ASN A 51 6.88 -37.00 27.71
N SER A 52 7.12 -36.07 28.65
CA SER A 52 7.57 -34.74 28.27
C SER A 52 8.94 -34.77 27.60
N ASP A 53 9.74 -35.79 27.88
CA ASP A 53 11.03 -35.91 27.21
C ASP A 53 10.84 -36.20 25.72
N GLU A 54 9.89 -37.07 25.37
CA GLU A 54 9.68 -37.43 23.99
C GLU A 54 8.96 -36.33 23.21
N LYS A 55 8.12 -35.53 23.89
CA LYS A 55 7.45 -34.44 23.19
C LYS A 55 8.45 -33.41 22.68
N GLU A 56 9.48 -33.11 23.47
CA GLU A 56 10.48 -32.14 23.05
C GLU A 56 11.23 -32.63 21.82
N GLU A 57 11.57 -33.92 21.78
CA GLU A 57 12.26 -34.46 20.61
C GLU A 57 11.35 -34.48 19.39
N PHE A 58 10.06 -34.77 19.59
CA PHE A 58 9.13 -34.74 18.47
C PHE A 58 9.01 -33.34 17.88
N ASP A 59 8.88 -32.33 18.74
CA ASP A 59 8.81 -30.95 18.25
C ASP A 59 10.13 -30.50 17.65
N ARG A 60 11.23 -31.16 17.98
CA ARG A 60 12.51 -30.84 17.35
C ARG A 60 12.49 -31.13 15.86
N HIS A 61 11.86 -32.24 15.47
CA HIS A 61 11.85 -32.66 14.08
C HIS A 61 10.67 -32.11 13.30
N PHE A 62 9.54 -31.86 13.96
CA PHE A 62 8.33 -31.46 13.25
C PHE A 62 8.34 -29.97 12.95
N TYR A 63 8.35 -29.13 13.98
CA TYR A 63 8.26 -27.69 13.80
C TYR A 63 9.63 -27.09 13.56
N SER A 64 9.65 -26.01 12.77
CA SER A 64 10.81 -25.13 12.67
C SER A 64 10.49 -23.94 13.58
N HIS A 65 11.09 -23.96 14.77
CA HIS A 65 10.72 -23.02 15.82
C HIS A 65 11.65 -21.81 15.82
N PHE A 66 11.06 -20.64 16.05
CA PHE A 66 11.80 -19.40 16.20
C PHE A 66 11.44 -18.79 17.55
N GLN A 67 12.45 -18.59 18.40
CA GLN A 67 12.20 -18.25 19.79
C GLN A 67 11.88 -16.77 20.00
N ASP A 68 12.10 -15.93 19.00
CA ASP A 68 11.82 -14.51 19.12
C ASP A 68 11.81 -13.89 17.72
N SER A 69 11.75 -12.57 17.67
CA SER A 69 11.77 -11.82 16.41
C SER A 69 13.16 -11.29 16.08
N GLU A 70 14.20 -12.03 16.46
CA GLU A 70 15.57 -11.59 16.28
C GLU A 70 16.17 -12.23 15.03
N ALA A 71 17.02 -11.48 14.34
CA ALA A 71 17.63 -11.96 13.11
C ALA A 71 18.59 -13.12 13.40
N ILE A 72 18.58 -14.11 12.51
CA ILE A 72 19.45 -15.27 12.64
C ILE A 72 20.86 -14.88 12.21
N GLU A 73 21.77 -14.82 13.18
CA GLU A 73 23.16 -14.41 12.91
C GLU A 73 24.02 -15.65 12.68
N SER A 74 23.64 -16.42 11.67
CA SER A 74 24.38 -17.62 11.31
C SER A 74 24.07 -17.95 9.85
N SER A 75 25.07 -18.49 9.16
CA SER A 75 24.94 -18.84 7.75
C SER A 75 24.73 -20.33 7.52
N VAL A 76 25.44 -21.19 8.26
CA VAL A 76 25.28 -22.62 8.16
C VAL A 76 25.00 -23.17 9.56
N SER A 77 24.42 -24.36 9.61
CA SER A 77 24.11 -24.98 10.89
C SER A 77 23.80 -26.45 10.66
N CYS A 78 23.82 -27.21 11.75
CA CYS A 78 23.32 -28.58 11.76
C CYS A 78 21.86 -28.56 12.15
N ASP A 79 21.28 -29.74 12.39
CA ASP A 79 19.89 -29.82 12.80
C ASP A 79 19.68 -29.19 14.17
N CYS A 80 20.58 -29.46 15.12
CA CYS A 80 20.41 -29.03 16.50
C CYS A 80 21.16 -27.75 16.83
N ARG A 81 21.69 -27.05 15.82
CA ARG A 81 22.34 -25.75 16.00
C ARG A 81 23.54 -25.84 16.94
N ALA A 82 24.27 -26.95 16.86
CA ALA A 82 25.49 -27.09 17.65
C ALA A 82 26.71 -26.53 16.94
N ILE A 83 26.70 -26.53 15.62
CA ILE A 83 27.80 -26.03 14.81
C ILE A 83 27.28 -24.93 13.91
N GLU A 84 27.81 -23.72 14.05
CA GLU A 84 27.45 -22.59 13.21
C GLU A 84 28.66 -22.01 12.49
N ASP A 85 29.64 -22.85 12.16
CA ASP A 85 30.86 -22.42 11.50
C ASP A 85 30.85 -22.86 10.05
N ALA A 86 31.08 -21.91 9.14
CA ALA A 86 31.00 -22.23 7.72
C ALA A 86 32.17 -23.09 7.26
N HIS A 87 33.28 -23.06 8.00
CA HIS A 87 34.44 -23.88 7.61
C HIS A 87 34.26 -25.35 7.95
N LYS A 88 33.25 -25.70 8.72
CA LYS A 88 32.94 -27.09 9.03
C LYS A 88 31.85 -27.66 8.13
N LEU A 89 31.63 -27.04 6.97
CA LEU A 89 30.59 -27.49 6.06
C LEU A 89 30.87 -28.89 5.57
N GLY A 90 29.86 -29.75 5.62
CA GLY A 90 29.98 -31.14 5.22
C GLY A 90 30.28 -32.10 6.36
N VAL A 91 30.72 -31.58 7.50
CA VAL A 91 31.00 -32.42 8.66
C VAL A 91 29.69 -32.79 9.35
N ILE A 92 29.58 -34.04 9.76
CA ILE A 92 28.36 -34.55 10.37
C ILE A 92 28.40 -34.27 11.86
N CYS A 93 27.33 -33.65 12.37
CA CYS A 93 27.23 -33.37 13.80
C CYS A 93 27.18 -34.66 14.60
N ASP A 94 27.78 -34.65 15.79
CA ASP A 94 27.79 -35.80 16.67
C ASP A 94 26.61 -35.82 17.64
N ILE A 95 25.86 -34.73 17.74
CA ILE A 95 24.71 -34.68 18.62
C ILE A 95 23.41 -34.96 17.88
N CYS A 96 23.21 -34.37 16.70
CA CYS A 96 22.00 -34.58 15.91
C CYS A 96 22.21 -35.52 14.74
N ASN A 97 23.44 -35.99 14.51
CA ASN A 97 23.76 -36.88 13.39
C ASN A 97 23.29 -36.30 12.07
N THR A 98 23.52 -35.01 11.89
CA THR A 98 23.10 -34.29 10.69
C THR A 98 24.30 -33.57 10.09
N PRO A 99 24.50 -33.64 8.78
CA PRO A 99 25.58 -32.87 8.16
C PRO A 99 25.33 -31.38 8.29
N VAL A 100 26.42 -30.62 8.38
CA VAL A 100 26.35 -29.17 8.43
C VAL A 100 26.14 -28.64 7.02
N VAL A 101 24.99 -27.99 6.79
CA VAL A 101 24.61 -27.54 5.47
C VAL A 101 24.36 -26.04 5.51
N ASN A 102 24.43 -25.43 4.32
CA ASN A 102 24.19 -24.01 4.18
C ASN A 102 22.69 -23.74 4.22
N THR A 103 22.27 -22.86 5.11
CA THR A 103 20.88 -22.46 5.16
C THR A 103 20.51 -21.70 3.89
N SER A 104 19.21 -21.61 3.63
CA SER A 104 18.63 -20.98 2.44
C SER A 104 18.85 -21.84 1.20
N SER A 105 19.62 -22.92 1.35
CA SER A 105 19.76 -23.92 0.29
C SER A 105 19.67 -25.33 0.86
N ARG A 106 19.15 -25.46 2.08
CA ARG A 106 18.99 -26.77 2.70
C ARG A 106 17.98 -27.58 1.90
N PRO A 107 18.28 -28.85 1.59
CA PRO A 107 17.34 -29.66 0.80
C PRO A 107 16.01 -29.82 1.52
N ILE A 108 14.94 -29.82 0.74
CA ILE A 108 13.58 -29.97 1.26
C ILE A 108 13.20 -31.43 1.12
N GLU A 109 13.05 -32.11 2.24
CA GLU A 109 12.80 -33.55 2.29
C GLU A 109 11.84 -33.83 3.44
N PRO A 110 11.18 -34.98 3.42
CA PRO A 110 10.24 -35.30 4.51
C PRO A 110 10.92 -35.30 5.87
N SER A 111 10.23 -34.74 6.87
CA SER A 111 10.78 -34.69 8.21
C SER A 111 10.67 -36.04 8.92
N MET A 112 9.58 -36.76 8.68
CA MET A 112 9.34 -38.05 9.33
C MET A 112 8.67 -38.99 8.35
N TRP A 113 8.41 -40.21 8.81
CA TRP A 113 7.68 -41.20 8.04
C TRP A 113 6.65 -41.86 8.95
N VAL A 114 5.61 -42.40 8.35
CA VAL A 114 4.54 -43.08 9.07
C VAL A 114 4.55 -44.55 8.68
N ARG A 115 4.68 -45.41 9.67
CA ARG A 115 4.66 -46.86 9.44
C ARG A 115 3.23 -47.38 9.48
N THR A 116 3.08 -48.62 9.04
CA THR A 116 1.77 -49.28 9.13
C THR A 116 1.58 -49.81 10.54
N PRO A 117 0.53 -49.39 11.26
CA PRO A 117 0.32 -49.88 12.63
C PRO A 117 0.07 -51.37 12.66
N LYS A 118 -0.01 -51.90 13.88
CA LYS A 118 -0.21 -53.32 14.08
C LYS A 118 -1.60 -53.75 13.65
N HIS A 119 -1.68 -54.97 13.13
CA HIS A 119 -2.93 -55.58 12.66
C HIS A 119 -3.63 -54.67 11.65
N VAL A 120 -2.82 -54.04 10.80
CA VAL A 120 -3.33 -53.20 9.72
C VAL A 120 -2.64 -53.64 8.43
N ARG A 121 -3.43 -53.81 7.37
CA ARG A 121 -2.90 -54.33 6.12
C ARG A 121 -1.86 -53.40 5.50
N SER A 122 -2.22 -52.14 5.30
CA SER A 122 -1.34 -51.16 4.67
C SER A 122 -1.98 -49.78 4.83
N LEU A 123 -1.36 -48.77 4.23
CA LEU A 123 -1.88 -47.42 4.25
C LEU A 123 -2.59 -47.14 2.92
N ILE A 124 -3.05 -45.91 2.73
CA ILE A 124 -3.74 -45.50 1.52
C ILE A 124 -3.09 -44.24 0.98
N ASN A 125 -2.85 -44.19 -0.31
CA ASN A 125 -2.32 -42.98 -0.94
C ASN A 125 -3.29 -41.83 -0.73
N PRO A 126 -2.85 -40.69 -0.20
CA PRO A 126 -3.79 -39.60 0.08
C PRO A 126 -4.47 -39.05 -1.16
N ARG A 127 -3.88 -39.24 -2.36
CA ARG A 127 -4.55 -38.79 -3.58
C ARG A 127 -5.84 -39.55 -3.81
N LEU A 128 -5.82 -40.87 -3.58
CA LEU A 128 -7.02 -41.67 -3.77
C LEU A 128 -8.12 -41.27 -2.79
N ILE A 129 -7.75 -40.96 -1.55
CA ILE A 129 -8.73 -40.53 -0.57
C ILE A 129 -9.37 -39.22 -0.99
N ILE A 130 -8.58 -38.29 -1.51
CA ILE A 130 -9.10 -36.99 -1.92
C ILE A 130 -10.10 -37.15 -3.06
N MET A 131 -9.79 -38.02 -4.02
CA MET A 131 -10.70 -38.26 -5.14
C MET A 131 -12.00 -38.88 -4.66
N LEU A 132 -11.91 -39.89 -3.78
CA LEU A 132 -13.12 -40.55 -3.29
C LEU A 132 -13.97 -39.60 -2.46
N THR A 133 -13.33 -38.74 -1.66
CA THR A 133 -14.07 -37.82 -0.80
C THR A 133 -14.94 -36.88 -1.62
N GLY A 134 -14.51 -36.55 -2.84
CA GLY A 134 -15.31 -35.67 -3.67
C GLY A 134 -16.66 -36.26 -4.03
N TYR A 135 -16.70 -37.58 -4.21
CA TYR A 135 -17.95 -38.26 -4.60
C TYR A 135 -18.69 -38.81 -3.38
N LEU A 136 -17.99 -39.58 -2.55
CA LEU A 136 -18.67 -40.38 -1.52
C LEU A 136 -19.23 -39.51 -0.41
N VAL A 137 -18.54 -38.44 -0.03
CA VAL A 137 -18.97 -37.66 1.12
C VAL A 137 -20.11 -36.75 0.72
N THR A 138 -21.24 -36.87 1.42
CA THR A 138 -22.41 -36.05 1.19
C THR A 138 -22.85 -35.41 2.50
N LYS A 139 -23.82 -34.50 2.40
CA LYS A 139 -24.27 -33.75 3.57
C LYS A 139 -24.95 -34.64 4.61
N GLU A 140 -25.61 -35.71 4.19
CA GLU A 140 -26.38 -36.53 5.11
C GLU A 140 -25.80 -37.91 5.36
N PHE A 141 -24.97 -38.43 4.46
CA PHE A 141 -24.39 -39.76 4.64
C PHE A 141 -23.16 -39.88 3.76
N ASP A 142 -22.00 -40.09 4.37
CA ASP A 142 -20.78 -40.36 3.63
C ASP A 142 -20.55 -41.87 3.57
N PHE A 143 -20.00 -42.33 2.45
CA PHE A 143 -19.88 -43.75 2.21
C PHE A 143 -18.47 -44.27 2.51
N LEU A 144 -17.48 -43.39 2.50
CA LEU A 144 -16.11 -43.82 2.78
C LEU A 144 -15.95 -44.21 4.24
N ALA A 145 -16.51 -43.41 5.16
CA ALA A 145 -16.41 -43.75 6.58
C ALA A 145 -17.17 -45.02 6.89
N TYR A 146 -18.35 -45.20 6.29
CA TYR A 146 -19.12 -46.41 6.53
C TYR A 146 -18.36 -47.66 6.10
N LEU A 147 -17.71 -47.59 4.93
CA LEU A 147 -17.01 -48.76 4.43
C LEU A 147 -15.70 -49.01 5.17
N THR A 148 -15.19 -48.01 5.87
CA THR A 148 -13.86 -48.10 6.48
C THR A 148 -13.87 -48.02 8.00
N ASP A 149 -14.80 -47.28 8.59
CA ASP A 149 -14.90 -47.13 10.04
C ASP A 149 -16.10 -47.88 10.56
N THR A 150 -15.87 -48.80 11.49
CA THR A 150 -16.97 -49.51 12.15
C THR A 150 -17.61 -48.67 13.24
N SER A 151 -17.00 -47.58 13.66
CA SER A 151 -17.56 -46.70 14.67
C SER A 151 -18.41 -45.58 14.10
N TYR A 152 -18.59 -45.54 12.79
CA TYR A 152 -19.42 -44.51 12.18
C TYR A 152 -20.90 -44.87 12.37
N ARG A 153 -21.69 -43.90 12.81
CA ARG A 153 -23.08 -44.12 13.13
C ARG A 153 -23.97 -43.26 12.23
N TYR A 154 -25.14 -43.80 11.92
CA TYR A 154 -26.04 -43.18 10.95
C TYR A 154 -27.48 -43.47 11.31
N ASP A 155 -28.38 -42.62 10.82
CA ASP A 155 -29.82 -42.82 10.95
C ASP A 155 -30.44 -42.77 9.58
N VAL A 156 -31.00 -43.89 9.13
CA VAL A 156 -31.60 -43.94 7.80
C VAL A 156 -32.82 -43.02 7.72
N GLU A 157 -33.57 -42.92 8.82
CA GLU A 157 -34.74 -42.04 8.83
C GLU A 157 -34.35 -40.58 8.67
N SER A 158 -33.22 -40.18 9.26
CA SER A 158 -32.79 -38.78 9.22
C SER A 158 -32.43 -38.31 7.82
N ILE A 159 -32.26 -39.22 6.86
CA ILE A 159 -31.91 -38.81 5.50
C ILE A 159 -33.12 -38.15 4.86
N GLY A 160 -32.96 -36.90 4.43
CA GLY A 160 -34.05 -36.15 3.86
C GLY A 160 -33.89 -35.85 2.38
N SER A 161 -33.34 -36.80 1.63
CA SER A 161 -33.20 -36.66 0.19
C SER A 161 -33.39 -38.02 -0.46
N LYS A 162 -34.07 -38.02 -1.62
CA LYS A 162 -34.42 -39.25 -2.29
C LYS A 162 -33.19 -39.93 -2.90
N GLU A 163 -32.33 -39.15 -3.55
CA GLU A 163 -31.19 -39.73 -4.25
C GLU A 163 -30.23 -40.40 -3.27
N THR A 164 -29.87 -39.72 -2.19
CA THR A 164 -28.95 -40.29 -1.22
C THR A 164 -29.55 -41.51 -0.54
N ARG A 165 -30.84 -41.45 -0.17
CA ARG A 165 -31.46 -42.57 0.52
C ARG A 165 -31.55 -43.78 -0.40
N ARG A 166 -31.77 -43.56 -1.69
CA ARG A 166 -31.73 -44.66 -2.65
C ARG A 166 -30.35 -45.31 -2.68
N LYS A 167 -29.30 -44.48 -2.70
CA LYS A 167 -27.94 -45.01 -2.68
C LYS A 167 -27.65 -45.76 -1.38
N VAL A 168 -28.10 -45.20 -0.25
CA VAL A 168 -27.88 -45.84 1.03
C VAL A 168 -28.55 -47.20 1.08
N ASP A 169 -29.79 -47.28 0.62
CA ASP A 169 -30.51 -48.56 0.62
C ASP A 169 -29.82 -49.58 -0.27
N ARG A 170 -29.32 -49.15 -1.43
CA ARG A 170 -28.63 -50.07 -2.32
C ARG A 170 -27.34 -50.60 -1.67
N LEU A 171 -26.60 -49.73 -1.00
CA LEU A 171 -25.36 -50.17 -0.35
C LEU A 171 -25.64 -51.12 0.79
N LEU A 172 -26.64 -50.80 1.63
CA LEU A 172 -26.98 -51.68 2.75
C LEU A 172 -27.45 -53.04 2.25
N HIS A 173 -28.27 -53.06 1.21
CA HIS A 173 -28.74 -54.32 0.66
C HIS A 173 -27.60 -55.14 0.07
N ARG A 174 -26.51 -54.48 -0.34
CA ARG A 174 -25.38 -55.20 -0.92
C ARG A 174 -24.73 -56.11 0.11
N GLY A 175 -24.61 -55.65 1.36
CA GLY A 175 -24.08 -56.47 2.41
C GLY A 175 -22.57 -56.55 2.45
N PHE A 176 -21.91 -55.40 2.53
CA PHE A 176 -20.46 -55.34 2.64
C PHE A 176 -20.03 -55.41 4.09
N GLU A 177 -18.75 -55.74 4.29
CA GLU A 177 -18.17 -55.84 5.62
C GLU A 177 -17.42 -54.55 5.94
N ARG A 178 -17.85 -53.85 6.99
CA ARG A 178 -17.18 -52.62 7.38
C ARG A 178 -15.82 -52.94 7.99
N GLY A 179 -14.82 -52.15 7.64
CA GLY A 179 -13.47 -52.36 8.15
C GLY A 179 -12.39 -52.00 7.16
N LEU A 180 -11.34 -51.34 7.65
CA LEU A 180 -10.27 -50.89 6.77
C LEU A 180 -9.55 -52.06 6.11
N ASN A 181 -9.25 -53.11 6.87
CA ASN A 181 -8.54 -54.26 6.28
C ASN A 181 -9.37 -54.93 5.20
N HIS A 182 -10.68 -55.09 5.45
CA HIS A 182 -11.55 -55.64 4.42
C HIS A 182 -11.65 -54.71 3.22
N PHE A 183 -11.68 -53.41 3.47
CA PHE A 183 -11.79 -52.44 2.37
C PHE A 183 -10.59 -52.51 1.44
N ILE A 184 -9.38 -52.63 2.01
CA ILE A 184 -8.18 -52.71 1.18
C ILE A 184 -8.11 -54.03 0.45
N ASP A 185 -8.41 -55.14 1.14
CA ASP A 185 -8.31 -56.46 0.53
C ASP A 185 -9.29 -56.61 -0.63
N ASN A 186 -10.52 -56.16 -0.45
CA ASN A 186 -11.54 -56.23 -1.50
C ASN A 186 -11.85 -54.79 -1.93
N PHE A 187 -11.04 -54.30 -2.87
CA PHE A 187 -11.23 -52.95 -3.40
C PHE A 187 -11.80 -52.94 -4.81
N ASN A 188 -11.41 -53.89 -5.65
CA ASN A 188 -11.97 -53.95 -7.00
C ASN A 188 -13.47 -54.21 -6.96
N GLU A 189 -13.92 -55.10 -6.07
CA GLU A 189 -15.35 -55.37 -5.97
C GLU A 189 -16.11 -54.16 -5.44
N ILE A 190 -15.60 -53.52 -4.38
CA ILE A 190 -16.27 -52.36 -3.81
C ILE A 190 -16.27 -51.22 -4.81
N PHE A 191 -15.13 -50.98 -5.47
CA PHE A 191 -15.05 -49.90 -6.44
C PHE A 191 -15.98 -50.13 -7.61
N GLN A 192 -16.07 -51.36 -8.09
CA GLN A 192 -16.99 -51.68 -9.18
C GLN A 192 -18.43 -51.44 -8.77
N PHE A 193 -18.79 -51.83 -7.54
CA PHE A 193 -20.15 -51.63 -7.07
C PHE A 193 -20.49 -50.14 -6.98
N LEU A 194 -19.54 -49.31 -6.55
CA LEU A 194 -19.78 -47.88 -6.47
C LEU A 194 -20.10 -47.30 -7.83
N LEU A 195 -19.47 -47.83 -8.89
CA LEU A 195 -19.79 -47.38 -10.24
C LEU A 195 -21.16 -47.86 -10.66
N ASP A 196 -21.47 -49.14 -10.44
CA ASP A 196 -22.74 -49.70 -10.86
C ASP A 196 -23.91 -49.06 -10.13
N ALA A 197 -23.77 -48.86 -8.83
CA ALA A 197 -24.85 -48.26 -8.04
C ALA A 197 -24.96 -46.77 -8.23
N ASN A 198 -24.21 -46.20 -9.19
CA ASN A 198 -24.25 -44.78 -9.49
C ASN A 198 -23.87 -43.93 -8.29
N ILE A 199 -23.02 -44.47 -7.41
CA ILE A 199 -22.48 -43.66 -6.32
C ILE A 199 -21.52 -42.62 -6.85
N ILE A 200 -20.67 -43.00 -7.80
CA ILE A 200 -19.76 -42.08 -8.47
C ILE A 200 -20.44 -41.71 -9.79
N SER A 201 -21.27 -40.67 -9.74
CA SER A 201 -22.08 -40.28 -10.90
C SER A 201 -21.39 -39.21 -11.73
N ASN A 202 -20.13 -39.45 -12.11
CA ASN A 202 -19.40 -38.56 -13.01
C ASN A 202 -18.07 -39.18 -13.41
N ASN A 203 -17.69 -39.02 -14.68
CA ASN A 203 -16.41 -39.49 -15.20
C ASN A 203 -16.18 -40.96 -14.86
N LYS A 204 -17.22 -41.77 -15.05
CA LYS A 204 -17.14 -43.18 -14.71
C LYS A 204 -16.06 -43.89 -15.52
N SER A 205 -15.99 -43.62 -16.82
CA SER A 205 -14.99 -44.27 -17.65
C SER A 205 -13.58 -43.80 -17.31
N GLU A 206 -13.40 -42.48 -17.12
CA GLU A 206 -12.08 -41.96 -16.78
C GLU A 206 -11.62 -42.47 -15.43
N PHE A 207 -12.51 -42.46 -14.44
CA PHE A 207 -12.14 -42.91 -13.10
C PHE A 207 -11.77 -44.38 -13.09
N ALA A 208 -12.49 -45.21 -13.84
CA ALA A 208 -12.15 -46.63 -13.92
C ALA A 208 -10.77 -46.82 -14.55
N GLN A 209 -10.46 -46.07 -15.60
CA GLN A 209 -9.16 -46.18 -16.24
C GLN A 209 -8.04 -45.75 -15.29
N PHE A 210 -8.28 -44.70 -14.51
CA PHE A 210 -7.25 -44.21 -13.59
C PHE A 210 -6.91 -45.27 -12.55
N VAL A 211 -7.93 -45.87 -11.93
CA VAL A 211 -7.69 -46.91 -10.94
C VAL A 211 -7.08 -48.15 -11.55
N ALA A 212 -7.54 -48.58 -12.73
CA ALA A 212 -7.05 -49.80 -13.34
C ALA A 212 -5.59 -49.72 -13.75
N GLN A 213 -5.05 -48.52 -13.92
CA GLN A 213 -3.66 -48.37 -14.33
C GLN A 213 -2.72 -48.03 -13.18
N ASN A 214 -3.22 -47.39 -12.13
CA ASN A 214 -2.40 -46.95 -11.01
C ASN A 214 -2.66 -47.76 -9.74
N LYS A 215 -3.31 -48.92 -9.86
CA LYS A 215 -3.65 -49.70 -8.69
C LYS A 215 -2.43 -50.22 -7.94
N ASP A 216 -1.28 -50.30 -8.59
CA ASP A 216 -0.06 -50.76 -7.94
C ASP A 216 0.61 -49.70 -7.09
N LYS A 217 0.13 -48.46 -7.14
CA LYS A 217 0.75 -47.36 -6.39
C LYS A 217 -0.27 -46.59 -5.57
N LEU A 218 -1.32 -47.27 -5.11
CA LEU A 218 -2.37 -46.62 -4.34
C LEU A 218 -2.45 -47.09 -2.90
N PHE A 219 -1.71 -48.12 -2.51
CA PHE A 219 -1.73 -48.65 -1.13
C PHE A 219 -0.29 -48.77 -0.64
N PRO A 220 0.31 -47.68 -0.22
CA PRO A 220 1.70 -47.73 0.26
C PRO A 220 1.77 -48.28 1.68
N LYS A 221 2.98 -48.67 2.06
CA LYS A 221 3.25 -49.07 3.44
C LYS A 221 3.80 -47.94 4.29
N TYR A 222 4.36 -46.90 3.67
CA TYR A 222 4.86 -45.74 4.38
C TYR A 222 4.33 -44.48 3.73
N LEU A 223 4.12 -43.45 4.54
CA LEU A 223 3.71 -42.14 4.06
C LEU A 223 4.68 -41.10 4.59
N PRO A 224 5.10 -40.14 3.78
CA PRO A 224 6.04 -39.12 4.27
C PRO A 224 5.35 -37.93 4.91
N VAL A 225 5.79 -37.56 6.09
CA VAL A 225 5.32 -36.31 6.70
C VAL A 225 5.97 -35.13 5.99
N PRO A 226 5.24 -34.05 5.72
CA PRO A 226 5.83 -32.90 5.01
C PRO A 226 7.05 -32.36 5.72
N SER A 227 7.79 -31.53 4.99
CA SER A 227 9.08 -31.05 5.46
C SER A 227 8.93 -30.14 6.67
N LYS A 228 10.02 -30.04 7.43
CA LYS A 228 10.06 -29.19 8.61
C LYS A 228 9.79 -27.74 8.28
N LEU A 229 10.15 -27.30 7.08
CA LEU A 229 9.96 -25.90 6.68
C LEU A 229 8.50 -25.54 6.49
N CYS A 230 7.63 -26.51 6.20
CA CYS A 230 6.22 -26.21 5.97
C CYS A 230 5.55 -25.70 7.24
N PHE A 231 5.89 -26.30 8.39
CA PHE A 231 5.27 -25.96 9.66
C PHE A 231 6.21 -25.04 10.42
N VAL A 232 5.83 -23.77 10.55
CA VAL A 232 6.66 -22.76 11.18
C VAL A 232 5.93 -22.24 12.41
N ALA A 233 6.60 -22.31 13.55
CA ALA A 233 6.07 -21.82 14.82
C ALA A 233 6.88 -20.62 15.27
N GLU A 234 6.20 -19.50 15.52
CA GLU A 234 6.84 -18.27 15.93
C GLU A 234 6.35 -17.90 17.32
N SER A 235 7.23 -17.95 18.30
CA SER A 235 6.89 -17.62 19.68
C SER A 235 7.33 -16.19 19.98
N THR A 236 6.38 -15.37 20.44
CA THR A 236 6.66 -13.97 20.72
C THR A 236 6.26 -13.61 22.13
N THR A 237 6.30 -12.32 22.47
CA THR A 237 5.90 -11.87 23.79
C THR A 237 4.39 -12.01 24.02
N SER A 238 3.62 -12.26 22.96
CA SER A 238 2.17 -12.38 23.07
C SER A 238 1.69 -13.73 22.57
N GLY A 239 2.48 -14.78 22.75
CA GLY A 239 2.08 -16.13 22.42
C GLY A 239 2.77 -16.65 21.18
N THR A 240 2.46 -17.90 20.85
CA THR A 240 3.00 -18.58 19.68
C THR A 240 1.98 -18.53 18.55
N TYR A 241 2.46 -18.18 17.35
CA TYR A 241 1.60 -18.01 16.19
C TYR A 241 1.81 -19.18 15.23
N LEU A 242 0.71 -19.73 14.73
CA LEU A 242 0.74 -20.87 13.81
C LEU A 242 -0.20 -20.59 12.65
N ASP A 243 0.00 -21.34 11.57
CA ASP A 243 -0.86 -21.24 10.39
C ASP A 243 -2.00 -22.22 10.52
N LYS A 244 -3.23 -21.71 10.43
CA LYS A 244 -4.41 -22.55 10.64
C LYS A 244 -4.50 -23.72 9.67
N PRO A 245 -4.24 -23.59 8.36
CA PRO A 245 -4.35 -24.76 7.47
C PRO A 245 -3.41 -25.89 7.83
N ILE A 246 -2.43 -25.65 8.70
CA ILE A 246 -1.49 -26.68 9.11
C ILE A 246 -2.13 -27.65 10.09
N GLU A 247 -3.26 -27.25 10.69
CA GLU A 247 -3.89 -27.99 11.79
C GLU A 247 -4.09 -29.47 11.48
N ALA A 248 -4.61 -29.78 10.29
CA ALA A 248 -4.93 -31.16 9.96
C ALA A 248 -3.67 -32.02 9.91
N ALA A 249 -2.55 -31.44 9.44
CA ALA A 249 -1.31 -32.18 9.38
C ALA A 249 -0.81 -32.55 10.77
N ILE A 250 -0.91 -31.62 11.73
CA ILE A 250 -0.51 -31.91 13.10
C ILE A 250 -1.38 -33.01 13.69
N ASP A 251 -2.70 -32.89 13.48
CA ASP A 251 -3.63 -33.86 14.04
C ASP A 251 -3.40 -35.25 13.46
N ALA A 252 -3.14 -35.32 12.15
CA ALA A 252 -2.91 -36.62 11.51
C ALA A 252 -1.65 -37.28 12.05
N THR A 253 -0.58 -36.51 12.22
CA THR A 253 0.67 -37.07 12.70
C THR A 253 0.54 -37.53 14.15
N LEU A 254 -0.10 -36.73 14.99
CA LEU A 254 -0.27 -37.11 16.39
C LEU A 254 -1.16 -38.34 16.53
N THR A 255 -2.13 -38.50 15.65
CA THR A 255 -3.05 -39.62 15.72
C THR A 255 -2.30 -40.95 15.58
N PHE A 256 -1.38 -41.02 14.62
CA PHE A 256 -0.61 -42.24 14.45
C PHE A 256 0.33 -42.49 15.61
N ALA A 257 0.83 -41.41 16.23
CA ALA A 257 1.70 -41.56 17.38
C ALA A 257 0.96 -42.15 18.57
N SER A 258 -0.32 -41.80 18.73
CA SER A 258 -1.07 -42.23 19.91
C SER A 258 -1.40 -43.72 19.86
N ILE A 259 -1.20 -44.37 18.72
CA ILE A 259 -1.57 -45.78 18.60
C ILE A 259 -0.71 -46.63 19.52
N ASP A 260 0.60 -46.42 19.52
CA ASP A 260 1.51 -47.16 20.39
C ASP A 260 1.69 -46.52 21.76
N ALA A 261 1.18 -45.31 21.95
CA ALA A 261 1.29 -44.62 23.23
C ALA A 261 0.11 -44.88 24.15
N SER A 262 -0.89 -45.64 23.70
CA SER A 262 -2.04 -45.94 24.53
C SER A 262 -1.63 -46.85 25.69
N SER A 263 -2.16 -46.55 26.88
CA SER A 263 -1.85 -47.37 28.04
C SER A 263 -2.35 -48.80 27.86
N VAL A 264 -3.58 -48.96 27.39
CA VAL A 264 -4.14 -50.27 27.08
C VAL A 264 -3.94 -50.52 25.59
N PRO A 265 -3.27 -51.61 25.21
CA PRO A 265 -3.08 -51.89 23.78
C PRO A 265 -4.41 -51.98 23.05
N LEU A 266 -4.46 -51.40 21.86
CA LEU A 266 -5.70 -51.30 21.11
C LEU A 266 -6.02 -52.62 20.42
N SER A 267 -7.30 -52.97 20.39
CA SER A 267 -7.75 -54.14 19.65
C SER A 267 -7.60 -53.88 18.16
N PRO A 268 -7.50 -54.95 17.35
CA PRO A 268 -7.31 -54.75 15.91
C PRO A 268 -8.38 -53.89 15.27
N ILE A 269 -9.63 -53.98 15.72
CA ILE A 269 -10.68 -53.12 15.19
C ILE A 269 -10.41 -51.66 15.54
N LYS A 270 -10.02 -51.40 16.79
CA LYS A 270 -9.75 -50.03 17.21
C LYS A 270 -8.50 -49.48 16.54
N ALA A 271 -7.53 -50.36 16.23
CA ALA A 271 -6.35 -49.91 15.51
C ALA A 271 -6.69 -49.43 14.11
N GLN A 272 -7.56 -50.18 13.41
CA GLN A 272 -7.97 -49.77 12.07
C GLN A 272 -8.78 -48.49 12.10
N ASN A 273 -9.69 -48.35 13.07
CA ASN A 273 -10.54 -47.17 13.14
C ASN A 273 -9.70 -45.92 13.37
N ARG A 274 -8.68 -46.00 14.23
CA ARG A 274 -7.81 -44.86 14.45
C ARG A 274 -6.93 -44.60 13.24
N THR A 275 -6.47 -45.65 12.57
CA THR A 275 -5.66 -45.48 11.37
C THR A 275 -6.43 -44.76 10.28
N MET A 276 -7.68 -45.15 10.06
CA MET A 276 -8.49 -44.49 9.04
C MET A 276 -8.74 -43.03 9.39
N ARG A 277 -8.97 -42.73 10.67
CA ARG A 277 -9.15 -41.35 11.08
C ARG A 277 -7.91 -40.52 10.79
N GLY A 278 -6.72 -41.09 10.99
CA GLY A 278 -5.50 -40.40 10.64
C GLY A 278 -5.37 -40.18 9.14
N LEU A 279 -5.68 -41.20 8.35
CA LEU A 279 -5.60 -41.06 6.89
C LEU A 279 -6.60 -40.03 6.38
N ARG A 280 -7.82 -40.02 6.93
CA ARG A 280 -8.79 -39.02 6.53
C ARG A 280 -8.31 -37.62 6.88
N LEU A 281 -7.48 -37.50 7.91
CA LEU A 281 -6.95 -36.19 8.28
C LEU A 281 -5.86 -35.74 7.31
N TYR A 282 -5.05 -36.68 6.83
CA TYR A 282 -4.04 -36.33 5.83
C TYR A 282 -4.69 -35.84 4.55
N GLY A 283 -5.73 -36.54 4.09
CA GLY A 283 -6.42 -36.10 2.89
C GLY A 283 -7.02 -34.72 3.04
N GLN A 284 -7.55 -34.41 4.21
CA GLN A 284 -8.09 -33.08 4.45
C GLN A 284 -7.01 -32.02 4.37
N PHE A 285 -5.82 -32.31 4.89
CA PHE A 285 -4.76 -31.31 4.93
C PHE A 285 -4.30 -30.95 3.53
N TYR A 286 -3.99 -31.94 2.70
CA TYR A 286 -3.45 -31.68 1.38
C TYR A 286 -4.43 -30.92 0.51
N GLU A 287 -5.72 -31.29 0.59
CA GLU A 287 -6.73 -30.57 -0.18
C GLU A 287 -6.87 -29.13 0.30
N ILE A 288 -6.91 -28.92 1.61
CA ILE A 288 -7.06 -27.57 2.13
C ILE A 288 -5.81 -26.74 1.89
N TYR A 289 -4.63 -27.35 2.04
CA TYR A 289 -3.40 -26.61 1.82
C TYR A 289 -3.26 -26.20 0.36
N ALA A 290 -3.56 -27.10 -0.56
CA ALA A 290 -3.52 -26.75 -1.98
C ALA A 290 -4.57 -25.68 -2.30
N LYS A 291 -5.74 -25.76 -1.69
CA LYS A 291 -6.81 -24.81 -1.95
C LYS A 291 -6.53 -23.44 -1.35
N SER A 292 -5.86 -23.39 -0.21
CA SER A 292 -5.71 -22.14 0.54
C SER A 292 -4.33 -21.53 0.43
N ARG A 293 -3.28 -22.32 0.21
CA ARG A 293 -1.92 -21.82 0.24
C ARG A 293 -1.19 -21.94 -1.08
N ILE A 294 -1.44 -22.99 -1.86
CA ILE A 294 -0.84 -23.09 -3.18
C ILE A 294 -1.65 -22.34 -4.23
N ALA A 295 -2.98 -22.37 -4.15
CA ALA A 295 -3.86 -21.87 -5.19
C ALA A 295 -4.67 -20.69 -4.66
N GLN A 296 -4.10 -19.49 -4.76
CA GLN A 296 -4.81 -18.25 -4.50
C GLN A 296 -3.97 -17.12 -5.05
N LYS A 297 -4.50 -15.89 -4.96
CA LYS A 297 -3.75 -14.75 -5.48
C LYS A 297 -2.41 -14.56 -4.79
N PRO A 298 -2.31 -14.50 -3.43
CA PRO A 298 -1.00 -14.51 -2.77
C PRO A 298 -0.51 -15.93 -2.47
N GLY A 299 -0.63 -16.83 -3.45
CA GLY A 299 -0.29 -18.22 -3.24
C GLY A 299 1.14 -18.53 -3.68
N LEU A 300 1.52 -19.80 -3.50
CA LEU A 300 2.84 -20.23 -3.90
C LEU A 300 3.01 -20.15 -5.41
N ALA A 301 2.01 -20.60 -6.16
CA ALA A 301 2.15 -20.68 -7.62
C ALA A 301 2.16 -19.30 -8.26
N ARG A 302 1.20 -18.44 -7.90
CA ARG A 302 1.03 -17.18 -8.60
C ARG A 302 1.90 -16.06 -8.06
N ARG A 303 2.58 -16.26 -6.93
CA ARG A 303 3.42 -15.23 -6.35
C ARG A 303 4.91 -15.54 -6.40
N HIS A 304 5.28 -16.81 -6.50
CA HIS A 304 6.69 -17.17 -6.43
C HIS A 304 7.12 -18.05 -7.60
N MET A 305 6.22 -18.88 -8.10
CA MET A 305 6.56 -19.68 -9.27
C MET A 305 6.50 -18.85 -10.55
N PHE A 306 5.52 -17.97 -10.67
CA PHE A 306 5.38 -17.09 -11.82
C PHE A 306 5.70 -15.63 -11.50
N GLY A 307 6.47 -15.41 -10.44
CA GLY A 307 6.87 -14.07 -10.07
C GLY A 307 7.97 -14.12 -9.03
N ALA A 308 8.63 -12.99 -8.83
CA ALA A 308 9.73 -12.94 -7.87
C ALA A 308 10.07 -11.49 -7.55
N ARG A 309 10.74 -11.33 -6.41
CA ARG A 309 11.38 -10.07 -6.03
C ARG A 309 12.86 -10.22 -6.38
N LEU A 310 13.30 -9.52 -7.41
CA LEU A 310 14.63 -9.77 -7.96
C LEU A 310 15.70 -8.94 -7.24
N ASN A 311 16.92 -9.45 -7.30
CA ASN A 311 18.10 -8.72 -6.86
C ASN A 311 18.56 -7.79 -7.98
N ALA A 312 19.36 -6.79 -7.58
CA ALA A 312 19.91 -5.80 -8.50
C ALA A 312 18.78 -5.04 -9.22
N THR A 313 17.92 -4.42 -8.42
CA THR A 313 16.79 -3.66 -8.92
C THR A 313 16.71 -2.33 -8.21
N ALA A 314 15.97 -1.39 -8.83
CA ALA A 314 15.77 -0.07 -8.26
C ALA A 314 14.35 0.37 -8.54
N ARG A 315 13.92 1.40 -7.82
CA ARG A 315 12.56 1.92 -7.96
C ARG A 315 12.58 3.40 -7.59
N ALA A 316 12.14 4.25 -8.51
CA ALA A 316 12.14 5.69 -8.28
C ALA A 316 11.15 6.34 -9.24
N VAL A 317 10.85 7.61 -8.97
CA VAL A 317 10.01 8.42 -9.84
C VAL A 317 10.82 8.77 -11.09
N ILE A 318 10.16 9.29 -12.12
CA ILE A 318 10.79 9.56 -13.38
C ILE A 318 10.63 11.02 -13.77
N THR A 319 11.60 11.51 -14.55
CA THR A 319 11.52 12.82 -15.18
C THR A 319 11.86 12.68 -16.65
N SER A 320 12.02 13.80 -17.36
CA SER A 320 12.20 13.76 -18.81
C SER A 320 13.62 14.17 -19.20
N ILE A 321 14.08 13.61 -20.32
CA ILE A 321 15.27 14.08 -20.99
C ILE A 321 14.83 14.90 -22.20
N SER A 322 14.79 16.22 -22.04
CA SER A 322 14.30 17.09 -23.10
C SER A 322 15.42 17.67 -23.96
N ASP A 323 16.67 17.62 -23.49
CA ASP A 323 17.79 18.06 -24.28
C ASP A 323 18.05 17.08 -25.42
N PRO A 324 18.79 17.49 -26.44
CA PRO A 324 19.15 16.55 -27.52
C PRO A 324 19.80 15.30 -26.96
N HIS A 325 19.30 14.15 -27.41
CA HIS A 325 19.63 12.88 -26.76
C HIS A 325 19.30 11.74 -27.72
N ASP A 326 19.71 10.54 -27.32
CA ASP A 326 19.30 9.32 -28.01
C ASP A 326 18.09 8.74 -27.29
N TYR A 327 17.14 8.22 -28.07
CA TYR A 327 15.85 7.83 -27.51
C TYR A 327 15.94 6.65 -26.55
N ASP A 328 17.00 5.84 -26.63
CA ASP A 328 17.11 4.64 -25.82
C ASP A 328 18.20 4.74 -24.75
N GLU A 329 18.38 5.91 -24.15
CA GLU A 329 19.35 6.09 -23.09
C GLU A 329 18.66 6.55 -21.82
N LEU A 330 19.28 6.23 -20.68
CA LEU A 330 18.68 6.45 -19.37
C LEU A 330 19.70 7.10 -18.44
N HIS A 331 19.22 7.98 -17.57
CA HIS A 331 20.03 8.63 -16.55
C HIS A 331 19.49 8.26 -15.18
N ILE A 332 20.36 7.73 -14.33
CA ILE A 332 19.95 7.30 -13.00
C ILE A 332 20.53 8.24 -11.96
N PRO A 333 19.87 8.45 -10.82
CA PRO A 333 20.39 9.37 -9.81
C PRO A 333 21.61 8.81 -9.11
N TRP A 334 22.30 9.71 -8.40
CA TRP A 334 23.55 9.36 -7.74
C TRP A 334 23.33 8.27 -6.68
N GLY A 335 22.32 8.43 -5.84
CA GLY A 335 22.09 7.47 -4.78
C GLY A 335 21.77 6.08 -5.29
N VAL A 336 20.97 6.00 -6.36
CA VAL A 336 20.64 4.71 -6.95
C VAL A 336 21.90 4.07 -7.54
N GLY A 337 22.75 4.88 -8.17
CA GLY A 337 23.95 4.33 -8.79
C GLY A 337 24.90 3.71 -7.78
N CYS A 338 25.08 4.36 -6.63
CA CYS A 338 26.01 3.86 -5.63
C CYS A 338 25.55 2.52 -5.06
N GLN A 339 24.27 2.41 -4.71
CA GLN A 339 23.76 1.18 -4.10
C GLN A 339 23.57 0.07 -5.12
N LEU A 340 23.08 0.39 -6.32
CA LEU A 340 22.89 -0.63 -7.34
C LEU A 340 24.23 -1.20 -7.81
N LEU A 341 25.17 -0.33 -8.14
CA LEU A 341 26.47 -0.77 -8.64
C LEU A 341 27.50 -0.87 -7.51
N LYS A 342 27.15 -1.58 -6.44
CA LYS A 342 28.05 -1.69 -5.31
C LYS A 342 29.24 -2.59 -5.63
N TYR A 343 28.98 -3.74 -6.25
CA TYR A 343 30.05 -4.69 -6.51
C TYR A 343 30.84 -4.34 -7.77
N HIS A 344 30.23 -3.59 -8.69
CA HIS A 344 31.00 -3.06 -9.81
C HIS A 344 32.02 -2.04 -9.33
N LEU A 345 31.62 -1.16 -8.41
CA LEU A 345 32.55 -0.17 -7.87
C LEU A 345 33.61 -0.82 -7.00
N THR A 346 33.22 -1.84 -6.23
CA THR A 346 34.18 -2.52 -5.36
C THR A 346 35.28 -3.18 -6.18
N ASN A 347 34.92 -3.75 -7.34
CA ASN A 347 35.92 -4.35 -8.21
C ASN A 347 36.92 -3.31 -8.68
N LYS A 348 36.44 -2.12 -9.05
CA LYS A 348 37.34 -1.09 -9.55
C LYS A 348 38.21 -0.53 -8.44
N LEU A 349 37.64 -0.32 -7.24
CA LEU A 349 38.39 0.27 -6.15
C LEU A 349 39.52 -0.64 -5.70
N LYS A 350 39.28 -1.95 -5.63
CA LYS A 350 40.32 -2.87 -5.21
C LYS A 350 41.48 -2.88 -6.20
N ALA A 351 41.18 -2.84 -7.50
CA ALA A 351 42.23 -2.95 -8.50
C ALA A 351 43.00 -1.65 -8.65
N LYS A 352 42.28 -0.54 -8.82
CA LYS A 352 42.94 0.72 -9.13
C LYS A 352 43.64 1.31 -7.90
N PHE A 353 42.98 1.28 -6.75
CA PHE A 353 43.46 1.99 -5.57
C PHE A 353 43.98 1.06 -4.49
N ASN A 354 44.08 -0.24 -4.76
CA ASN A 354 44.64 -1.21 -3.82
C ASN A 354 43.92 -1.18 -2.48
N MET A 355 42.60 -1.03 -2.52
CA MET A 355 41.79 -1.08 -1.31
C MET A 355 41.47 -2.52 -0.94
N THR A 356 41.30 -2.77 0.35
CA THR A 356 40.75 -4.04 0.79
C THR A 356 39.24 -4.04 0.61
N THR A 357 38.65 -5.25 0.71
CA THR A 357 37.21 -5.35 0.56
C THR A 357 36.48 -4.55 1.63
N ARG A 358 36.97 -4.60 2.87
CA ARG A 358 36.36 -3.83 3.94
C ARG A 358 36.45 -2.34 3.67
N GLU A 359 37.61 -1.88 3.18
CA GLU A 359 37.75 -0.46 2.87
C GLU A 359 36.87 -0.05 1.70
N ALA A 360 36.78 -0.90 0.67
CA ALA A 360 35.95 -0.58 -0.48
C ALA A 360 34.48 -0.48 -0.10
N PHE A 361 33.99 -1.44 0.67
CA PHE A 361 32.60 -1.40 1.12
C PHE A 361 32.35 -0.15 1.96
N SER A 362 33.28 0.18 2.86
CA SER A 362 33.14 1.38 3.67
C SER A 362 33.16 2.64 2.80
N PHE A 363 34.02 2.66 1.78
CA PHE A 363 34.11 3.83 0.91
C PHE A 363 32.83 4.06 0.15
N VAL A 364 32.23 2.99 -0.38
CA VAL A 364 31.03 3.12 -1.20
C VAL A 364 29.86 3.61 -0.35
N TYR A 365 29.63 2.96 0.79
CA TYR A 365 28.51 3.33 1.65
C TYR A 365 28.67 4.72 2.22
N GLU A 366 29.91 5.15 2.45
CA GLU A 366 30.14 6.49 2.98
C GLU A 366 29.69 7.57 2.02
N ASN A 367 29.83 7.33 0.72
CA ASN A 367 29.61 8.35 -0.30
C ASN A 367 28.27 8.21 -1.00
N VAL A 368 27.33 7.46 -0.44
CA VAL A 368 26.00 7.37 -1.04
C VAL A 368 25.29 8.71 -0.98
N LEU A 369 25.43 9.42 0.13
CA LEU A 369 24.70 10.67 0.36
C LEU A 369 25.53 11.91 0.11
N GLN A 370 26.72 11.77 -0.49
CA GLN A 370 27.54 12.92 -0.81
C GLN A 370 28.30 12.66 -2.09
N TYR A 371 28.59 13.73 -2.82
CA TYR A 371 29.32 13.61 -4.08
C TYR A 371 30.79 13.33 -3.82
N ASN A 372 31.38 12.46 -4.64
CA ASN A 372 32.79 12.12 -4.56
C ASN A 372 33.37 12.06 -5.96
N GLN A 373 34.47 12.76 -6.17
CA GLN A 373 35.06 12.81 -7.51
C GLN A 373 35.57 11.46 -7.95
N ILE A 374 36.17 10.69 -7.04
CA ILE A 374 36.70 9.38 -7.40
C ILE A 374 35.58 8.45 -7.85
N ILE A 375 34.47 8.47 -7.13
CA ILE A 375 33.33 7.63 -7.51
C ILE A 375 32.78 8.05 -8.88
N ALA A 376 32.72 9.36 -9.13
CA ALA A 376 32.19 9.85 -10.39
C ALA A 376 33.04 9.39 -11.57
N ASP A 377 34.36 9.40 -11.41
CA ASP A 377 35.24 8.92 -12.47
C ASP A 377 35.01 7.43 -12.73
N LEU A 378 34.81 6.65 -11.67
CA LEU A 378 34.57 5.22 -11.84
C LEU A 378 33.25 4.96 -12.57
N PHE A 379 32.24 5.80 -12.32
CA PHE A 379 30.95 5.61 -12.98
C PHE A 379 31.09 5.75 -14.49
N LYS A 380 31.83 6.76 -14.95
CA LYS A 380 32.04 6.94 -16.38
C LYS A 380 32.86 5.80 -16.96
N GLU A 381 33.84 5.32 -16.22
CA GLU A 381 34.67 4.23 -16.71
C GLU A 381 33.84 2.95 -16.85
N LEU A 382 32.91 2.72 -15.93
CA LEU A 382 32.02 1.57 -16.05
C LEU A 382 31.12 1.69 -17.28
N ILE A 383 30.59 2.89 -17.53
CA ILE A 383 29.72 3.10 -18.68
C ILE A 383 30.51 2.99 -19.97
N ALA A 384 31.70 3.60 -20.01
CA ALA A 384 32.52 3.54 -21.21
C ALA A 384 33.04 2.14 -21.51
N GLU A 385 33.11 1.27 -20.51
CA GLU A 385 33.61 -0.08 -20.70
C GLU A 385 32.54 -1.05 -21.17
N ALA A 386 31.29 -0.60 -21.30
CA ALA A 386 30.22 -1.44 -21.80
C ALA A 386 30.19 -1.51 -23.33
N ALA A 387 31.26 -1.08 -24.00
CA ALA A 387 31.29 -1.09 -25.45
C ALA A 387 31.17 -2.53 -25.96
N PRO A 388 30.58 -2.75 -27.14
CA PRO A 388 30.10 -1.76 -28.12
C PRO A 388 28.72 -1.20 -27.80
N TYR A 389 28.12 -1.59 -26.69
CA TYR A 389 26.85 -1.01 -26.29
C TYR A 389 27.06 0.41 -25.78
N LYS A 390 26.01 1.22 -25.88
CA LYS A 390 26.11 2.61 -25.43
C LYS A 390 26.30 2.71 -23.93
N GLY A 391 25.72 1.78 -23.19
CA GLY A 391 25.85 1.79 -21.75
C GLY A 391 25.51 0.44 -21.17
N MET A 392 25.09 0.45 -19.90
CA MET A 392 24.74 -0.77 -19.21
C MET A 392 23.27 -1.09 -19.46
N GLY A 393 23.01 -2.32 -19.92
CA GLY A 393 21.66 -2.69 -20.28
C GLY A 393 20.76 -2.83 -19.06
N CYS A 394 19.50 -2.44 -19.23
CA CYS A 394 18.51 -2.52 -18.17
C CYS A 394 17.13 -2.55 -18.80
N THR A 395 16.13 -2.92 -17.99
CA THR A 395 14.74 -2.92 -18.42
C THR A 395 13.93 -2.04 -17.48
N PHE A 396 13.04 -1.25 -18.06
CA PHE A 396 12.17 -0.34 -17.33
C PHE A 396 10.73 -0.82 -17.45
N HIS A 397 10.06 -1.00 -16.32
CA HIS A 397 8.70 -1.53 -16.29
C HIS A 397 7.73 -0.49 -15.77
N ARG A 398 6.56 -0.41 -16.41
CA ARG A 398 5.49 0.46 -15.98
C ARG A 398 4.26 -0.39 -15.69
N ASN A 399 3.60 -0.11 -14.57
CA ASN A 399 2.45 -0.91 -14.19
C ASN A 399 1.15 -0.11 -14.34
N PRO A 400 0.05 -0.76 -14.74
CA PRO A 400 -0.09 -2.18 -15.07
C PRO A 400 0.48 -2.54 -16.43
N THR A 401 0.89 -3.79 -16.61
CA THR A 401 1.53 -4.25 -17.84
C THR A 401 0.48 -4.89 -18.74
N LEU A 402 0.12 -4.20 -19.82
CA LEU A 402 -0.82 -4.75 -20.80
C LEU A 402 -0.20 -4.92 -22.18
N GLN A 403 0.38 -3.86 -22.73
CA GLN A 403 0.86 -3.86 -24.11
C GLN A 403 2.38 -3.85 -24.16
N ARG A 404 2.91 -4.28 -25.29
CA ARG A 404 4.34 -4.14 -25.56
C ARG A 404 4.68 -2.66 -25.59
N GLY A 405 5.53 -2.23 -24.67
CA GLY A 405 5.79 -0.82 -24.50
C GLY A 405 5.77 -0.47 -23.03
N SER A 406 4.97 -1.21 -22.26
CA SER A 406 5.02 -1.09 -20.81
C SER A 406 6.30 -1.70 -20.25
N THR A 407 7.00 -2.51 -21.03
CA THR A 407 8.29 -3.08 -20.66
C THR A 407 9.26 -2.76 -21.79
N GLN A 408 10.29 -1.96 -21.49
CA GLN A 408 11.23 -1.50 -22.50
C GLN A 408 12.66 -1.72 -22.01
N GLN A 409 13.57 -1.87 -22.97
CA GLN A 409 14.99 -2.03 -22.66
C GLN A 409 15.72 -0.73 -23.00
N PHE A 410 16.47 -0.21 -22.02
CA PHE A 410 17.23 1.01 -22.18
C PHE A 410 18.69 0.75 -21.84
N PHE A 411 19.51 1.78 -21.98
CA PHE A 411 20.92 1.72 -21.63
C PHE A 411 21.25 2.86 -20.68
N ILE A 412 21.84 2.52 -19.54
CA ILE A 412 22.29 3.54 -18.59
C ILE A 412 23.55 4.17 -19.15
N THR A 413 23.50 5.47 -19.43
CA THR A 413 24.61 6.17 -20.04
C THR A 413 25.16 7.29 -19.17
N LYS A 414 24.55 7.58 -18.03
CA LYS A 414 24.97 8.71 -17.22
C LYS A 414 24.41 8.54 -15.81
N VAL A 415 25.25 8.86 -14.82
CA VAL A 415 24.84 8.94 -13.43
C VAL A 415 24.84 10.41 -13.04
N LYS A 416 23.69 10.91 -12.61
CA LYS A 416 23.54 12.33 -12.36
C LYS A 416 24.46 12.80 -11.23
N ASP A 417 25.06 13.96 -11.41
CA ASP A 417 26.03 14.50 -10.47
C ASP A 417 25.38 15.30 -9.34
N ASP A 418 24.09 15.58 -9.42
CA ASP A 418 23.39 16.29 -8.38
C ASP A 418 22.70 15.28 -7.47
N ILE A 419 23.03 15.34 -6.17
CA ILE A 419 22.49 14.34 -5.24
C ILE A 419 21.07 14.67 -4.82
N ASN A 420 20.59 15.89 -5.06
CA ASN A 420 19.24 16.26 -4.66
C ASN A 420 18.18 15.75 -5.63
N ASP A 421 18.57 15.26 -6.80
CA ASP A 421 17.63 14.72 -7.77
C ASP A 421 17.60 13.20 -7.61
N ASN A 422 16.45 12.67 -7.20
CA ASN A 422 16.28 11.25 -6.94
C ASN A 422 15.30 10.62 -7.94
N SER A 423 15.37 11.05 -9.19
CA SER A 423 14.49 10.55 -10.24
C SER A 423 15.32 9.99 -11.39
N ILE A 424 14.71 9.08 -12.14
CA ILE A 424 15.33 8.47 -13.31
C ILE A 424 14.84 9.24 -14.53
N SER A 425 15.75 9.91 -15.22
CA SER A 425 15.38 10.71 -16.38
C SER A 425 15.15 9.80 -17.58
N MET A 426 14.01 9.99 -18.24
CA MET A 426 13.58 9.14 -19.35
C MET A 426 13.45 9.98 -20.61
N SER A 427 13.67 9.34 -21.75
CA SER A 427 13.54 10.02 -23.04
C SER A 427 12.09 10.40 -23.30
N VAL A 428 11.89 11.60 -23.84
CA VAL A 428 10.55 12.09 -24.12
C VAL A 428 9.91 11.39 -25.31
N LEU A 429 10.68 10.63 -26.08
CA LEU A 429 10.15 9.91 -27.24
C LEU A 429 9.63 8.53 -26.89
N CYS A 430 9.76 8.10 -25.64
CA CYS A 430 9.32 6.78 -25.22
C CYS A 430 8.37 6.86 -24.03
N LEU A 431 7.57 7.92 -23.96
CA LEU A 431 6.58 8.09 -22.90
C LEU A 431 5.18 7.66 -23.30
N LYS A 432 4.85 7.73 -24.59
CA LYS A 432 3.51 7.39 -25.02
C LYS A 432 3.28 5.88 -24.99
N ALA A 433 4.29 5.09 -25.35
CA ALA A 433 4.12 3.64 -25.41
C ALA A 433 3.74 3.03 -24.07
N PRO A 434 4.41 3.35 -22.95
CA PRO A 434 3.95 2.83 -21.65
C PRO A 434 2.87 3.64 -20.98
N ASN A 435 2.41 4.71 -21.62
CA ASN A 435 1.42 5.63 -21.04
C ASN A 435 1.91 6.16 -19.70
N ALA A 436 3.18 6.55 -19.66
CA ALA A 436 3.82 6.99 -18.43
C ALA A 436 3.68 8.50 -18.29
N ASP A 437 3.44 8.95 -17.06
CA ASP A 437 3.36 10.35 -16.72
C ASP A 437 4.24 10.63 -15.51
N PHE A 438 4.38 11.91 -15.18
CA PHE A 438 5.28 12.33 -14.11
C PHE A 438 4.57 12.53 -12.78
N ASP A 439 3.28 12.23 -12.69
CA ASP A 439 2.51 12.46 -11.47
C ASP A 439 2.57 11.21 -10.59
N GLY A 440 3.60 11.14 -9.77
CA GLY A 440 3.71 10.06 -8.78
C GLY A 440 3.77 8.67 -9.37
N ASP A 441 4.46 8.50 -10.48
CA ASP A 441 4.61 7.20 -11.12
C ASP A 441 5.99 6.65 -10.78
N GLN A 442 6.03 5.65 -9.91
CA GLN A 442 7.27 4.98 -9.57
C GLN A 442 7.45 3.78 -10.50
N LEU A 443 8.52 3.79 -11.29
CA LEU A 443 8.78 2.70 -12.21
C LEU A 443 9.86 1.78 -11.64
N ASN A 444 9.92 0.56 -12.17
CA ASN A 444 10.83 -0.46 -11.68
C ASN A 444 11.95 -0.66 -12.68
N LEU A 445 13.19 -0.61 -12.19
CA LEU A 445 14.38 -0.78 -13.00
C LEU A 445 15.06 -2.09 -12.63
N THR A 446 15.50 -2.83 -13.63
CA THR A 446 16.18 -4.11 -13.43
C THR A 446 17.47 -4.11 -14.23
N LEU A 447 18.59 -4.31 -13.55
CA LEU A 447 19.89 -4.31 -14.20
C LEU A 447 20.19 -5.67 -14.80
N MET A 448 20.63 -5.66 -16.05
CA MET A 448 20.99 -6.91 -16.72
C MET A 448 22.39 -7.32 -16.30
N PRO A 449 22.59 -8.55 -15.80
CA PRO A 449 23.89 -8.91 -15.22
C PRO A 449 24.98 -9.20 -16.25
N ASP A 450 24.64 -9.61 -17.46
CA ASP A 450 25.67 -10.02 -18.42
C ASP A 450 25.23 -9.64 -19.82
N VAL A 451 26.05 -9.98 -20.81
CA VAL A 451 25.74 -9.69 -22.20
C VAL A 451 24.70 -10.65 -22.76
N TYR A 452 24.65 -11.89 -22.26
CA TYR A 452 23.69 -12.86 -22.75
C TYR A 452 22.26 -12.37 -22.56
N LEU A 453 21.96 -11.81 -21.39
CA LEU A 453 20.62 -11.29 -21.15
C LEU A 453 20.40 -9.96 -21.85
N THR A 454 21.48 -9.19 -22.09
CA THR A 454 21.34 -7.93 -22.79
C THR A 454 20.89 -8.16 -24.24
N LYS A 455 21.44 -9.19 -24.89
CA LYS A 455 20.97 -9.54 -26.22
C LYS A 455 19.55 -10.07 -26.18
N ALA A 456 19.22 -10.86 -25.15
CA ALA A 456 17.89 -11.44 -25.06
C ALA A 456 16.82 -10.36 -24.90
N THR A 457 17.09 -9.34 -24.09
CA THR A 457 16.10 -8.29 -23.86
C THR A 457 16.08 -7.26 -24.98
N GLU A 458 16.84 -7.46 -26.05
CA GLU A 458 16.71 -6.61 -27.23
C GLU A 458 15.33 -6.74 -27.87
N ARG A 459 14.63 -7.85 -27.59
CA ARG A 459 13.32 -8.07 -28.20
C ARG A 459 12.29 -7.05 -27.73
N ILE A 460 12.57 -6.34 -26.63
CA ILE A 460 11.64 -5.34 -26.13
C ILE A 460 12.29 -3.97 -26.22
N ALA A 461 13.20 -3.78 -27.18
CA ALA A 461 13.76 -2.47 -27.42
C ALA A 461 12.67 -1.53 -27.92
N PRO A 462 12.84 -0.21 -27.73
CA PRO A 462 11.77 0.73 -28.06
C PRO A 462 11.31 0.68 -29.51
N HIS A 463 12.19 0.28 -30.44
CA HIS A 463 11.79 0.23 -31.83
C HIS A 463 10.82 -0.91 -32.13
N THR A 464 10.61 -1.82 -31.18
CA THR A 464 9.77 -2.98 -31.44
C THR A 464 8.28 -2.69 -31.35
N TRP A 465 7.87 -1.53 -30.85
CA TRP A 465 6.47 -1.15 -30.82
C TRP A 465 6.14 -0.06 -31.83
N VAL A 466 7.05 0.24 -32.76
CA VAL A 466 6.83 1.33 -33.69
C VAL A 466 5.73 0.97 -34.69
N LEU A 467 5.83 -0.20 -35.30
CA LEU A 467 4.85 -0.61 -36.30
C LEU A 467 3.54 -0.99 -35.64
N SER A 468 2.43 -0.49 -36.19
CA SER A 468 1.13 -0.70 -35.59
C SER A 468 0.73 -2.17 -35.67
N ILE A 469 0.08 -2.65 -34.61
CA ILE A 469 -0.46 -4.00 -34.59
C ILE A 469 -1.95 -4.03 -34.84
N ASP A 470 -2.57 -2.89 -35.11
CA ASP A 470 -4.00 -2.81 -35.39
C ASP A 470 -4.33 -2.72 -36.87
N GLU A 471 -3.51 -2.00 -37.64
CA GLU A 471 -3.80 -1.76 -39.05
C GLU A 471 -2.54 -2.00 -39.87
N PRO A 472 -2.62 -2.76 -40.95
CA PRO A 472 -1.42 -3.06 -41.74
C PRO A 472 -0.84 -1.83 -42.42
N HIS A 473 0.48 -1.86 -42.60
CA HIS A 473 1.23 -0.79 -43.28
C HIS A 473 0.94 0.57 -42.66
N GLU A 474 1.09 0.64 -41.33
CA GLU A 474 0.84 1.88 -40.62
C GLU A 474 1.74 1.93 -39.39
N ILE A 475 2.07 3.13 -38.97
CA ILE A 475 2.93 3.37 -37.81
C ILE A 475 2.04 3.74 -36.64
N SER A 476 2.31 3.15 -35.48
CA SER A 476 1.49 3.37 -34.30
C SER A 476 1.51 4.84 -33.88
N GLY A 477 0.43 5.26 -33.24
CA GLY A 477 0.33 6.61 -32.74
C GLY A 477 1.26 6.93 -31.58
N ASN A 478 1.95 5.91 -31.05
CA ASN A 478 2.90 6.14 -29.97
C ASN A 478 4.09 6.97 -30.41
N LEU A 479 4.38 7.01 -31.72
CA LEU A 479 5.54 7.73 -32.22
C LEU A 479 5.29 9.22 -32.40
N GLU A 480 4.06 9.69 -32.25
CA GLU A 480 3.75 11.09 -32.49
C GLU A 480 4.41 11.99 -31.44
N LEU A 481 4.79 13.18 -31.88
CA LEU A 481 5.50 14.12 -31.02
C LEU A 481 4.56 14.66 -29.94
N GLN A 482 5.16 15.22 -28.90
CA GLN A 482 4.42 15.80 -27.79
C GLN A 482 3.84 17.15 -28.20
N GLY A 483 2.92 17.66 -27.39
CA GLY A 483 2.24 18.90 -27.67
C GLY A 483 3.13 20.12 -27.78
N PRO A 484 3.96 20.38 -26.76
CA PRO A 484 4.79 21.60 -26.80
C PRO A 484 5.71 21.69 -28.01
N VAL A 485 6.27 20.56 -28.46
CA VAL A 485 7.16 20.60 -29.61
C VAL A 485 6.39 20.90 -30.88
N VAL A 486 5.20 20.31 -31.03
CA VAL A 486 4.40 20.52 -32.24
C VAL A 486 3.99 21.98 -32.35
N GLU A 487 3.63 22.60 -31.23
CA GLU A 487 3.21 24.00 -31.27
C GLU A 487 4.33 24.90 -31.76
N THR A 488 5.57 24.59 -31.39
CA THR A 488 6.70 25.37 -31.88
C THR A 488 6.87 25.22 -33.39
N ILE A 489 6.70 24.00 -33.90
CA ILE A 489 6.91 23.75 -35.32
C ILE A 489 5.86 24.47 -36.17
N ILE A 490 4.59 24.37 -35.78
CA ILE A 490 3.53 24.99 -36.57
C ILE A 490 3.62 26.52 -36.46
N ASN A 491 4.14 27.02 -35.35
CA ASN A 491 4.39 28.46 -35.24
C ASN A 491 5.45 28.91 -36.24
N TRP A 492 6.27 27.98 -36.72
CA TRP A 492 7.34 28.31 -37.65
C TRP A 492 6.93 28.02 -39.08
N ALA A 493 6.35 26.83 -39.32
CA ALA A 493 6.08 26.40 -40.68
C ALA A 493 4.93 27.17 -41.32
N HIS A 494 3.88 27.47 -40.55
CA HIS A 494 2.68 28.08 -41.08
C HIS A 494 2.64 29.58 -40.87
N GLU A 495 3.76 30.20 -40.53
CA GLU A 495 3.81 31.65 -40.45
C GLU A 495 3.71 32.25 -41.84
N LYS A 496 3.03 33.40 -41.94
CA LYS A 496 2.88 34.11 -43.20
C LYS A 496 4.08 35.05 -43.39
N TYR A 497 5.23 34.44 -43.67
CA TYR A 497 6.49 35.16 -43.83
C TYR A 497 6.82 35.45 -45.28
N LEU A 498 6.00 35.02 -46.23
CA LEU A 498 6.25 35.23 -47.64
C LEU A 498 5.01 35.80 -48.32
N PRO A 499 5.18 36.56 -49.40
CA PRO A 499 4.03 37.02 -50.16
C PRO A 499 3.34 35.86 -50.86
N PRO A 500 2.09 36.02 -51.28
CA PRO A 500 1.42 34.96 -52.03
C PRO A 500 2.16 34.68 -53.32
N LEU A 501 2.06 33.42 -53.79
CA LEU A 501 2.83 32.97 -54.94
C LEU A 501 2.56 33.83 -56.17
N GLU A 502 1.34 34.31 -56.32
CA GLU A 502 1.03 35.18 -57.45
C GLU A 502 1.83 36.47 -57.40
N GLU A 503 1.95 37.07 -56.22
CA GLU A 503 2.77 38.26 -56.07
C GLU A 503 4.25 37.95 -56.22
N TRP A 504 4.67 36.76 -55.81
CA TRP A 504 6.08 36.38 -55.94
C TRP A 504 6.50 36.37 -57.41
N LEU A 505 5.65 35.86 -58.29
CA LEU A 505 5.93 35.89 -59.71
C LEU A 505 5.77 37.27 -60.32
N LYS A 506 5.20 38.22 -59.57
CA LYS A 506 4.97 39.58 -60.04
C LYS A 506 4.12 39.58 -61.31
N THR B 11 -9.07 -26.49 51.42
CA THR B 11 -10.36 -27.15 51.59
C THR B 11 -10.24 -28.65 51.32
N GLY B 12 -9.13 -29.06 50.72
CA GLY B 12 -8.89 -30.45 50.41
C GLY B 12 -8.25 -31.20 51.57
N PHE B 13 -7.93 -32.45 51.31
CA PHE B 13 -7.31 -33.32 52.31
C PHE B 13 -6.09 -34.02 51.69
N THR B 14 -5.09 -34.27 52.53
CA THR B 14 -3.85 -34.89 52.09
C THR B 14 -3.73 -36.35 52.51
N GLU B 15 -4.66 -36.86 53.31
CA GLU B 15 -4.61 -38.25 53.74
C GLU B 15 -6.01 -38.80 53.98
N THR B 28 -2.20 -41.74 51.55
CA THR B 28 -1.69 -40.51 50.95
C THR B 28 -2.55 -40.06 49.78
N THR B 29 -3.26 -38.94 49.96
CA THR B 29 -4.19 -38.42 48.96
C THR B 29 -3.86 -36.98 48.64
N THR B 30 -2.58 -36.71 48.36
CA THR B 30 -2.15 -35.35 48.05
C THR B 30 -2.79 -34.82 46.78
N ALA B 31 -3.19 -35.69 45.85
CA ALA B 31 -3.78 -35.24 44.60
C ALA B 31 -5.13 -34.57 44.79
N TYR B 32 -5.79 -34.78 45.93
CA TYR B 32 -7.10 -34.20 46.21
C TYR B 32 -7.00 -32.96 47.09
N SER B 33 -5.79 -32.45 47.32
CA SER B 33 -5.61 -31.35 48.27
C SER B 33 -6.23 -30.05 47.78
N LYS B 34 -6.50 -29.91 46.48
CA LYS B 34 -6.99 -28.67 45.92
C LYS B 34 -8.44 -28.77 45.44
N ILE B 35 -9.20 -29.73 45.96
CA ILE B 35 -10.61 -29.86 45.62
C ILE B 35 -11.41 -28.84 46.40
N ARG B 36 -12.67 -28.63 46.01
CA ARG B 36 -13.55 -27.72 46.74
C ARG B 36 -14.80 -28.43 47.22
N ARG B 151 -15.38 -44.13 44.93
CA ARG B 151 -15.17 -43.86 46.35
C ARG B 151 -14.33 -44.94 47.07
N PRO B 152 -14.64 -46.23 46.88
CA PRO B 152 -13.79 -47.25 47.52
C PRO B 152 -12.34 -47.22 47.09
N LEU B 153 -12.07 -46.82 45.85
CA LEU B 153 -10.73 -46.87 45.29
C LEU B 153 -9.95 -45.57 45.48
N VAL B 154 -10.52 -44.59 46.19
CA VAL B 154 -9.84 -43.30 46.35
C VAL B 154 -8.47 -43.44 46.99
N PRO B 155 -8.29 -44.16 48.10
CA PRO B 155 -6.93 -44.27 48.67
C PRO B 155 -5.94 -44.95 47.75
N ILE B 156 -6.36 -46.03 47.08
CA ILE B 156 -5.46 -46.74 46.18
C ILE B 156 -5.05 -45.85 45.02
N TRP B 157 -6.02 -45.15 44.42
CA TRP B 157 -5.72 -44.26 43.31
C TRP B 157 -4.81 -43.12 43.73
N GLY B 158 -5.07 -42.54 44.91
CA GLY B 158 -4.20 -41.48 45.40
C GLY B 158 -2.78 -41.94 45.65
N GLU B 159 -2.63 -43.12 46.25
CA GLU B 159 -1.30 -43.66 46.50
C GLU B 159 -0.57 -43.95 45.19
N PHE B 160 -1.28 -44.53 44.21
CA PHE B 160 -0.66 -44.80 42.93
C PHE B 160 -0.26 -43.52 42.21
N ILE B 161 -1.10 -42.49 42.28
CA ILE B 161 -0.78 -41.21 41.66
C ILE B 161 0.44 -40.58 42.30
N ASP B 162 0.51 -40.59 43.64
CA ASP B 162 1.64 -39.99 44.32
C ASP B 162 2.94 -40.72 43.99
N GLN B 163 2.90 -42.05 43.91
CA GLN B 163 4.08 -42.84 43.58
C GLN B 163 4.56 -42.53 42.16
N GLU B 168 4.39 -39.07 32.55
CA GLU B 168 4.63 -37.84 33.31
C GLU B 168 3.43 -36.90 33.24
N MET B 169 2.56 -37.13 32.27
CA MET B 169 1.37 -36.32 32.10
C MET B 169 0.18 -37.24 31.84
N HIS B 170 -1.00 -36.75 32.21
CA HIS B 170 -2.24 -37.50 32.09
C HIS B 170 -2.13 -38.87 32.75
N LYS B 171 -1.77 -38.85 34.03
CA LYS B 171 -1.66 -40.07 34.82
C LYS B 171 -3.00 -40.69 35.14
N GLU B 172 -4.10 -39.94 34.95
CA GLU B 172 -5.42 -40.49 35.23
C GLU B 172 -5.74 -41.65 34.29
N CYS B 173 -5.20 -41.62 33.07
CA CYS B 173 -5.44 -42.73 32.15
C CYS B 173 -4.87 -44.04 32.66
N GLU B 174 -3.66 -44.00 33.24
CA GLU B 174 -3.06 -45.22 33.76
C GLU B 174 -3.85 -45.76 34.95
N VAL B 175 -4.28 -44.89 35.86
CA VAL B 175 -5.02 -45.37 37.02
C VAL B 175 -6.39 -45.87 36.61
N ILE B 176 -6.99 -45.29 35.56
CA ILE B 176 -8.24 -45.82 35.02
C ILE B 176 -8.00 -47.18 34.39
N SER B 177 -6.83 -47.37 33.77
CA SER B 177 -6.52 -48.63 33.10
C SER B 177 -6.46 -49.81 34.07
N LEU B 178 -6.38 -49.55 35.37
CA LEU B 178 -6.41 -50.64 36.34
C LEU B 178 -7.72 -51.41 36.27
N ILE B 179 -8.83 -50.69 36.15
CA ILE B 179 -10.15 -51.31 36.09
C ILE B 179 -10.68 -51.27 34.66
N THR B 201 -24.32 -49.15 28.64
CA THR B 201 -23.78 -49.12 29.99
C THR B 201 -23.47 -47.69 30.44
N ALA B 202 -23.21 -47.52 31.73
CA ALA B 202 -22.87 -46.21 32.25
C ALA B 202 -21.56 -45.69 31.66
N TYR B 203 -20.57 -46.58 31.51
CA TYR B 203 -19.29 -46.18 30.96
C TYR B 203 -19.44 -45.64 29.53
N ASP B 204 -20.17 -46.38 28.69
CA ASP B 204 -20.36 -45.95 27.31
C ASP B 204 -21.20 -44.68 27.23
N LYS B 205 -22.22 -44.56 28.09
CA LYS B 205 -23.03 -43.35 28.12
C LYS B 205 -22.18 -42.15 28.49
N LEU B 206 -21.31 -42.30 29.50
CA LEU B 206 -20.43 -41.20 29.90
C LEU B 206 -19.46 -40.85 28.78
N SER B 207 -18.92 -41.87 28.11
CA SER B 207 -17.99 -41.61 27.01
C SER B 207 -18.68 -40.84 25.88
N ALA B 208 -19.91 -41.24 25.54
CA ALA B 208 -20.64 -40.54 24.50
C ALA B 208 -20.95 -39.10 24.91
N TYR B 209 -21.34 -38.90 26.18
CA TYR B 209 -21.62 -37.54 26.64
C TYR B 209 -20.37 -36.68 26.60
N VAL B 210 -19.23 -37.23 27.00
CA VAL B 210 -17.98 -36.47 26.96
C VAL B 210 -17.60 -36.15 25.53
N LYS B 211 -17.79 -37.11 24.61
CA LYS B 211 -17.49 -36.86 23.20
C LYS B 211 -18.39 -35.76 22.65
N PHE B 212 -19.66 -35.74 23.05
CA PHE B 212 -20.55 -34.67 22.64
C PHE B 212 -20.08 -33.32 23.18
N CYS B 213 -19.64 -33.30 24.45
CA CYS B 213 -19.17 -32.06 25.05
C CYS B 213 -17.94 -31.53 24.32
N VAL B 214 -16.99 -32.42 24.00
CA VAL B 214 -15.79 -32.01 23.27
C VAL B 214 -16.10 -31.61 21.84
N GLU B 215 -17.14 -32.21 21.24
CA GLU B 215 -17.42 -31.96 19.83
C GLU B 215 -17.70 -30.49 19.56
N ASP B 216 -18.44 -29.83 20.45
CA ASP B 216 -18.70 -28.40 20.31
C ASP B 216 -17.71 -27.58 21.12
N THR B 220 -8.78 -28.10 19.54
CA THR B 220 -8.41 -26.76 19.11
C THR B 220 -6.93 -26.70 18.73
N LEU B 221 -6.45 -25.49 18.45
CA LEU B 221 -5.06 -25.32 18.07
C LEU B 221 -4.13 -25.49 19.27
N ALA B 222 -4.53 -24.95 20.43
CA ALA B 222 -3.68 -25.05 21.61
C ALA B 222 -3.49 -26.49 22.05
N ASN B 223 -4.56 -27.29 21.99
CA ASN B 223 -4.44 -28.70 22.36
C ASN B 223 -3.49 -29.44 21.43
N LEU B 224 -3.57 -29.15 20.12
CA LEU B 224 -2.70 -29.81 19.16
C LEU B 224 -1.25 -29.40 19.35
N TYR B 225 -1.00 -28.11 19.60
CA TYR B 225 0.38 -27.66 19.80
C TYR B 225 0.99 -28.26 21.05
N ARG B 226 0.18 -28.55 22.07
CA ARG B 226 0.66 -29.20 23.28
C ARG B 226 0.79 -30.71 23.12
N GLY B 227 0.38 -31.25 21.97
CA GLY B 227 0.56 -32.65 21.68
C GLY B 227 -0.65 -33.54 21.93
N MET B 228 -1.80 -32.95 22.21
CA MET B 228 -3.02 -33.72 22.47
C MET B 228 -3.75 -33.92 21.15
N SER B 229 -3.74 -35.15 20.65
CA SER B 229 -4.50 -35.48 19.45
C SER B 229 -5.99 -35.35 19.72
N SER B 230 -6.75 -35.00 18.67
CA SER B 230 -8.19 -34.82 18.84
C SER B 230 -8.88 -36.11 19.25
N ALA B 231 -8.28 -37.26 18.92
CA ALA B 231 -8.86 -38.53 19.33
C ALA B 231 -8.63 -38.79 20.83
N GLU B 232 -7.49 -38.36 21.35
CA GLU B 232 -7.14 -38.63 22.74
C GLU B 232 -7.83 -37.71 23.74
N VAL B 233 -8.32 -36.55 23.30
CA VAL B 233 -8.91 -35.60 24.24
C VAL B 233 -10.10 -36.17 24.99
N PRO B 234 -11.09 -36.81 24.33
CA PRO B 234 -12.22 -37.35 25.09
C PRO B 234 -11.82 -38.36 26.16
N ASP B 235 -10.84 -39.23 25.86
CA ASP B 235 -10.42 -40.22 26.86
C ASP B 235 -9.79 -39.55 28.07
N ILE B 236 -8.93 -38.56 27.84
CA ILE B 236 -8.29 -37.86 28.95
C ILE B 236 -9.32 -37.13 29.80
N LEU B 237 -10.26 -36.44 29.14
CA LEU B 237 -11.29 -35.73 29.87
C LEU B 237 -12.18 -36.68 30.66
N GLN B 238 -12.51 -37.83 30.07
CA GLN B 238 -13.32 -38.82 30.78
C GLN B 238 -12.59 -39.36 32.00
N ALA B 239 -11.29 -39.64 31.86
CA ALA B 239 -10.52 -40.10 33.01
C ALA B 239 -10.48 -39.04 34.11
N LYS B 240 -10.28 -37.77 33.73
CA LYS B 240 -10.25 -36.71 34.72
C LYS B 240 -11.61 -36.58 35.42
N VAL B 241 -12.70 -36.68 34.67
CA VAL B 241 -14.02 -36.61 35.28
C VAL B 241 -14.25 -37.77 36.23
N MET B 242 -13.87 -38.98 35.81
CA MET B 242 -14.10 -40.15 36.64
C MET B 242 -13.29 -40.09 37.93
N VAL B 243 -12.04 -39.61 37.86
CA VAL B 243 -11.18 -39.62 39.03
C VAL B 243 -11.44 -38.43 39.94
N ARG B 244 -11.48 -37.22 39.40
CA ARG B 244 -11.49 -36.01 40.20
C ARG B 244 -12.87 -35.45 40.47
N ARG B 245 -13.92 -35.98 39.84
CA ARG B 245 -15.26 -35.43 40.02
C ARG B 245 -16.24 -36.46 40.58
N LEU B 246 -16.30 -37.66 40.01
CA LEU B 246 -17.26 -38.65 40.47
C LEU B 246 -16.94 -39.14 41.87
N THR B 247 -15.65 -39.24 42.21
CA THR B 247 -15.26 -39.70 43.53
C THR B 247 -15.68 -38.73 44.62
N ILE B 248 -15.93 -37.47 44.29
CA ILE B 248 -16.41 -36.49 45.26
C ILE B 248 -17.79 -35.98 44.84
N SER B 258 -27.03 -31.13 40.66
CA SER B 258 -27.11 -32.30 39.79
C SER B 258 -25.73 -32.71 39.30
N ILE B 259 -25.53 -34.02 39.15
CA ILE B 259 -24.24 -34.54 38.70
C ILE B 259 -23.98 -34.14 37.25
N VAL B 260 -25.03 -34.14 36.42
CA VAL B 260 -24.85 -33.86 34.99
C VAL B 260 -24.32 -32.45 34.78
N SER B 261 -24.90 -31.47 35.48
CA SER B 261 -24.45 -30.09 35.33
C SER B 261 -23.02 -29.93 35.82
N ASN B 262 -22.68 -30.58 36.94
CA ASN B 262 -21.31 -30.50 37.45
C ASN B 262 -20.32 -31.08 36.45
N MET B 263 -20.63 -32.24 35.87
CA MET B 263 -19.75 -32.84 34.88
C MET B 263 -19.64 -31.96 33.64
N PHE B 264 -20.75 -31.36 33.20
CA PHE B 264 -20.72 -30.49 32.03
C PHE B 264 -19.83 -29.29 32.27
N ARG B 265 -19.98 -28.64 33.44
CA ARG B 265 -19.14 -27.49 33.76
C ARG B 265 -17.68 -27.89 33.89
N TYR B 266 -17.41 -29.04 34.50
CA TYR B 266 -16.03 -29.50 34.67
C TYR B 266 -15.38 -29.75 33.30
N VAL B 267 -16.09 -30.40 32.40
CA VAL B 267 -15.55 -30.68 31.07
C VAL B 267 -15.32 -29.38 30.32
N LYS B 268 -16.28 -28.46 30.38
CA LYS B 268 -16.11 -27.20 29.66
C LYS B 268 -14.94 -26.40 30.20
N SER B 269 -14.74 -26.41 31.52
CA SER B 269 -13.60 -25.72 32.11
C SER B 269 -12.28 -26.38 31.70
N ASN B 270 -12.23 -27.71 31.71
CA ASN B 270 -11.00 -28.41 31.39
C ASN B 270 -10.64 -28.28 29.91
N LEU B 271 -11.64 -28.09 29.04
CA LEU B 271 -11.34 -27.94 27.62
C LEU B 271 -10.54 -26.66 27.35
N ASN B 272 -10.88 -25.57 28.03
CA ASN B 272 -10.24 -24.28 27.82
C ASN B 272 -9.71 -23.76 29.15
N PRO B 273 -8.48 -24.13 29.52
CA PRO B 273 -7.85 -23.69 30.76
C PRO B 273 -7.42 -22.22 30.73
N SER B 277 -0.27 -16.86 31.84
CA SER B 277 0.57 -15.85 31.21
C SER B 277 0.19 -15.66 29.74
N THR B 278 0.38 -14.45 29.24
CA THR B 278 0.07 -14.16 27.84
C THR B 278 0.98 -14.92 26.90
N ALA B 279 2.22 -15.17 27.29
CA ALA B 279 3.17 -15.86 26.43
C ALA B 279 2.80 -17.33 26.21
N ASP B 280 1.87 -17.87 26.96
CA ASP B 280 1.43 -19.25 26.79
C ASP B 280 0.32 -19.40 25.76
N ARG B 281 -0.16 -18.30 25.18
CA ARG B 281 -1.21 -18.38 24.17
C ARG B 281 -0.68 -19.06 22.91
N VAL B 282 -1.59 -19.72 22.19
CA VAL B 282 -1.30 -20.29 20.88
C VAL B 282 -2.27 -19.62 19.92
N ASN B 283 -1.79 -18.59 19.22
CA ASN B 283 -2.63 -17.78 18.37
C ASN B 283 -2.62 -18.30 16.94
N ASP B 284 -3.62 -17.88 16.18
CA ASP B 284 -3.70 -18.18 14.75
C ASP B 284 -3.14 -17.01 13.97
N LYS B 285 -2.14 -17.27 13.14
CA LYS B 285 -1.53 -16.22 12.34
C LYS B 285 -2.44 -15.83 11.19
N ARG B 286 -2.58 -14.53 10.95
CA ARG B 286 -3.38 -14.05 9.84
C ARG B 286 -2.45 -13.54 8.75
N PRO B 287 -2.21 -14.30 7.68
CA PRO B 287 -1.32 -13.85 6.61
C PRO B 287 -2.02 -12.96 5.59
N LYS B 297 2.09 -5.58 -1.41
CA LYS B 297 1.38 -6.82 -1.09
C LYS B 297 2.36 -7.93 -0.75
N THR B 298 2.06 -8.69 0.29
CA THR B 298 2.93 -9.75 0.78
C THR B 298 2.23 -11.10 0.63
N SER B 299 2.98 -12.11 0.22
CA SER B 299 2.44 -13.44 0.05
C SER B 299 2.37 -14.17 1.39
N PHE B 300 1.79 -15.37 1.37
CA PHE B 300 1.72 -16.18 2.58
C PHE B 300 3.11 -16.57 3.07
N ILE B 301 4.00 -16.94 2.15
CA ILE B 301 5.37 -17.30 2.51
C ILE B 301 6.09 -16.09 3.10
N GLU B 302 5.92 -14.92 2.48
CA GLU B 302 6.59 -13.71 2.95
C GLU B 302 6.04 -13.21 4.28
N SER B 303 4.94 -13.79 4.77
CA SER B 303 4.40 -13.36 6.05
C SER B 303 5.37 -13.65 7.19
N HIS B 304 6.12 -14.75 7.10
CA HIS B 304 7.16 -15.03 8.09
C HIS B 304 8.32 -14.09 7.86
N LYS B 305 8.63 -13.26 8.87
CA LYS B 305 9.53 -12.14 8.67
C LYS B 305 10.79 -12.23 9.54
N THR B 306 11.41 -13.41 9.59
CA THR B 306 12.67 -13.59 10.28
C THR B 306 13.80 -13.55 9.26
N LYS B 307 14.75 -12.64 9.48
CA LYS B 307 15.81 -12.38 8.52
C LYS B 307 17.11 -13.03 8.97
N GLN B 308 18.00 -13.27 8.00
CA GLN B 308 19.40 -13.50 8.30
C GLN B 308 20.10 -12.16 8.49
N ARG B 309 21.21 -12.18 9.22
CA ARG B 309 21.85 -10.93 9.60
C ARG B 309 22.87 -10.42 8.59
N VAL B 310 23.44 -11.30 7.77
CA VAL B 310 24.54 -10.94 6.88
C VAL B 310 24.06 -11.05 5.44
N THR B 311 24.33 -10.02 4.66
CA THR B 311 23.97 -10.03 3.25
C THR B 311 24.74 -11.13 2.52
N PRO B 312 24.07 -11.95 1.71
CA PRO B 312 24.78 -13.04 1.01
C PRO B 312 25.88 -12.55 0.09
N GLY B 313 25.71 -11.38 -0.53
CA GLY B 313 26.74 -10.88 -1.43
C GLY B 313 28.03 -10.53 -0.71
N ASP B 314 27.92 -9.99 0.50
CA ASP B 314 29.11 -9.60 1.26
C ASP B 314 29.94 -10.82 1.62
N ILE B 315 29.29 -11.94 1.92
CA ILE B 315 30.03 -13.16 2.23
C ILE B 315 30.85 -13.61 1.03
N VAL B 316 30.26 -13.55 -0.16
CA VAL B 316 30.98 -13.92 -1.38
C VAL B 316 32.17 -13.00 -1.59
N ALA B 317 32.00 -11.71 -1.29
CA ALA B 317 33.10 -10.76 -1.45
C ALA B 317 34.26 -11.09 -0.53
N TYR B 318 33.97 -11.46 0.72
CA TYR B 318 35.03 -11.72 1.68
C TYR B 318 35.70 -13.06 1.43
N ASN B 319 35.03 -13.97 0.74
CA ASN B 319 35.69 -15.22 0.35
C ASN B 319 36.83 -14.96 -0.62
N LEU B 320 36.63 -14.03 -1.54
CA LEU B 320 37.68 -13.70 -2.50
C LEU B 320 38.78 -12.88 -1.84
N ASP B 321 38.42 -12.03 -0.87
CA ASP B 321 39.40 -11.17 -0.24
C ASP B 321 40.43 -11.98 0.54
N ALA B 322 39.99 -13.03 1.22
CA ALA B 322 40.89 -13.81 2.07
C ALA B 322 41.96 -14.53 1.27
N LEU B 323 41.81 -14.65 -0.05
CA LEU B 323 42.80 -15.35 -0.86
C LEU B 323 43.99 -14.48 -1.20
N ASP B 324 43.92 -13.17 -0.96
CA ASP B 324 45.01 -12.25 -1.26
C ASP B 324 45.86 -12.08 0.00
N VAL B 325 46.70 -13.07 0.28
CA VAL B 325 47.45 -13.10 1.52
C VAL B 325 48.51 -12.00 1.57
N VAL B 326 49.29 -11.85 0.49
CA VAL B 326 50.39 -10.89 0.50
C VAL B 326 49.86 -9.47 0.65
N LYS B 327 48.78 -9.14 -0.06
CA LYS B 327 48.20 -7.81 0.04
C LYS B 327 47.68 -7.54 1.45
N LEU B 328 47.07 -8.56 2.08
CA LEU B 328 46.53 -8.37 3.42
C LEU B 328 47.63 -8.19 4.45
N VAL B 329 48.72 -8.95 4.33
CA VAL B 329 49.80 -8.88 5.32
C VAL B 329 50.45 -7.50 5.29
N HIS B 330 50.74 -7.00 4.08
CA HIS B 330 51.35 -5.68 3.97
C HIS B 330 50.38 -4.55 4.31
N LYS B 331 49.08 -4.84 4.42
CA LYS B 331 48.14 -3.85 4.94
C LYS B 331 48.28 -3.67 6.44
N ILE B 332 48.86 -4.65 7.13
CA ILE B 332 49.05 -4.60 8.57
C ILE B 332 50.47 -4.17 8.89
N ASP B 333 51.44 -4.94 8.40
CA ASP B 333 52.86 -4.62 8.56
C ASP B 333 53.53 -4.80 7.20
N ASP B 334 53.99 -3.71 6.61
CA ASP B 334 54.53 -3.75 5.26
C ASP B 334 56.00 -4.16 5.21
N THR B 335 56.63 -4.41 6.34
CA THR B 335 58.03 -4.80 6.38
C THR B 335 58.22 -6.31 6.37
N VAL B 336 57.15 -7.08 6.29
CA VAL B 336 57.28 -8.54 6.27
C VAL B 336 57.88 -8.98 4.94
N PRO B 337 58.99 -9.72 4.94
CA PRO B 337 59.56 -10.19 3.68
C PRO B 337 58.60 -11.13 2.96
N VAL B 338 58.67 -11.10 1.63
CA VAL B 338 57.81 -11.96 0.83
C VAL B 338 58.14 -13.43 1.06
N GLU B 339 59.42 -13.74 1.28
CA GLU B 339 59.82 -15.13 1.48
C GLU B 339 59.16 -15.74 2.71
N LEU B 340 59.07 -14.97 3.80
CA LEU B 340 58.42 -15.48 5.01
C LEU B 340 56.96 -15.81 4.75
N ILE B 341 56.25 -14.93 4.05
CA ILE B 341 54.86 -15.21 3.69
C ILE B 341 54.78 -16.42 2.77
N GLN B 342 55.73 -16.55 1.84
CA GLN B 342 55.72 -17.69 0.93
C GLN B 342 55.92 -19.00 1.68
N GLU B 343 56.85 -19.03 2.64
CA GLU B 343 57.10 -20.26 3.38
C GLU B 343 55.86 -20.68 4.17
N CYS B 344 55.17 -19.71 4.78
CA CYS B 344 53.97 -20.03 5.52
C CYS B 344 52.89 -20.59 4.61
N LEU B 345 52.74 -20.01 3.41
CA LEU B 345 51.69 -20.44 2.49
C LEU B 345 51.96 -21.81 1.88
N ASP B 346 53.21 -22.28 1.89
CA ASP B 346 53.49 -23.60 1.33
C ASP B 346 52.85 -24.71 2.14
N CYS B 347 52.59 -24.47 3.43
CA CYS B 347 52.01 -25.49 4.29
C CYS B 347 50.49 -25.55 4.22
N VAL B 348 49.86 -24.61 3.51
CA VAL B 348 48.40 -24.56 3.46
C VAL B 348 47.85 -25.84 2.84
N ALA B 349 48.48 -26.30 1.76
CA ALA B 349 47.99 -27.48 1.06
C ALA B 349 48.01 -28.71 1.95
N VAL B 350 49.05 -28.85 2.77
CA VAL B 350 49.16 -30.03 3.63
C VAL B 350 48.10 -30.00 4.73
N THR B 351 47.90 -28.83 5.35
CA THR B 351 46.97 -28.71 6.46
C THR B 351 45.54 -28.47 5.99
N ALA B 352 45.29 -28.40 4.69
CA ALA B 352 43.93 -28.20 4.20
C ALA B 352 43.03 -29.39 4.49
N THR B 353 43.59 -30.57 4.69
CA THR B 353 42.79 -31.75 4.98
C THR B 353 42.45 -31.88 6.46
N LYS B 354 43.13 -31.13 7.32
CA LYS B 354 42.85 -31.19 8.75
C LYS B 354 41.72 -30.24 9.11
N ASP B 355 41.11 -30.48 10.27
CA ASP B 355 40.02 -29.65 10.76
C ASP B 355 40.57 -28.55 11.65
N ILE B 356 39.88 -27.41 11.67
CA ILE B 356 40.38 -26.23 12.36
C ILE B 356 39.77 -26.15 13.74
N TYR B 357 40.58 -25.72 14.72
CA TYR B 357 40.21 -25.73 16.12
C TYR B 357 40.13 -24.31 16.68
N PRO B 358 39.39 -24.11 17.77
CA PRO B 358 39.11 -22.73 18.21
C PRO B 358 40.32 -21.88 18.50
N HIS B 359 41.42 -22.45 19.01
CA HIS B 359 42.57 -21.63 19.36
C HIS B 359 43.23 -21.07 18.10
N GLN B 360 43.17 -21.80 17.00
CA GLN B 360 43.71 -21.30 15.74
C GLN B 360 42.94 -20.08 15.26
N ILE B 361 41.61 -20.14 15.33
CA ILE B 361 40.78 -19.06 14.81
C ILE B 361 40.93 -17.80 15.66
N LEU B 362 41.02 -17.98 16.98
CA LEU B 362 41.11 -16.83 17.88
C LEU B 362 42.34 -15.99 17.59
N LEU B 363 43.49 -16.64 17.42
CA LEU B 363 44.73 -15.89 17.17
C LEU B 363 44.71 -15.25 15.80
N ALA B 364 44.16 -15.94 14.80
CA ALA B 364 44.05 -15.36 13.46
C ALA B 364 43.13 -14.15 13.46
N GLN B 365 42.03 -14.22 14.21
CA GLN B 365 41.11 -13.09 14.29
C GLN B 365 41.78 -11.88 14.91
N TRP B 366 42.60 -12.08 15.94
CA TRP B 366 43.24 -10.96 16.61
C TRP B 366 44.22 -10.24 15.69
N VAL B 367 45.10 -10.99 15.04
CA VAL B 367 46.17 -10.39 14.27
C VAL B 367 45.64 -9.74 12.99
N MET B 368 44.71 -10.40 12.32
CA MET B 368 44.28 -9.99 10.98
C MET B 368 43.18 -8.93 11.01
N HIS B 369 42.77 -8.47 12.19
CA HIS B 369 41.61 -7.58 12.25
C HIS B 369 41.87 -6.21 11.65
N LYS B 370 43.13 -5.82 11.47
CA LYS B 370 43.39 -4.51 10.89
C LYS B 370 43.00 -4.44 9.43
N ALA B 371 43.05 -5.57 8.72
CA ALA B 371 42.72 -5.61 7.31
C ALA B 371 41.55 -6.53 6.97
N PHE B 372 41.24 -7.51 7.81
CA PHE B 372 40.17 -8.45 7.55
C PHE B 372 39.23 -8.49 8.75
N PRO B 373 37.91 -8.41 8.55
CA PRO B 373 36.99 -8.41 9.68
C PRO B 373 37.03 -9.74 10.42
N ALA B 374 36.91 -9.66 11.76
CA ALA B 374 37.01 -10.86 12.58
C ALA B 374 35.73 -11.69 12.50
N ARG B 375 34.57 -11.04 12.46
CA ARG B 375 33.31 -11.79 12.50
C ARG B 375 33.07 -12.54 11.19
N ALA B 376 33.85 -12.27 10.15
CA ALA B 376 33.69 -12.97 8.89
C ALA B 376 34.22 -14.39 8.96
N PHE B 377 34.93 -14.76 10.03
CA PHE B 377 35.54 -16.08 10.10
C PHE B 377 34.50 -17.18 10.19
N SER B 378 33.34 -16.90 10.77
CA SER B 378 32.29 -17.90 10.87
C SER B 378 31.47 -18.03 9.59
N HIS B 379 31.72 -17.19 8.58
CA HIS B 379 30.97 -17.22 7.34
C HIS B 379 31.78 -17.60 6.12
N ILE B 380 33.08 -17.34 6.11
CA ILE B 380 33.90 -17.69 4.95
C ILE B 380 34.14 -19.20 4.93
N ASN B 381 34.43 -19.73 3.75
CA ASN B 381 34.63 -21.15 3.60
C ASN B 381 35.99 -21.55 4.20
N LYS B 382 36.23 -22.87 4.25
CA LYS B 382 37.42 -23.36 4.91
C LYS B 382 38.70 -22.95 4.18
N ASN B 383 38.67 -22.94 2.85
CA ASN B 383 39.85 -22.56 2.09
C ASN B 383 40.25 -21.12 2.40
N ALA B 384 39.27 -20.24 2.60
CA ALA B 384 39.58 -18.88 2.98
C ALA B 384 40.24 -18.82 4.34
N VAL B 385 39.79 -19.66 5.27
CA VAL B 385 40.34 -19.64 6.63
C VAL B 385 41.77 -20.15 6.64
N ASN B 386 42.05 -21.21 5.89
CA ASN B 386 43.40 -21.78 5.88
C ASN B 386 44.42 -20.75 5.40
N HIS B 387 44.06 -19.92 4.42
CA HIS B 387 44.97 -18.89 3.94
C HIS B 387 45.21 -17.84 5.02
N LEU B 388 44.17 -17.48 5.77
CA LEU B 388 44.33 -16.48 6.82
C LEU B 388 45.17 -17.01 7.97
N LEU B 389 45.09 -18.31 8.26
CA LEU B 389 45.92 -18.89 9.30
C LEU B 389 47.39 -18.80 8.93
N ALA B 390 47.71 -19.04 7.66
CA ALA B 390 49.09 -18.87 7.21
C ALA B 390 49.50 -17.40 7.24
N ALA B 391 48.57 -16.50 6.93
CA ALA B 391 48.89 -15.08 6.92
C ALA B 391 49.26 -14.59 8.32
N ALA B 392 48.49 -15.00 9.32
CA ALA B 392 48.76 -14.53 10.68
C ALA B 392 50.03 -15.17 11.24
N GLN B 393 50.33 -16.40 10.82
CA GLN B 393 51.55 -17.06 11.30
C GLN B 393 52.79 -16.31 10.86
N SER B 394 52.80 -15.81 9.63
CA SER B 394 53.94 -15.04 9.15
C SER B 394 54.12 -13.75 9.94
N LEU B 395 53.02 -13.07 10.27
CA LEU B 395 53.11 -11.83 11.02
C LEU B 395 53.69 -12.06 12.41
N MET B 396 53.23 -13.11 13.10
CA MET B 396 53.79 -13.42 14.41
C MET B 396 55.25 -13.82 14.31
N TRP B 397 55.62 -14.52 13.24
CA TRP B 397 57.01 -14.88 13.02
C TRP B 397 57.87 -13.63 12.87
N HIS B 398 57.39 -12.66 12.12
CA HIS B 398 58.17 -11.43 11.90
C HIS B 398 58.30 -10.63 13.19
N TRP B 399 57.25 -10.58 14.00
CA TRP B 399 57.26 -9.75 15.20
C TRP B 399 58.14 -10.33 16.30
N GLY B 400 58.41 -11.63 16.26
CA GLY B 400 59.26 -12.24 17.26
C GLY B 400 58.50 -13.01 18.31
N PHE B 401 57.43 -13.69 17.90
CA PHE B 401 56.62 -14.48 18.82
C PHE B 401 56.60 -15.94 18.37
N GLN B 402 57.79 -16.48 18.06
CA GLN B 402 57.89 -17.83 17.54
C GLN B 402 57.31 -18.87 18.49
N GLN B 403 57.34 -18.60 19.79
CA GLN B 403 56.86 -19.59 20.77
C GLN B 403 55.37 -19.84 20.62
N VAL B 404 54.60 -18.85 20.18
CA VAL B 404 53.18 -19.03 19.97
C VAL B 404 52.82 -19.24 18.50
N ALA B 405 53.65 -18.80 17.56
CA ALA B 405 53.33 -18.95 16.15
C ALA B 405 53.38 -20.41 15.69
N VAL B 406 54.02 -21.30 16.45
CA VAL B 406 54.12 -22.68 16.03
C VAL B 406 52.79 -23.40 16.09
N PHE B 407 51.81 -22.87 16.81
CA PHE B 407 50.53 -23.52 17.01
C PHE B 407 49.48 -23.12 15.98
N MET B 408 49.82 -22.29 15.01
CA MET B 408 48.83 -21.79 14.06
C MET B 408 48.45 -22.83 13.01
N GLN B 409 49.36 -23.75 12.70
CA GLN B 409 49.14 -24.69 11.60
C GLN B 409 49.33 -26.13 12.06
N VAL B 410 48.72 -26.49 13.18
CA VAL B 410 48.95 -27.77 13.81
C VAL B 410 47.73 -28.67 13.62
N GLU B 411 47.87 -29.92 14.04
CA GLU B 411 46.80 -30.91 14.03
C GLU B 411 46.64 -31.51 15.42
N LEU B 412 45.41 -31.88 15.74
CA LEU B 412 45.10 -32.49 17.03
C LEU B 412 45.77 -33.85 17.12
N TYR B 413 46.53 -34.07 18.20
CA TYR B 413 47.33 -35.28 18.33
C TYR B 413 46.44 -36.52 18.41
N TYR B 414 45.64 -36.61 19.47
CA TYR B 414 44.83 -37.80 19.70
C TYR B 414 43.77 -37.54 20.77
N ARG B 425 43.67 -24.97 37.07
CA ARG B 425 43.22 -23.65 37.47
C ARG B 425 42.94 -22.78 36.24
N ASN B 426 41.83 -22.04 36.27
CA ASN B 426 41.41 -21.16 35.18
C ASN B 426 41.15 -19.78 35.78
N SER B 427 42.18 -18.95 35.81
CA SER B 427 42.10 -17.60 36.35
C SER B 427 42.28 -16.59 35.22
N THR B 428 41.37 -15.63 35.13
CA THR B 428 41.42 -14.59 34.10
C THR B 428 42.14 -13.34 34.59
N ARG B 429 43.04 -13.46 35.55
CA ARG B 429 43.79 -12.32 36.05
C ARG B 429 45.05 -12.10 35.23
N ILE B 430 45.53 -10.86 35.27
CA ILE B 430 46.72 -10.46 34.52
C ILE B 430 47.89 -10.34 35.49
N GLN B 431 49.04 -10.88 35.08
CA GLN B 431 50.24 -10.82 35.90
C GLN B 431 50.59 -9.38 36.22
N ILE B 432 51.28 -9.18 37.35
CA ILE B 432 51.64 -7.84 37.81
C ILE B 432 52.54 -7.16 36.80
N LYS B 433 53.31 -7.94 36.03
CA LYS B 433 54.25 -7.37 35.08
C LYS B 433 53.55 -6.56 34.00
N TYR B 434 52.42 -7.07 33.50
CA TYR B 434 51.74 -6.46 32.35
C TYR B 434 50.43 -5.78 32.70
N LYS B 435 50.03 -5.77 33.97
CA LYS B 435 48.71 -5.25 34.31
C LYS B 435 48.59 -3.76 34.00
N ASP B 436 49.65 -3.00 34.27
CA ASP B 436 49.62 -1.57 34.00
C ASP B 436 49.49 -1.29 32.51
N VAL B 437 50.21 -2.05 31.68
CA VAL B 437 50.21 -1.79 30.24
C VAL B 437 48.86 -2.16 29.63
N MET B 438 48.31 -3.31 30.02
CA MET B 438 47.05 -3.75 29.43
C MET B 438 45.91 -2.79 29.76
N ASP B 439 45.88 -2.26 30.98
CA ASP B 439 44.83 -1.32 31.35
C ASP B 439 44.95 -0.02 30.57
N GLU B 440 46.14 0.32 30.09
CA GLU B 440 46.31 1.51 29.27
C GLU B 440 45.82 1.28 27.85
N LEU B 441 46.06 0.08 27.31
CA LEU B 441 45.76 -0.17 25.90
C LEU B 441 44.32 -0.61 25.69
N TYR B 442 43.69 -1.19 26.70
CA TYR B 442 42.29 -1.63 26.63
C TYR B 442 41.56 -1.06 27.83
N PRO B 443 41.30 0.25 27.84
CA PRO B 443 40.74 0.90 29.04
C PRO B 443 39.33 0.45 29.39
N HIS B 444 38.56 -0.08 28.44
CA HIS B 444 37.17 -0.44 28.69
C HIS B 444 37.12 -1.84 29.29
N GLN B 445 36.71 -1.93 30.55
CA GLN B 445 36.72 -3.17 31.30
C GLN B 445 35.31 -3.60 31.64
N ARG B 446 35.19 -4.84 32.11
CA ARG B 446 33.90 -5.43 32.46
C ARG B 446 33.63 -5.22 33.94
N GLN B 447 32.47 -4.66 34.25
CA GLN B 447 32.10 -4.42 35.64
C GLN B 447 31.72 -5.72 36.34
N GLN B 448 31.93 -5.75 37.64
CA GLN B 448 31.70 -6.94 38.45
C GLN B 448 30.58 -6.70 39.45
N ARG B 449 29.86 -7.77 39.78
CA ARG B 449 28.76 -7.67 40.73
C ARG B 449 29.28 -7.35 42.13
N ALA B 450 28.56 -6.47 42.82
CA ALA B 450 28.95 -6.10 44.17
C ALA B 450 28.65 -7.24 45.14
N ILE B 451 29.60 -7.51 46.04
CA ILE B 451 29.49 -8.60 47.01
C ILE B 451 29.30 -7.98 48.39
N ASN B 452 28.15 -8.26 49.00
CA ASN B 452 27.84 -7.79 50.36
C ASN B 452 27.98 -6.27 50.47
N GLY B 453 27.55 -5.57 49.43
CA GLY B 453 27.64 -4.12 49.42
C GLY B 453 29.02 -3.60 49.06
N VAL B 454 30.03 -4.44 49.22
CA VAL B 454 31.40 -4.04 48.89
C VAL B 454 31.58 -4.05 47.37
N PRO B 455 32.02 -2.95 46.77
CA PRO B 455 32.25 -2.96 45.32
C PRO B 455 33.46 -3.79 44.94
N VAL B 456 33.45 -4.28 43.71
CA VAL B 456 34.51 -5.11 43.16
C VAL B 456 35.15 -4.40 41.98
N ALA B 457 36.47 -4.49 41.88
CA ALA B 457 37.19 -3.83 40.81
C ALA B 457 36.82 -4.47 39.46
N PRO B 458 36.80 -3.67 38.39
CA PRO B 458 36.46 -4.23 37.07
C PRO B 458 37.53 -5.20 36.59
N VAL B 459 37.10 -6.13 35.74
CA VAL B 459 37.97 -7.15 35.17
C VAL B 459 38.30 -6.74 33.74
N ASN B 460 39.57 -6.86 33.37
CA ASN B 460 40.04 -6.47 32.05
C ASN B 460 39.55 -7.48 31.02
N ILE B 461 38.78 -7.00 30.04
CA ILE B 461 38.20 -7.90 29.04
C ILE B 461 39.29 -8.51 28.17
N ALA B 462 40.34 -7.75 27.88
CA ALA B 462 41.44 -8.30 27.09
C ALA B 462 42.13 -9.44 27.84
N GLY B 463 42.20 -9.34 29.17
CA GLY B 463 42.73 -10.44 29.95
C GLY B 463 41.84 -11.67 29.89
N ILE B 464 40.53 -11.47 29.81
CA ILE B 464 39.60 -12.60 29.70
C ILE B 464 39.87 -13.39 28.42
N ALA B 465 40.08 -12.68 27.31
CA ALA B 465 40.30 -13.35 26.04
C ALA B 465 41.63 -14.09 26.04
N VAL B 466 42.63 -13.57 26.75
CA VAL B 466 43.92 -14.23 26.83
C VAL B 466 43.78 -15.59 27.52
N GLN B 467 43.06 -15.62 28.64
CA GLN B 467 42.85 -16.88 29.35
C GLN B 467 42.06 -17.86 28.49
N SER B 468 41.10 -17.35 27.71
CA SER B 468 40.31 -18.21 26.85
C SER B 468 41.18 -18.90 25.80
N ALA B 469 42.13 -18.16 25.24
CA ALA B 469 43.05 -18.76 24.28
C ALA B 469 44.05 -19.69 24.96
N HIS B 470 44.52 -19.31 26.15
CA HIS B 470 45.48 -20.14 26.87
C HIS B 470 44.88 -21.48 27.27
N ALA B 471 43.61 -21.46 27.68
CA ALA B 471 42.95 -22.71 28.06
C ALA B 471 42.77 -23.62 26.86
N SER B 472 42.46 -23.05 25.69
CA SER B 472 42.24 -23.86 24.50
C SER B 472 43.52 -24.56 24.06
N ILE B 473 44.66 -23.88 24.18
CA ILE B 473 45.92 -24.46 23.71
C ILE B 473 46.29 -25.68 24.55
N ARG B 474 46.16 -25.58 25.86
CA ARG B 474 46.55 -26.68 26.75
C ARG B 474 45.48 -27.74 26.89
N SER B 475 44.32 -27.56 26.25
CA SER B 475 43.26 -28.56 26.36
C SER B 475 43.59 -29.84 25.62
N SER B 476 44.59 -29.82 24.73
CA SER B 476 44.93 -31.01 23.95
C SER B 476 46.37 -30.88 23.45
N ASN B 477 46.88 -32.00 22.94
CA ASN B 477 48.20 -32.05 22.34
C ASN B 477 48.10 -31.86 20.83
N TRP B 478 49.13 -31.26 20.24
CA TRP B 478 49.12 -30.85 18.86
C TRP B 478 50.31 -31.42 18.10
N ILE B 479 50.11 -31.63 16.80
CA ILE B 479 51.14 -32.14 15.90
C ILE B 479 51.53 -31.02 14.95
N TYR B 480 52.82 -30.76 14.83
CA TYR B 480 53.29 -29.64 14.02
C TYR B 480 53.17 -29.95 12.52
N HIS B 481 52.80 -28.93 11.75
CA HIS B 481 52.74 -29.04 10.30
C HIS B 481 53.26 -27.79 9.59
N GLY B 482 53.77 -26.80 10.33
CA GLY B 482 54.15 -25.53 9.75
C GLY B 482 55.54 -25.52 9.17
N PRO B 483 56.08 -24.32 8.94
CA PRO B 483 57.42 -24.20 8.35
C PRO B 483 58.47 -24.82 9.26
N ASP B 484 59.49 -25.41 8.62
CA ASP B 484 60.53 -26.09 9.38
C ASP B 484 61.47 -25.12 10.06
N ARG B 485 61.77 -23.99 9.40
CA ARG B 485 62.69 -23.02 9.98
C ARG B 485 62.08 -22.36 11.20
N LEU B 486 60.77 -22.13 11.19
CA LEU B 486 60.09 -21.55 12.35
C LEU B 486 60.15 -22.50 13.54
N PHE B 487 60.04 -23.80 13.28
CA PHE B 487 60.10 -24.78 14.36
C PHE B 487 61.44 -24.73 15.09
N LYS B 488 62.52 -24.43 14.37
CA LYS B 488 63.84 -24.36 14.97
C LYS B 488 64.04 -23.09 15.80
N GLU B 489 63.44 -21.97 15.39
CA GLU B 489 63.64 -20.72 16.09
C GLU B 489 62.88 -20.62 17.40
N ALA B 490 61.97 -21.55 17.67
CA ALA B 490 61.19 -21.54 18.90
C ALA B 490 61.79 -22.41 20.00
N GLU B 491 62.97 -22.99 19.76
CA GLU B 491 63.63 -23.88 20.72
C GLU B 491 62.70 -25.03 21.12
N GLN B 492 61.97 -25.55 20.14
CA GLN B 492 61.01 -26.61 20.40
C GLN B 492 61.70 -27.96 20.50
N VAL B 498 53.27 -34.38 20.48
CA VAL B 498 54.49 -34.13 19.73
C VAL B 498 55.03 -32.75 20.02
N LEU B 499 54.14 -31.75 19.98
CA LEU B 499 54.52 -30.36 20.17
C LEU B 499 54.29 -29.99 21.63
N VAL B 500 55.38 -29.83 22.39
CA VAL B 500 55.27 -29.55 23.82
C VAL B 500 54.94 -28.09 24.04
N VAL B 501 54.15 -27.82 25.07
CA VAL B 501 53.70 -26.48 25.40
C VAL B 501 54.71 -25.87 26.38
N PRO B 502 55.33 -24.75 26.05
CA PRO B 502 56.20 -24.08 27.02
C PRO B 502 55.42 -23.63 28.24
N ALA B 503 56.11 -23.58 29.38
CA ALA B 503 55.45 -23.28 30.65
C ALA B 503 55.01 -21.83 30.77
N THR B 504 55.42 -20.96 29.84
CA THR B 504 55.14 -19.53 29.94
C THR B 504 54.47 -19.03 28.66
N ILE B 505 53.55 -19.83 28.11
CA ILE B 505 52.84 -19.39 26.90
C ILE B 505 51.88 -18.27 27.23
N LYS B 506 51.29 -18.26 28.43
CA LYS B 506 50.37 -17.20 28.79
C LYS B 506 51.07 -15.84 28.80
N SER B 507 52.31 -15.80 29.26
CA SER B 507 53.08 -14.56 29.20
C SER B 507 53.34 -14.15 27.76
N VAL B 508 53.65 -15.12 26.89
CA VAL B 508 53.90 -14.81 25.49
C VAL B 508 52.64 -14.30 24.82
N ILE B 509 51.50 -14.95 25.09
CA ILE B 509 50.23 -14.52 24.53
C ILE B 509 49.90 -13.10 24.99
N THR B 510 50.17 -12.81 26.27
CA THR B 510 49.91 -11.47 26.78
C THR B 510 50.76 -10.42 26.07
N GLU B 511 52.01 -10.75 25.77
CA GLU B 511 52.87 -9.82 25.04
C GLU B 511 52.40 -9.63 23.61
N LEU B 512 51.86 -10.70 23.00
CA LEU B 512 51.31 -10.56 21.66
C LEU B 512 50.12 -9.62 21.64
N VAL B 513 49.24 -9.73 22.65
CA VAL B 513 48.10 -8.82 22.74
C VAL B 513 48.57 -7.40 23.01
N ILE B 514 49.65 -7.25 23.80
CA ILE B 514 50.21 -5.93 24.05
C ILE B 514 50.71 -5.32 22.74
N HIS B 515 51.37 -6.12 21.91
CA HIS B 515 51.85 -5.62 20.62
C HIS B 515 50.69 -5.16 19.74
N LEU B 516 49.59 -5.92 19.71
CA LEU B 516 48.44 -5.54 18.92
C LEU B 516 47.79 -4.28 19.45
N GLY B 517 47.75 -4.13 20.79
CA GLY B 517 47.16 -2.93 21.36
C GLY B 517 47.90 -1.67 20.98
N LYS B 518 49.24 -1.73 20.97
CA LYS B 518 50.03 -0.58 20.55
C LYS B 518 49.83 -0.30 19.06
N LEU B 519 49.66 -1.36 18.26
CA LEU B 519 49.55 -1.20 16.82
C LEU B 519 48.22 -0.59 16.40
N ASN B 520 47.18 -0.69 17.22
CA ASN B 520 45.84 -0.25 16.85
C ASN B 520 45.36 0.86 17.78
N GLN B 521 46.23 1.79 18.13
CA GLN B 521 45.84 2.91 18.98
C GLN B 521 45.25 4.04 18.15
N SER C 2 -28.07 36.03 -18.08
CA SER C 2 -27.07 35.80 -17.05
C SER C 2 -26.62 37.11 -16.43
N GLN C 3 -26.70 38.19 -17.20
CA GLN C 3 -26.37 39.53 -16.73
C GLN C 3 -24.94 39.61 -16.21
N LEU C 4 -24.01 39.44 -17.15
CA LEU C 4 -22.58 39.51 -16.87
C LEU C 4 -22.25 40.65 -15.90
N GLY C 5 -21.42 40.33 -14.90
CA GLY C 5 -21.11 41.27 -13.85
C GLY C 5 -21.92 41.10 -12.59
N ARG C 6 -22.69 40.02 -12.46
CA ARG C 6 -23.52 39.77 -11.30
C ARG C 6 -23.14 38.43 -10.69
N ARG C 7 -22.89 38.42 -9.39
CA ARG C 7 -22.53 37.21 -8.67
C ARG C 7 -23.37 37.10 -7.41
N GLU C 8 -23.74 35.87 -7.07
CA GLU C 8 -24.61 35.62 -5.92
C GLU C 8 -23.91 34.87 -4.79
N ILE C 9 -23.04 33.92 -5.11
CA ILE C 9 -22.44 33.09 -4.07
C ILE C 9 -21.42 33.90 -3.27
N ASP C 10 -21.51 33.82 -1.95
CA ASP C 10 -20.58 34.48 -1.05
C ASP C 10 -19.69 33.43 -0.38
N LEU C 11 -18.87 33.89 0.58
CA LEU C 11 -17.89 33.01 1.20
C LEU C 11 -18.55 31.85 1.94
N THR C 12 -19.69 32.10 2.59
CA THR C 12 -20.28 31.12 3.49
C THR C 12 -20.81 29.88 2.79
N LEU C 13 -20.94 29.89 1.46
CA LEU C 13 -21.47 28.75 0.73
C LEU C 13 -20.42 27.99 -0.06
N LEU C 14 -19.19 28.47 -0.10
CA LEU C 14 -18.16 27.87 -0.95
C LEU C 14 -17.27 26.86 -0.23
N GLY C 15 -16.95 27.10 1.03
CA GLY C 15 -16.03 26.21 1.73
C GLY C 15 -14.59 26.60 1.51
N HIS C 16 -13.72 25.61 1.28
CA HIS C 16 -12.31 25.91 1.03
C HIS C 16 -12.12 26.63 -0.29
N THR C 17 -13.10 26.55 -1.19
CA THR C 17 -13.01 27.22 -2.48
C THR C 17 -13.00 28.73 -2.34
N GLY C 18 -13.35 29.26 -1.17
CA GLY C 18 -13.37 30.70 -0.96
C GLY C 18 -12.00 31.35 -1.05
N LEU C 19 -10.93 30.57 -1.06
CA LEU C 19 -9.59 31.12 -1.21
C LEU C 19 -9.25 31.50 -2.64
N ASP C 20 -10.11 31.16 -3.60
CA ASP C 20 -9.84 31.40 -5.02
C ASP C 20 -10.71 32.55 -5.52
N PRO C 21 -10.13 33.70 -5.88
CA PRO C 21 -10.96 34.82 -6.36
C PRO C 21 -11.59 34.59 -7.73
N TRP C 22 -11.17 33.56 -8.46
CA TRP C 22 -11.73 33.31 -9.79
C TRP C 22 -12.24 31.89 -9.90
N TYR C 23 -13.00 31.44 -8.89
CA TYR C 23 -13.51 30.07 -8.90
C TYR C 23 -14.46 29.82 -10.06
N GLY C 24 -15.14 30.86 -10.54
CA GLY C 24 -16.14 30.69 -11.57
C GLY C 24 -15.58 30.34 -12.94
N THR C 25 -14.30 30.61 -13.17
CA THR C 25 -13.68 30.39 -14.47
C THR C 25 -12.90 29.09 -14.55
N THR C 26 -13.04 28.22 -13.56
CA THR C 26 -12.30 26.97 -13.50
C THR C 26 -13.28 25.80 -13.46
N SER C 27 -12.97 24.74 -14.19
CA SER C 27 -13.83 23.57 -14.20
C SER C 27 -13.89 22.93 -12.83
N SER C 28 -14.94 22.14 -12.61
CA SER C 28 -15.16 21.53 -11.31
C SER C 28 -14.09 20.50 -10.99
N ALA C 29 -13.60 19.79 -12.01
CA ALA C 29 -12.57 18.79 -11.78
C ALA C 29 -11.27 19.43 -11.29
N ARG C 30 -10.90 20.58 -11.86
CA ARG C 30 -9.70 21.26 -11.42
C ARG C 30 -9.91 21.96 -10.08
N GLY C 31 -11.11 22.47 -9.83
CA GLY C 31 -11.37 23.10 -8.55
C GLY C 31 -11.28 22.12 -7.39
N ALA C 32 -11.69 20.87 -7.62
CA ALA C 32 -11.53 19.85 -6.60
C ALA C 32 -10.06 19.55 -6.33
N MET C 33 -9.25 19.56 -7.38
CA MET C 33 -7.81 19.30 -7.21
C MET C 33 -7.16 20.37 -6.36
N PHE C 34 -7.56 21.63 -6.53
CA PHE C 34 -6.98 22.71 -5.75
C PHE C 34 -7.27 22.52 -4.26
N VAL C 35 -8.50 22.14 -3.92
CA VAL C 35 -8.87 21.98 -2.52
C VAL C 35 -8.08 20.83 -1.89
N THR C 36 -7.83 19.78 -2.67
CA THR C 36 -6.98 18.70 -2.20
C THR C 36 -5.54 19.15 -2.02
N HIS C 37 -5.05 20.01 -2.92
CA HIS C 37 -3.64 20.37 -2.93
C HIS C 37 -3.24 21.12 -1.65
N ILE C 38 -4.08 22.04 -1.19
CA ILE C 38 -3.72 22.86 -0.04
C ILE C 38 -3.55 22.03 1.22
N GLY C 39 -4.10 20.81 1.25
CA GLY C 39 -3.89 19.92 2.35
C GLY C 39 -2.65 19.06 2.26
N GLN C 40 -1.86 19.22 1.19
CA GLN C 40 -0.65 18.44 0.99
C GLN C 40 0.57 19.35 0.81
N ALA C 41 0.47 20.59 1.26
CA ALA C 41 1.50 21.57 1.00
C ALA C 41 2.33 21.82 2.25
N PRO C 42 3.58 21.36 2.30
CA PRO C 42 4.44 21.70 3.44
C PRO C 42 4.81 23.17 3.44
N GLU C 43 5.12 23.67 4.64
CA GLU C 43 5.54 25.05 4.77
C GLU C 43 6.96 25.24 4.24
N VAL C 44 7.15 26.30 3.45
CA VAL C 44 8.45 26.62 2.89
C VAL C 44 9.01 27.84 3.58
N ASN C 45 10.31 28.07 3.39
CA ASN C 45 10.98 29.17 4.09
C ASN C 45 10.63 30.53 3.52
N GLY C 46 10.27 30.60 2.24
CA GLY C 46 10.02 31.87 1.61
C GLY C 46 8.56 32.26 1.49
N ASN C 47 7.70 31.64 2.29
CA ASN C 47 6.26 31.85 2.16
C ASN C 47 5.90 33.31 2.43
N GLU C 48 4.84 33.76 1.77
CA GLU C 48 4.42 35.15 1.87
C GLU C 48 2.94 35.24 1.48
N SER C 49 2.34 36.38 1.79
CA SER C 49 0.94 36.59 1.48
C SER C 49 0.74 36.77 -0.02
N ARG C 50 -0.43 36.35 -0.49
CA ARG C 50 -0.75 36.40 -1.91
C ARG C 50 -0.98 37.84 -2.36
N TYR C 51 -0.83 38.07 -3.66
CA TYR C 51 -1.06 39.41 -4.21
C TYR C 51 -2.54 39.72 -4.30
N PHE C 52 -3.38 38.72 -4.51
CA PHE C 52 -4.83 38.89 -4.59
C PHE C 52 -5.47 38.22 -3.39
N LEU C 53 -6.28 38.98 -2.65
CA LEU C 53 -6.88 38.49 -1.41
C LEU C 53 -8.39 38.49 -1.53
N THR C 54 -9.01 37.37 -1.15
CA THR C 54 -10.45 37.28 -1.05
C THR C 54 -10.97 37.56 0.36
N GLY C 55 -10.08 37.68 1.33
CA GLY C 55 -10.47 37.85 2.71
C GLY C 55 -10.62 36.57 3.49
N ALA C 56 -10.61 35.42 2.82
CA ALA C 56 -10.71 34.16 3.53
C ALA C 56 -9.40 33.80 4.23
N GLU C 57 -8.29 34.40 3.78
CA GLU C 57 -7.01 34.11 4.41
C GLU C 57 -6.97 34.59 5.85
N LEU C 58 -7.70 35.67 6.15
CA LEU C 58 -7.75 36.18 7.51
C LEU C 58 -8.39 35.17 8.46
N GLU C 59 -9.44 34.49 7.99
CA GLU C 59 -10.10 33.49 8.82
C GLU C 59 -9.23 32.25 9.00
N TYR C 60 -8.59 31.78 7.93
CA TYR C 60 -7.73 30.61 8.02
C TYR C 60 -6.49 30.87 8.86
N ALA C 61 -6.09 32.12 9.03
CA ALA C 61 -4.96 32.45 9.88
C ALA C 61 -5.32 32.45 11.37
N LYS C 62 -6.59 32.28 11.70
CA LYS C 62 -7.03 32.25 13.08
C LYS C 62 -6.91 30.88 13.73
N TYR C 63 -6.86 29.81 12.93
CA TYR C 63 -6.95 28.45 13.46
C TYR C 63 -5.74 27.66 12.97
N THR C 64 -4.64 27.75 13.71
CA THR C 64 -3.42 27.01 13.43
C THR C 64 -2.93 26.36 14.71
N HIS C 65 -2.18 25.28 14.57
CA HIS C 65 -1.61 24.58 15.71
C HIS C 65 -0.49 25.40 16.31
N ASP C 66 -0.66 25.82 17.57
CA ASP C 66 0.31 26.68 18.23
C ASP C 66 0.29 26.37 19.73
N VAL C 67 0.89 27.26 20.51
CA VAL C 67 0.94 27.15 21.97
C VAL C 67 0.17 28.31 22.55
N ARG C 68 -0.83 28.01 23.39
CA ARG C 68 -1.73 29.01 23.93
C ARG C 68 -1.93 28.79 25.42
N PHE C 69 -2.42 29.83 26.09
CA PHE C 69 -2.95 29.69 27.43
C PHE C 69 -4.43 29.37 27.31
N PRO C 70 -4.89 28.18 27.69
CA PRO C 70 -6.30 27.83 27.46
C PRO C 70 -7.27 28.72 28.21
N GLU C 71 -6.93 29.18 29.41
CA GLU C 71 -7.84 30.00 30.22
C GLU C 71 -7.03 30.98 31.05
N ASP C 72 -7.72 31.96 31.61
CA ASP C 72 -7.09 32.94 32.50
C ASP C 72 -6.42 32.22 33.67
N CYS C 73 -5.11 32.28 33.73
CA CYS C 73 -4.35 31.45 34.66
C CYS C 73 -3.30 32.29 35.38
N ARG C 74 -2.60 31.62 36.29
CA ARG C 74 -1.50 32.19 37.05
C ARG C 74 -0.33 31.23 37.01
N VAL C 75 0.85 31.74 36.68
CA VAL C 75 2.03 30.89 36.50
C VAL C 75 2.58 30.50 37.86
N LEU C 76 2.77 29.20 38.08
CA LEU C 76 3.31 28.68 39.33
C LEU C 76 4.78 28.31 39.22
N HIS C 77 5.13 27.49 38.23
CA HIS C 77 6.51 27.05 38.05
C HIS C 77 6.86 27.05 36.57
N VAL C 78 8.14 27.28 36.29
CA VAL C 78 8.69 27.18 34.94
C VAL C 78 9.86 26.22 34.99
N LEU C 79 9.85 25.21 34.13
CA LEU C 79 10.85 24.16 34.16
C LEU C 79 11.58 24.10 32.81
N ARG C 80 12.87 23.78 32.87
CA ARG C 80 13.70 23.61 31.69
C ARG C 80 14.27 22.20 31.72
N LYS C 81 14.21 21.51 30.57
CA LYS C 81 14.70 20.13 30.53
C LYS C 81 16.20 20.06 30.76
N TYR C 82 16.95 20.95 30.12
CA TYR C 82 18.41 20.88 30.16
C TYR C 82 19.00 22.19 30.64
N PRO C 83 19.97 22.16 31.54
CA PRO C 83 20.52 23.39 32.10
C PRO C 83 21.57 24.04 31.22
N THR C 84 21.15 24.86 30.26
CA THR C 84 22.09 25.61 29.44
C THR C 84 22.92 26.55 30.31
N GLY C 85 24.22 26.30 30.39
CA GLY C 85 25.10 27.10 31.23
C GLY C 85 26.53 26.96 30.81
N ILE C 86 27.44 27.18 31.77
CA ILE C 86 28.87 27.09 31.52
C ILE C 86 29.47 26.04 32.45
N GLY C 87 28.63 25.13 32.93
CA GLY C 87 29.09 24.09 33.83
C GLY C 87 29.88 23.02 33.10
N LYS C 88 30.36 22.05 33.88
CA LYS C 88 31.12 20.93 33.32
C LYS C 88 30.26 20.11 32.37
N ASP C 89 29.02 19.84 32.75
CA ASP C 89 28.05 19.15 31.91
C ASP C 89 26.98 20.17 31.53
N SER C 90 27.24 20.91 30.45
CA SER C 90 26.36 21.95 29.98
C SER C 90 25.87 21.63 28.57
N ILE C 91 24.65 22.08 28.26
CA ILE C 91 24.03 21.86 26.97
C ILE C 91 23.92 23.20 26.27
N ARG C 92 24.12 23.19 24.95
CA ARG C 92 24.13 24.44 24.19
C ARG C 92 22.78 25.15 24.25
N SER C 93 21.69 24.40 24.10
CA SER C 93 20.37 25.00 24.07
C SER C 93 19.38 24.11 24.82
N ASN C 94 18.32 24.75 25.30
CA ASN C 94 17.26 24.04 26.00
C ASN C 94 16.11 23.77 25.03
N PRO C 95 15.79 22.50 24.73
CA PRO C 95 14.74 22.26 23.73
C PRO C 95 13.34 22.53 24.21
N VAL C 96 13.00 22.15 25.44
CA VAL C 96 11.62 22.18 25.92
C VAL C 96 11.55 22.99 27.20
N THR C 97 10.56 23.87 27.29
CA THR C 97 10.23 24.60 28.51
C THR C 97 8.82 24.25 28.93
N THR C 98 8.67 23.79 30.17
CA THR C 98 7.39 23.32 30.70
C THR C 98 6.87 24.33 31.72
N ILE C 99 5.58 24.69 31.59
CA ILE C 99 4.96 25.70 32.43
C ILE C 99 3.84 25.05 33.22
N ILE C 100 3.80 25.31 34.53
CA ILE C 100 2.74 24.85 35.41
C ILE C 100 1.92 26.06 35.82
N TYR C 101 0.63 26.05 35.50
CA TYR C 101 -0.24 27.18 35.77
C TYR C 101 -1.43 26.74 36.62
N GLU C 102 -2.21 27.73 37.04
CA GLU C 102 -3.39 27.51 37.88
C GLU C 102 -4.52 28.40 37.40
N ASN C 103 -5.70 27.81 37.17
CA ASN C 103 -6.88 28.56 36.77
C ASN C 103 -7.49 29.20 38.00
N TYR C 104 -7.06 30.44 38.30
CA TYR C 104 -7.51 31.09 39.52
C TYR C 104 -8.89 31.70 39.40
N PHE C 105 -9.41 31.87 38.18
CA PHE C 105 -10.81 32.26 38.00
C PHE C 105 -11.71 31.04 37.91
N ASP C 106 -11.58 30.16 38.89
CA ASP C 106 -12.28 28.89 38.88
C ASP C 106 -12.65 28.51 40.31
N LYS C 107 -13.77 27.80 40.44
CA LYS C 107 -14.21 27.38 41.77
C LYS C 107 -13.23 26.41 42.40
N TYR C 108 -12.66 25.52 41.61
CA TYR C 108 -11.80 24.46 42.12
C TYR C 108 -10.32 24.73 41.91
N LYS C 109 -9.96 25.79 41.17
CA LYS C 109 -8.56 26.16 40.93
C LYS C 109 -7.77 24.99 40.33
N THR C 110 -8.24 24.55 39.17
CA THR C 110 -7.58 23.44 38.49
C THR C 110 -6.16 23.81 38.08
N ILE C 111 -5.25 22.86 38.23
CA ILE C 111 -3.84 23.06 37.91
C ILE C 111 -3.50 22.27 36.66
N GLY C 112 -2.92 22.94 35.67
CA GLY C 112 -2.60 22.33 34.41
C GLY C 112 -1.13 22.51 34.04
N VAL C 113 -0.77 21.91 32.90
CA VAL C 113 0.59 21.95 32.39
C VAL C 113 0.56 22.41 30.95
N LEU C 114 1.63 23.09 30.53
CA LEU C 114 1.75 23.58 29.17
C LEU C 114 3.19 23.45 28.71
N HIS C 115 3.39 22.78 27.58
CA HIS C 115 4.72 22.54 27.05
C HIS C 115 5.01 23.49 25.90
N VAL C 116 6.27 23.92 25.80
CA VAL C 116 6.69 24.85 24.75
C VAL C 116 7.90 24.28 24.02
N PRO C 117 7.71 23.45 23.01
CA PRO C 117 8.84 22.93 22.23
C PRO C 117 9.30 23.95 21.21
N GLU C 118 10.32 23.57 20.44
CA GLU C 118 10.88 24.43 19.41
C GLU C 118 10.32 24.15 18.03
N TYR C 119 9.42 23.17 17.90
CA TYR C 119 8.90 22.79 16.60
C TYR C 119 7.62 22.00 16.80
N MET C 120 6.90 21.80 15.71
CA MET C 120 5.76 20.90 15.67
C MET C 120 5.83 20.08 14.39
N SER C 121 5.31 18.86 14.45
CA SER C 121 5.36 17.96 13.30
C SER C 121 4.16 17.02 13.39
N HIS C 122 3.11 17.33 12.64
CA HIS C 122 1.96 16.44 12.52
C HIS C 122 2.06 15.52 11.31
N HIS C 123 3.12 15.65 10.53
CA HIS C 123 3.35 14.80 9.37
C HIS C 123 4.49 13.83 9.65
N GLN C 124 4.59 12.80 8.82
CA GLN C 124 5.64 11.80 9.01
C GLN C 124 7.03 12.42 8.82
N ASP C 125 7.20 13.25 7.79
CA ASP C 125 8.52 13.79 7.49
C ASP C 125 8.47 15.25 7.09
N PHE C 126 7.55 16.02 7.67
CA PHE C 126 7.52 17.46 7.43
C PHE C 126 6.98 18.15 8.68
N GLY C 127 7.62 19.25 9.06
CA GLY C 127 7.20 20.02 10.20
C GLY C 127 7.47 21.50 10.02
N TYR C 128 7.44 22.26 11.11
CA TYR C 128 7.71 23.68 11.05
C TYR C 128 8.24 24.15 12.39
N GLU C 129 8.94 25.28 12.36
CA GLU C 129 9.51 25.86 13.57
C GLU C 129 8.47 26.72 14.29
N LEU C 130 8.44 26.64 15.60
CA LEU C 130 7.58 27.48 16.42
C LEU C 130 8.36 28.73 16.81
N VAL C 131 7.88 29.89 16.37
CA VAL C 131 8.54 31.17 16.65
C VAL C 131 7.92 31.76 17.91
N LYS C 132 8.74 31.95 18.93
CA LYS C 132 8.25 32.46 20.19
C LYS C 132 7.89 33.93 20.08
N ASN C 133 6.80 34.31 20.73
CA ASN C 133 6.41 35.72 20.81
C ASN C 133 7.25 36.40 21.88
N ARG C 134 8.11 37.33 21.45
CA ARG C 134 9.13 37.87 22.36
C ARG C 134 8.52 38.61 23.54
N GLU C 135 7.44 39.37 23.31
CA GLU C 135 6.82 40.12 24.39
C GLU C 135 6.32 39.19 25.49
N VAL C 136 5.58 38.15 25.11
CA VAL C 136 5.05 37.22 26.10
C VAL C 136 6.16 36.37 26.70
N TRP C 137 7.09 35.90 25.85
CA TRP C 137 8.13 34.97 26.32
C TRP C 137 9.01 35.60 27.38
N GLU C 138 9.45 36.84 27.16
CA GLU C 138 10.32 37.49 28.13
C GLU C 138 9.60 37.78 29.44
N THR C 139 8.27 37.87 29.39
CA THR C 139 7.51 38.16 30.60
C THR C 139 7.44 36.95 31.52
N ILE C 140 7.25 35.75 30.94
CA ILE C 140 6.87 34.53 31.66
C ILE C 140 7.75 34.30 32.89
N ALA C 141 7.11 34.20 34.05
CA ALA C 141 7.79 34.04 35.32
C ALA C 141 6.75 33.62 36.36
N PRO C 142 7.18 33.04 37.48
CA PRO C 142 6.21 32.65 38.52
C PRO C 142 5.43 33.84 39.04
N ASN C 143 4.17 33.57 39.42
CA ASN C 143 3.27 34.56 39.99
C ASN C 143 2.94 35.67 38.98
N GLU C 144 2.62 35.27 37.76
CA GLU C 144 2.18 36.19 36.73
C GLU C 144 0.87 35.70 36.12
N MET C 145 -0.05 36.62 35.89
CA MET C 145 -1.37 36.29 35.37
C MET C 145 -1.43 36.60 33.88
N PHE C 146 -2.10 35.72 33.14
CA PHE C 146 -2.23 35.85 31.70
C PHE C 146 -3.69 35.69 31.30
N SER C 147 -4.03 36.25 30.15
CA SER C 147 -5.40 36.23 29.65
C SER C 147 -5.64 34.96 28.84
N LYS C 148 -6.92 34.61 28.70
CA LYS C 148 -7.30 33.45 27.93
C LYS C 148 -6.93 33.64 26.46
N ASP C 149 -6.47 32.57 25.83
CA ASP C 149 -6.09 32.57 24.41
C ASP C 149 -4.97 33.57 24.14
N THR C 150 -3.90 33.45 24.90
CA THR C 150 -2.69 34.23 24.68
C THR C 150 -1.66 33.34 23.99
N VAL C 151 -1.16 33.77 22.84
CA VAL C 151 -0.27 32.94 22.05
C VAL C 151 1.16 33.13 22.51
N ILE C 152 1.83 32.02 22.82
CA ILE C 152 3.22 32.04 23.24
C ILE C 152 4.16 31.77 22.07
N ALA C 153 3.81 30.81 21.22
CA ALA C 153 4.60 30.52 20.03
C ALA C 153 3.68 30.07 18.91
N GLN C 154 4.09 30.33 17.68
CA GLN C 154 3.30 29.97 16.51
C GLN C 154 4.24 29.87 15.32
N SER C 155 3.72 29.29 14.24
CA SER C 155 4.51 29.14 13.02
C SER C 155 4.79 30.49 12.38
N GLY C 156 5.82 30.52 11.54
CA GLY C 156 6.15 31.74 10.82
C GLY C 156 5.22 32.07 9.69
N ALA C 157 4.35 31.12 9.28
CA ALA C 157 3.39 31.40 8.23
C ALA C 157 2.38 32.45 8.67
N VAL C 158 1.99 32.45 9.94
CA VAL C 158 1.04 33.43 10.45
C VAL C 158 1.76 34.78 10.52
N LYS C 159 1.46 35.67 9.58
CA LYS C 159 2.11 36.96 9.54
C LYS C 159 1.53 37.91 10.57
N LYS C 160 2.30 38.95 10.89
CA LYS C 160 1.88 39.89 11.93
C LYS C 160 0.71 40.75 11.46
N ASP C 161 0.60 41.00 10.14
CA ASP C 161 -0.52 41.77 9.62
C ASP C 161 -1.84 41.04 9.75
N GLY C 162 -1.81 39.72 9.94
CA GLY C 162 -3.01 38.91 9.98
C GLY C 162 -3.18 38.00 8.79
N THR C 163 -2.38 38.17 7.74
CA THR C 163 -2.46 37.32 6.57
C THR C 163 -1.75 35.99 6.84
N LEU C 164 -1.89 35.07 5.90
CA LEU C 164 -1.35 33.72 6.03
C LEU C 164 -0.44 33.42 4.84
N GLY C 165 0.71 32.82 5.13
CA GLY C 165 1.64 32.45 4.08
C GLY C 165 1.46 31.02 3.60
N MET C 166 0.79 30.86 2.47
CA MET C 166 0.54 29.54 1.91
C MET C 166 1.41 29.22 0.70
N GLY C 167 2.11 30.20 0.14
CA GLY C 167 2.93 29.95 -1.01
C GLY C 167 3.85 31.12 -1.30
N VAL C 168 4.42 31.12 -2.50
CA VAL C 168 5.35 32.14 -2.95
C VAL C 168 4.95 32.58 -4.35
N ASN C 169 4.93 33.90 -4.57
CA ASN C 169 4.64 34.45 -5.88
C ASN C 169 5.85 34.29 -6.79
N ALA C 170 5.60 33.81 -8.01
CA ALA C 170 6.67 33.54 -8.97
C ALA C 170 6.35 34.19 -10.31
N ASN C 171 7.37 34.75 -10.94
CA ASN C 171 7.23 35.29 -12.29
C ASN C 171 7.12 34.13 -13.27
N VAL C 172 6.07 34.12 -14.08
CA VAL C 172 5.76 33.01 -14.96
C VAL C 172 5.62 33.53 -16.38
N VAL C 173 6.25 32.83 -17.33
CA VAL C 173 6.04 33.03 -18.75
C VAL C 173 5.51 31.74 -19.35
N PHE C 174 4.44 31.84 -20.13
CA PHE C 174 3.86 30.68 -20.78
C PHE C 174 4.55 30.46 -22.12
N LEU C 175 5.37 29.42 -22.20
CA LEU C 175 6.14 29.13 -23.40
C LEU C 175 6.08 27.63 -23.67
N SER C 176 6.41 27.25 -24.90
CA SER C 176 6.36 25.87 -25.35
C SER C 176 7.75 25.24 -25.42
N ALA C 177 8.62 25.57 -24.47
CA ALA C 177 9.96 25.00 -24.45
C ALA C 177 9.89 23.49 -24.25
N ALA C 178 10.91 22.80 -24.77
CA ALA C 178 10.92 21.34 -24.73
C ALA C 178 10.95 20.80 -23.31
N GLY C 179 11.38 21.60 -22.34
CA GLY C 179 11.40 21.16 -20.96
C GLY C 179 10.06 21.14 -20.27
N THR C 180 9.00 21.58 -20.96
CA THR C 180 7.66 21.59 -20.41
C THR C 180 6.83 20.40 -20.85
N ILE C 181 7.46 19.40 -21.46
CA ILE C 181 6.74 18.23 -21.94
C ILE C 181 6.19 17.44 -20.76
N GLU C 182 4.92 17.03 -20.86
CA GLU C 182 4.26 16.22 -19.85
C GLU C 182 4.20 16.95 -18.51
N ASP C 183 3.67 18.18 -18.54
CA ASP C 183 3.46 18.99 -17.34
C ASP C 183 4.75 19.23 -16.58
N GLY C 184 5.85 19.44 -17.30
CA GLY C 184 7.11 19.76 -16.64
C GLY C 184 7.26 21.26 -16.43
N PHE C 185 8.06 21.61 -15.43
CA PHE C 185 8.39 22.99 -15.12
C PHE C 185 9.88 23.22 -15.34
N VAL C 186 10.21 24.40 -15.82
CA VAL C 186 11.60 24.87 -15.91
C VAL C 186 11.77 25.95 -14.87
N ALA C 187 12.61 25.68 -13.88
CA ALA C 187 12.67 26.49 -12.66
C ALA C 187 13.98 27.26 -12.56
N ASN C 188 13.87 28.52 -12.18
CA ASN C 188 15.03 29.31 -11.83
C ASN C 188 15.66 28.80 -10.54
N LYS C 189 16.99 28.77 -10.50
CA LYS C 189 17.67 28.24 -9.33
C LYS C 189 17.48 29.12 -8.11
N ASN C 190 17.47 30.44 -8.30
CA ASN C 190 17.25 31.34 -7.17
C ASN C 190 15.84 31.23 -6.61
N PHE C 191 14.89 30.88 -7.47
CA PHE C 191 13.51 30.70 -7.00
C PHE C 191 13.40 29.48 -6.09
N LEU C 192 14.10 28.40 -6.44
CA LEU C 192 14.03 27.18 -5.64
C LEU C 192 14.65 27.36 -4.26
N LYS C 193 15.52 28.37 -4.10
CA LYS C 193 16.09 28.64 -2.78
C LYS C 193 15.05 29.22 -1.85
N ARG C 194 13.95 29.74 -2.39
CA ARG C 194 12.88 30.30 -1.59
C ARG C 194 11.74 29.32 -1.34
N MET C 195 11.88 28.08 -1.79
CA MET C 195 10.85 27.06 -1.64
C MET C 195 11.42 25.84 -0.92
N MET C 196 12.19 26.07 0.14
CA MET C 196 12.87 25.00 0.85
C MET C 196 12.02 24.57 2.05
N PRO C 197 11.57 23.32 2.10
CA PRO C 197 10.88 22.82 3.29
C PRO C 197 11.88 22.32 4.33
N THR C 198 11.35 22.04 5.51
CA THR C 198 12.14 21.53 6.63
C THR C 198 11.48 20.27 7.18
N SER C 199 12.28 19.23 7.38
CA SER C 199 11.79 17.94 7.86
C SER C 199 12.38 17.64 9.23
N TYR C 200 11.53 17.13 10.12
CA TYR C 200 11.94 16.73 11.46
C TYR C 200 11.72 15.23 11.61
N SER C 201 12.71 14.53 12.17
CA SER C 201 12.61 13.09 12.34
C SER C 201 13.42 12.68 13.57
N THR C 202 13.14 11.46 14.04
CA THR C 202 13.72 10.94 15.27
C THR C 202 14.36 9.59 15.00
N ALA C 203 15.54 9.39 15.58
CA ALA C 203 16.27 8.13 15.50
C ALA C 203 16.36 7.50 16.88
N VAL C 204 16.18 6.19 16.95
CA VAL C 204 16.10 5.45 18.20
C VAL C 204 17.13 4.33 18.19
N ALA C 205 17.88 4.22 19.29
CA ALA C 205 18.85 3.15 19.46
C ALA C 205 18.68 2.49 20.82
N ASN C 206 18.98 1.20 20.88
CA ASN C 206 18.90 0.43 22.11
C ASN C 206 20.22 -0.27 22.35
N ALA C 207 20.76 -0.15 23.56
CA ALA C 207 22.01 -0.80 23.92
C ALA C 207 21.86 -1.39 25.31
N GLY C 208 22.81 -2.27 25.66
CA GLY C 208 22.72 -2.98 26.92
C GLY C 208 23.27 -4.38 26.88
N ARG C 209 22.43 -5.36 27.24
CA ARG C 209 22.89 -6.73 27.40
C ARG C 209 23.38 -7.34 26.09
N LYS C 210 22.95 -6.80 24.95
CA LYS C 210 23.27 -7.40 23.67
C LYS C 210 24.35 -6.66 22.89
N ALA C 211 24.40 -5.34 22.98
CA ALA C 211 25.34 -4.57 22.17
C ALA C 211 25.73 -3.29 22.90
N PHE C 212 26.82 -2.69 22.46
CA PHE C 212 27.32 -1.44 23.01
C PHE C 212 27.54 -0.44 21.89
N PHE C 213 27.53 0.84 22.26
CA PHE C 213 27.70 1.91 21.29
C PHE C 213 29.16 1.99 20.82
N LEU C 214 29.33 2.51 19.61
CA LEU C 214 30.65 2.74 19.03
C LEU C 214 31.01 4.22 19.13
N ASN C 215 32.29 4.50 18.98
CA ASN C 215 32.82 5.86 19.11
C ASN C 215 32.76 6.54 17.75
N MET C 216 31.59 7.09 17.42
CA MET C 216 31.37 7.69 16.12
C MET C 216 31.66 9.18 16.06
N TYR C 217 31.61 9.89 17.19
CA TYR C 217 31.79 11.33 17.20
C TYR C 217 32.90 11.76 18.15
N GLY C 218 33.76 10.83 18.57
CA GLY C 218 34.84 11.18 19.47
C GLY C 218 36.21 11.00 18.86
N ASP C 219 37.25 11.20 19.67
CA ASP C 219 38.62 11.06 19.20
C ASP C 219 39.39 10.10 20.10
N ASP C 220 40.72 10.08 19.95
CA ASP C 220 41.54 9.13 20.69
C ASP C 220 41.41 9.26 22.20
N LYS C 221 40.98 10.42 22.70
CA LYS C 221 40.89 10.63 24.14
C LYS C 221 39.47 10.78 24.66
N ILE C 222 38.47 10.87 23.78
CA ILE C 222 37.09 11.11 24.20
C ILE C 222 36.20 10.06 23.53
N TYR C 223 35.30 9.46 24.31
CA TYR C 223 34.30 8.54 23.79
C TYR C 223 32.97 9.29 23.70
N LYS C 224 32.44 9.41 22.48
CA LYS C 224 31.22 10.18 22.22
C LYS C 224 30.40 9.42 21.18
N PRO C 225 29.47 8.58 21.62
CA PRO C 225 28.73 7.75 20.67
C PRO C 225 27.89 8.53 19.66
N PHE C 226 27.31 9.65 20.05
CA PHE C 226 26.36 10.37 19.21
C PHE C 226 26.55 11.87 19.41
N PRO C 227 26.11 12.68 18.45
CA PRO C 227 26.32 14.13 18.58
C PRO C 227 25.47 14.74 19.69
N ASP C 228 25.98 15.82 20.25
CA ASP C 228 25.28 16.55 21.30
C ASP C 228 24.18 17.41 20.69
N ILE C 229 23.44 18.11 21.55
CA ILE C 229 22.46 19.08 21.08
C ILE C 229 23.20 20.28 20.52
N GLY C 230 22.88 20.65 19.28
CA GLY C 230 23.56 21.72 18.59
C GLY C 230 24.59 21.25 17.58
N ASP C 231 25.04 20.01 17.69
CA ASP C 231 25.95 19.45 16.71
C ASP C 231 25.22 19.13 15.42
N VAL C 232 25.96 18.68 14.41
CA VAL C 232 25.38 18.28 13.14
C VAL C 232 25.79 16.84 12.84
N ILE C 233 24.98 16.17 12.03
CA ILE C 233 25.29 14.81 11.64
C ILE C 233 26.51 14.79 10.74
N ARG C 234 27.41 13.84 10.98
CA ARG C 234 28.67 13.79 10.27
C ARG C 234 28.44 13.43 8.79
N PRO C 235 29.39 13.75 7.91
CA PRO C 235 29.10 13.76 6.47
C PRO C 235 28.53 12.47 5.90
N ASP C 236 28.96 11.30 6.38
CA ASP C 236 28.42 10.07 5.82
C ASP C 236 27.00 9.79 6.29
N GLY C 237 26.50 10.53 7.28
CA GLY C 237 25.12 10.43 7.70
C GLY C 237 24.86 9.53 8.89
N VAL C 238 25.89 8.95 9.48
CA VAL C 238 25.69 8.02 10.60
C VAL C 238 25.46 8.81 11.87
N ILE C 239 24.40 8.46 12.60
CA ILE C 239 24.12 9.07 13.89
C ILE C 239 24.75 8.27 15.03
N PHE C 240 24.50 6.97 15.07
CA PHE C 240 25.16 6.07 16.01
C PHE C 240 25.12 4.66 15.47
N ALA C 241 26.03 3.82 15.99
CA ALA C 241 26.11 2.43 15.59
C ALA C 241 26.43 1.58 16.81
N ILE C 242 26.02 0.31 16.76
CA ILE C 242 26.20 -0.59 17.89
C ILE C 242 26.89 -1.87 17.42
N ARG C 243 27.71 -2.43 18.30
CA ARG C 243 28.44 -3.66 18.03
C ARG C 243 28.08 -4.71 19.07
N ASP C 244 28.00 -5.96 18.63
CA ASP C 244 27.60 -7.05 19.50
C ASP C 244 28.65 -7.30 20.59
N HIS C 245 28.19 -7.87 21.71
CA HIS C 245 29.07 -8.23 22.80
C HIS C 245 29.76 -9.55 22.50
N ASP C 246 31.09 -9.57 22.66
CA ASP C 246 31.85 -10.81 22.55
C ASP C 246 33.18 -10.59 23.24
N ASP C 247 33.42 -11.30 24.34
CA ASP C 247 34.63 -11.07 25.12
C ASP C 247 35.86 -11.70 24.46
N ASP C 248 35.69 -12.85 23.80
CA ASP C 248 36.84 -13.54 23.22
C ASP C 248 37.45 -12.78 22.06
N LEU C 249 36.76 -11.79 21.51
CA LEU C 249 37.27 -10.98 20.41
C LEU C 249 37.72 -9.60 20.87
N ALA C 250 37.94 -9.43 22.18
CA ALA C 250 38.33 -8.12 22.70
C ALA C 250 39.64 -7.60 22.12
N PRO C 251 40.71 -8.39 22.01
CA PRO C 251 41.94 -7.84 21.41
C PRO C 251 41.79 -7.39 19.97
N ALA C 252 40.74 -7.82 19.28
CA ALA C 252 40.48 -7.38 17.91
C ALA C 252 39.42 -6.29 17.86
N GLU C 253 38.24 -6.55 18.40
CA GLU C 253 37.09 -5.66 18.24
C GLU C 253 37.05 -4.53 19.25
N MET C 254 37.90 -4.55 20.28
CA MET C 254 37.84 -3.54 21.33
C MET C 254 39.09 -2.69 21.40
N THR C 255 39.94 -2.70 20.38
CA THR C 255 41.04 -1.75 20.32
C THR C 255 40.49 -0.35 20.07
N PRO C 256 41.23 0.69 20.47
CA PRO C 256 40.73 2.05 20.23
C PRO C 256 40.48 2.35 18.76
N ARG C 257 41.24 1.76 17.84
CA ARG C 257 41.00 1.98 16.43
C ARG C 257 39.73 1.28 15.97
N ALA C 258 39.50 0.05 16.44
CA ALA C 258 38.33 -0.70 16.01
C ALA C 258 37.04 -0.05 16.50
N LEU C 259 37.09 0.64 17.64
CA LEU C 259 35.90 1.29 18.17
C LEU C 259 35.55 2.55 17.37
N ARG C 260 36.48 3.07 16.58
CA ARG C 260 36.22 4.23 15.74
C ARG C 260 35.81 3.87 14.33
N THR C 261 36.00 2.62 13.91
CA THR C 261 35.74 2.19 12.55
C THR C 261 34.43 1.44 12.49
N LEU C 262 33.53 1.88 11.62
CA LEU C 262 32.22 1.26 11.45
C LEU C 262 32.29 0.22 10.35
N ASP C 263 31.86 -1.00 10.67
CA ASP C 263 31.84 -2.09 9.70
C ASP C 263 30.43 -2.21 9.14
N ARG C 264 30.29 -1.95 7.84
CA ARG C 264 28.97 -1.93 7.24
C ARG C 264 28.33 -3.31 7.19
N THR C 265 29.14 -4.36 7.03
CA THR C 265 28.59 -5.70 6.89
C THR C 265 28.13 -6.27 8.23
N PHE C 266 28.87 -6.01 9.31
CA PHE C 266 28.68 -6.73 10.55
C PHE C 266 28.17 -5.89 11.70
N ASP C 267 28.16 -4.56 11.58
CA ASP C 267 27.58 -3.71 12.60
C ASP C 267 26.20 -3.24 12.18
N ARG C 268 25.53 -2.53 13.07
CA ARG C 268 24.22 -1.96 12.82
C ARG C 268 24.26 -0.47 13.12
N ALA C 269 23.85 0.33 12.15
CA ALA C 269 23.90 1.78 12.27
C ALA C 269 22.54 2.38 11.94
N VAL C 270 22.33 3.61 12.41
CA VAL C 270 21.15 4.40 12.08
C VAL C 270 21.62 5.64 11.35
N ILE C 271 21.08 5.86 10.16
CA ILE C 271 21.60 6.86 9.22
C ILE C 271 20.51 7.88 8.95
N GLY C 272 20.88 9.16 9.05
CA GLY C 272 19.98 10.24 8.75
C GLY C 272 20.53 11.19 7.69
N THR C 273 20.01 12.40 7.64
CA THR C 273 20.45 13.36 6.63
C THR C 273 21.78 13.98 7.06
N PRO C 274 22.83 13.90 6.25
CA PRO C 274 24.08 14.56 6.61
C PRO C 274 23.90 16.06 6.73
N GLY C 275 24.56 16.65 7.73
CA GLY C 275 24.46 18.06 7.97
C GLY C 275 23.23 18.50 8.76
N ALA C 276 22.35 17.57 9.11
CA ALA C 276 21.19 17.92 9.92
C ALA C 276 21.61 18.23 11.35
N LYS C 277 20.87 19.15 11.97
CA LYS C 277 21.22 19.68 13.28
C LYS C 277 20.40 18.99 14.36
N VAL C 278 21.07 18.39 15.33
CA VAL C 278 20.39 17.72 16.43
C VAL C 278 19.80 18.77 17.36
N ILE C 279 18.53 18.62 17.71
CA ILE C 279 17.84 19.62 18.52
C ILE C 279 17.27 19.07 19.82
N ASP C 280 17.19 17.74 19.99
CA ASP C 280 16.63 17.19 21.22
C ASP C 280 17.13 15.78 21.42
N ILE C 281 17.25 15.38 22.69
CA ILE C 281 17.71 14.04 23.06
C ILE C 281 16.93 13.60 24.29
N ASP C 282 16.43 12.36 24.26
CA ASP C 282 15.75 11.75 25.40
C ASP C 282 16.36 10.38 25.66
N ILE C 283 16.68 10.09 26.91
CA ILE C 283 17.36 8.86 27.29
C ILE C 283 16.61 8.18 28.42
N TRP C 284 16.35 6.89 28.28
CA TRP C 284 15.76 6.07 29.33
C TRP C 284 16.79 5.04 29.79
N ARG C 285 16.95 4.91 31.10
CA ARG C 285 17.94 4.01 31.67
C ARG C 285 17.28 3.06 32.66
N ASP C 286 17.75 1.81 32.67
CA ASP C 286 17.33 0.81 33.63
C ASP C 286 18.43 0.67 34.69
N GLU C 287 18.20 1.23 35.87
CA GLU C 287 19.23 1.33 36.88
C GLU C 287 19.33 0.11 37.78
N ARG C 288 18.32 -0.77 37.79
CA ARG C 288 18.33 -1.94 38.67
C ARG C 288 18.96 -3.14 37.96
N VAL C 289 20.19 -2.95 37.50
CA VAL C 289 20.95 -4.01 36.86
C VAL C 289 22.25 -4.18 37.66
N ASN C 290 22.54 -5.42 38.06
CA ASN C 290 23.71 -5.72 38.87
C ASN C 290 24.43 -6.92 38.27
N PRO C 291 25.56 -6.71 37.59
CA PRO C 291 26.17 -5.42 37.25
C PRO C 291 25.73 -4.95 35.86
N SER C 292 25.97 -3.68 35.53
CA SER C 292 25.58 -3.19 34.22
C SER C 292 26.44 -3.84 33.14
N PRO C 293 25.84 -4.30 32.04
CA PRO C 293 26.62 -4.91 30.97
C PRO C 293 27.41 -3.92 30.13
N THR C 294 27.31 -2.63 30.39
CA THR C 294 28.06 -1.64 29.64
C THR C 294 29.50 -1.62 30.12
N PRO C 295 30.48 -1.72 29.20
CA PRO C 295 31.88 -1.59 29.60
C PRO C 295 32.18 -0.20 30.15
N THR C 296 33.17 -0.12 31.02
CA THR C 296 33.49 1.15 31.66
C THR C 296 34.04 2.14 30.64
N GLY C 297 33.70 3.42 30.83
CA GLY C 297 34.19 4.46 29.94
C GLY C 297 33.39 4.65 28.67
N MET C 298 32.26 3.95 28.53
CA MET C 298 31.44 4.05 27.33
C MET C 298 30.10 4.72 27.58
N ASP C 299 29.95 5.40 28.71
CA ASP C 299 28.64 5.94 29.07
C ASP C 299 28.71 7.36 29.62
N ALA C 300 29.82 8.08 29.39
CA ALA C 300 29.92 9.44 29.91
C ALA C 300 28.85 10.33 29.28
N GLN C 301 28.68 10.26 27.96
CA GLN C 301 27.65 11.07 27.30
C GLN C 301 26.25 10.60 27.69
N LEU C 302 26.06 9.28 27.81
CA LEU C 302 24.75 8.76 28.18
C LEU C 302 24.35 9.23 29.57
N VAL C 303 25.29 9.20 30.51
CA VAL C 303 24.98 9.57 31.89
C VAL C 303 24.69 11.06 31.99
N LYS C 304 25.40 11.87 31.20
CA LYS C 304 25.24 13.32 31.29
C LYS C 304 23.82 13.75 30.96
N TYR C 305 23.25 13.20 29.89
CA TYR C 305 21.89 13.57 29.50
C TYR C 305 20.86 12.93 30.42
N HIS C 306 21.12 11.71 30.88
CA HIS C 306 20.18 11.04 31.76
C HIS C 306 20.08 11.74 33.11
N THR C 307 21.22 12.21 33.63
CA THR C 307 21.22 12.89 34.92
C THR C 307 20.39 14.16 34.89
N HIS C 308 20.54 14.97 33.83
CA HIS C 308 19.74 16.18 33.71
C HIS C 308 18.26 15.83 33.50
N LEU C 309 17.98 14.80 32.72
CA LEU C 309 16.59 14.41 32.49
C LEU C 309 15.94 13.91 33.76
N SER C 310 16.68 13.15 34.58
CA SER C 310 16.13 12.67 35.83
C SER C 310 15.80 13.82 36.77
N SER C 311 16.63 14.85 36.79
CA SER C 311 16.36 16.01 37.63
C SER C 311 15.09 16.72 37.19
N TYR C 312 14.85 16.79 35.88
CA TYR C 312 13.64 17.43 35.38
C TYR C 312 12.39 16.69 35.81
N TYR C 313 12.41 15.36 35.74
CA TYR C 313 11.25 14.58 36.14
C TYR C 313 11.11 14.53 37.66
N ARG C 314 12.23 14.55 38.38
CA ARG C 314 12.17 14.53 39.84
C ARG C 314 11.49 15.78 40.37
N GLU C 315 11.78 16.94 39.78
CA GLU C 315 11.16 18.18 40.23
C GLU C 315 9.66 18.17 39.95
N LEU C 316 9.25 17.61 38.82
CA LEU C 316 7.84 17.54 38.49
C LEU C 316 7.07 16.73 39.54
N LEU C 317 7.62 15.58 39.92
CA LEU C 317 6.98 14.76 40.93
C LEU C 317 6.99 15.45 42.29
N LYS C 318 8.06 16.19 42.60
CA LYS C 318 8.12 16.90 43.86
C LYS C 318 7.05 17.99 43.93
N ILE C 319 6.80 18.68 42.82
CA ILE C 319 5.82 19.76 42.80
C ILE C 319 4.43 19.20 43.09
N TYR C 320 4.08 18.08 42.46
CA TYR C 320 2.75 17.51 42.67
C TYR C 320 2.55 17.07 44.12
N ARG C 321 3.57 16.43 44.71
CA ARG C 321 3.43 15.95 46.07
C ARG C 321 3.25 17.10 47.04
N GLY C 322 3.92 18.23 46.81
CA GLY C 322 3.68 19.40 47.62
C GLY C 322 2.27 19.92 47.48
N LEU C 323 1.74 19.92 46.26
CA LEU C 323 0.37 20.36 46.04
C LEU C 323 -0.62 19.42 46.71
N LEU C 324 -0.36 18.12 46.65
CA LEU C 324 -1.27 17.15 47.25
C LEU C 324 -1.30 17.29 48.77
N ALA C 325 -0.17 17.65 49.37
CA ALA C 325 -0.13 17.83 50.82
C ALA C 325 -0.97 19.02 51.26
N ARG C 326 -0.92 20.12 50.51
CA ARG C 326 -1.63 21.33 50.92
C ARG C 326 -3.12 21.23 50.63
N ARG C 327 -3.51 20.53 49.57
CA ARG C 327 -4.89 20.57 49.09
C ARG C 327 -5.54 19.20 49.14
N LYS C 328 -5.42 18.51 50.28
CA LYS C 328 -5.99 17.18 50.45
C LYS C 328 -7.44 17.15 50.01
N ASP C 329 -7.71 16.34 48.97
CA ASP C 329 -9.05 16.12 48.43
C ASP C 329 -9.64 17.37 47.78
N ASP C 330 -8.89 18.48 47.80
CA ASP C 330 -9.31 19.70 47.13
C ASP C 330 -8.45 20.00 45.91
N LEU C 331 -7.59 19.08 45.51
CA LEU C 331 -6.67 19.30 44.39
C LEU C 331 -7.30 18.76 43.12
N HIS C 332 -7.50 19.64 42.14
CA HIS C 332 -8.01 19.28 40.83
C HIS C 332 -6.94 19.56 39.80
N ILE C 333 -6.65 18.58 38.96
CA ILE C 333 -5.62 18.70 37.93
C ILE C 333 -6.22 18.30 36.59
N THR C 334 -5.68 18.90 35.53
CA THR C 334 -6.16 18.57 34.19
C THR C 334 -5.69 17.19 33.78
N GLU C 335 -6.29 16.67 32.71
CA GLU C 335 -5.94 15.33 32.23
C GLU C 335 -4.52 15.30 31.70
N GLU C 336 -4.04 16.43 31.17
CA GLU C 336 -2.66 16.49 30.67
C GLU C 336 -1.66 16.41 31.80
N PHE C 337 -1.92 17.13 32.90
CA PHE C 337 -1.02 17.08 34.05
C PHE C 337 -1.00 15.70 34.69
N GLU C 338 -2.17 15.05 34.73
CA GLU C 338 -2.25 13.72 35.34
C GLU C 338 -1.38 12.72 34.60
N ARG C 339 -1.40 12.76 33.27
CA ARG C 339 -0.58 11.83 32.50
C ARG C 339 0.90 12.17 32.60
N LEU C 340 1.23 13.45 32.80
CA LEU C 340 2.63 13.83 32.94
C LEU C 340 3.24 13.26 34.21
N ILE C 341 2.50 13.29 35.31
CA ILE C 341 3.01 12.75 36.57
C ILE C 341 3.19 11.23 36.45
N VAL C 342 2.30 10.57 35.72
CA VAL C 342 2.46 9.13 35.48
C VAL C 342 3.76 8.86 34.74
N THR C 343 4.09 9.71 33.77
CA THR C 343 5.34 9.54 33.03
C THR C 343 6.55 9.69 33.94
N ALA C 344 6.50 10.67 34.86
CA ALA C 344 7.62 10.89 35.76
C ALA C 344 7.88 9.68 36.64
N GLN C 345 6.82 9.06 37.15
CA GLN C 345 7.00 7.86 37.98
C GLN C 345 7.54 6.70 37.16
N MET C 346 7.14 6.61 35.89
CA MET C 346 7.70 5.57 35.02
C MET C 346 9.18 5.81 34.75
N PHE C 347 9.62 7.06 34.84
CA PHE C 347 11.01 7.39 34.53
C PHE C 347 11.92 7.22 35.74
N LEU C 348 11.48 7.70 36.90
CA LEU C 348 12.31 7.67 38.09
C LEU C 348 12.46 6.24 38.61
N PRO C 349 13.54 5.96 39.35
CA PRO C 349 13.71 4.62 39.92
C PRO C 349 12.66 4.32 40.98
N GLN C 350 12.34 3.04 41.11
CA GLN C 350 11.39 2.56 42.11
C GLN C 350 12.09 2.34 43.45
N PRO C 351 11.36 2.48 44.56
CA PRO C 351 11.95 2.17 45.87
C PRO C 351 12.38 0.72 45.94
N ASP C 352 13.43 0.46 46.74
CA ASP C 352 14.00 -0.87 46.83
C ASP C 352 13.04 -1.89 47.43
N ASN C 353 12.00 -1.44 48.13
CA ASN C 353 11.07 -2.36 48.75
C ASN C 353 10.18 -3.09 47.75
N VAL C 354 10.06 -2.56 46.54
CA VAL C 354 9.10 -3.08 45.57
C VAL C 354 9.86 -3.59 44.34
N ARG C 355 9.15 -4.37 43.53
CA ARG C 355 9.74 -4.94 42.32
C ARG C 355 9.97 -3.85 41.27
N LYS C 356 11.03 -4.02 40.49
CA LYS C 356 11.38 -3.06 39.46
C LYS C 356 10.42 -3.15 38.28
N LEU C 357 10.40 -2.09 37.48
CA LEU C 357 9.56 -2.02 36.29
C LEU C 357 10.24 -2.67 35.10
N SER C 358 9.46 -3.36 34.28
CA SER C 358 9.91 -3.88 32.99
C SER C 358 9.31 -2.97 31.93
N ARG C 359 10.12 -2.05 31.42
CA ARG C 359 9.62 -1.02 30.51
C ARG C 359 9.47 -1.57 29.10
N PHE C 360 8.39 -1.16 28.43
CA PHE C 360 8.07 -1.59 27.08
C PHE C 360 7.67 -0.39 26.25
N TYR C 361 7.86 -0.51 24.93
CA TYR C 361 7.36 0.46 23.96
C TYR C 361 6.56 -0.32 22.92
N ARG C 362 5.26 -0.47 23.16
CA ARG C 362 4.36 -1.16 22.26
C ARG C 362 4.85 -2.58 21.97
N LEU C 363 4.87 -3.40 23.02
CA LEU C 363 5.28 -4.79 22.97
C LEU C 363 6.75 -4.97 22.61
N ASP C 364 7.54 -3.91 22.73
CA ASP C 364 8.98 -3.99 22.50
C ASP C 364 9.70 -3.77 23.83
N PRO C 365 10.46 -4.74 24.34
CA PRO C 365 11.10 -4.55 25.64
C PRO C 365 12.32 -3.65 25.53
N LEU C 366 12.40 -2.68 26.43
CA LEU C 366 13.55 -1.79 26.49
C LEU C 366 14.76 -2.52 27.06
N ASP C 367 15.93 -2.15 26.56
CA ASP C 367 17.19 -2.64 27.09
C ASP C 367 17.66 -1.68 28.19
N GLU C 368 18.93 -1.79 28.60
CA GLU C 368 19.44 -0.91 29.65
C GLU C 368 19.36 0.55 29.23
N TRP C 369 19.72 0.84 27.98
CA TRP C 369 19.72 2.20 27.47
C TRP C 369 18.79 2.31 26.27
N ARG C 370 18.02 3.40 26.22
CA ARG C 370 17.25 3.76 25.05
C ARG C 370 17.48 5.24 24.76
N VAL C 371 17.95 5.55 23.55
CA VAL C 371 18.32 6.91 23.17
C VAL C 371 17.47 7.32 21.98
N GLU C 372 16.90 8.52 22.06
CA GLU C 372 16.12 9.10 20.98
C GLU C 372 16.72 10.45 20.61
N VAL C 373 17.05 10.62 19.34
CA VAL C 373 17.70 11.83 18.84
C VAL C 373 16.82 12.46 17.78
N THR C 374 16.50 13.74 17.95
CA THR C 374 15.69 14.50 17.01
C THR C 374 16.57 15.48 16.26
N TYR C 375 16.45 15.48 14.94
CA TYR C 375 17.24 16.38 14.09
C TYR C 375 16.34 16.98 13.03
N LYS C 376 16.75 18.14 12.53
CA LYS C 376 16.03 18.84 11.48
C LYS C 376 16.94 19.08 10.29
N ALA C 377 16.39 18.94 9.09
CA ALA C 377 17.13 19.17 7.86
C ALA C 377 16.29 20.02 6.92
N GLN C 378 16.96 20.91 6.19
CA GLN C 378 16.31 21.74 5.19
C GLN C 378 16.61 21.17 3.81
N LYS C 379 15.57 21.00 3.01
CA LYS C 379 15.67 20.35 1.71
C LYS C 379 15.73 21.40 0.61
N MET C 380 16.65 21.21 -0.33
CA MET C 380 16.73 22.10 -1.48
C MET C 380 16.00 21.43 -2.64
N PRO C 381 14.90 22.00 -3.12
CA PRO C 381 14.18 21.39 -4.25
C PRO C 381 15.01 21.45 -5.52
N ALA C 382 15.28 20.29 -6.11
CA ALA C 382 16.00 20.23 -7.37
C ALA C 382 15.65 18.91 -8.06
N GLY C 383 14.75 18.96 -9.02
CA GLY C 383 14.41 17.78 -9.79
C GLY C 383 13.41 16.88 -9.08
N ALA C 384 12.38 16.45 -9.81
CA ALA C 384 11.34 15.53 -9.35
C ALA C 384 10.45 16.12 -8.27
N PHE C 385 10.70 17.34 -7.80
CA PHE C 385 9.80 17.97 -6.85
C PHE C 385 8.52 18.39 -7.56
N LYS C 386 7.43 18.42 -6.80
CA LYS C 386 6.11 18.72 -7.34
C LYS C 386 5.69 20.12 -6.95
N MET C 387 5.04 20.81 -7.89
CA MET C 387 4.55 22.16 -7.66
C MET C 387 3.17 22.29 -8.30
N THR C 388 2.44 23.30 -7.87
CA THR C 388 1.15 23.61 -8.46
C THR C 388 0.79 25.04 -8.13
N ASP C 389 -0.02 25.64 -9.00
CA ASP C 389 -0.58 26.95 -8.72
C ASP C 389 -1.87 26.77 -7.92
N PHE C 390 -2.59 27.85 -7.67
CA PHE C 390 -3.85 27.79 -6.94
C PHE C 390 -5.03 27.60 -7.87
N HIS C 391 -4.79 26.98 -9.03
CA HIS C 391 -5.84 26.72 -10.01
C HIS C 391 -5.84 25.28 -10.48
N GLY C 392 -5.20 24.36 -9.76
CA GLY C 392 -5.18 22.97 -10.14
C GLY C 392 -4.11 22.58 -11.13
N GLY C 393 -3.25 23.51 -11.55
CA GLY C 393 -2.23 23.21 -12.52
C GLY C 393 -1.01 22.51 -11.95
N LYS C 394 -1.16 21.24 -11.59
CA LYS C 394 -0.05 20.49 -11.01
C LYS C 394 1.06 20.30 -12.02
N GLY C 395 2.30 20.30 -11.53
CA GLY C 395 3.45 20.11 -12.39
C GLY C 395 4.63 19.55 -11.61
N VAL C 396 5.65 19.15 -12.35
CA VAL C 396 6.86 18.56 -11.80
C VAL C 396 8.06 19.31 -12.33
N ILE C 397 9.00 19.65 -11.45
CA ILE C 397 10.22 20.32 -11.87
C ILE C 397 11.07 19.34 -12.67
N CYS C 398 11.27 19.66 -13.95
CA CYS C 398 12.02 18.78 -14.84
C CYS C 398 13.34 19.37 -15.30
N LYS C 399 13.60 20.65 -15.04
CA LYS C 399 14.84 21.27 -15.46
C LYS C 399 15.10 22.48 -14.58
N VAL C 400 16.36 22.65 -14.19
CA VAL C 400 16.79 23.78 -13.37
C VAL C 400 17.85 24.55 -14.14
N MET C 401 17.65 25.86 -14.26
CA MET C 401 18.57 26.72 -14.99
C MET C 401 19.15 27.78 -14.06
N GLU C 402 20.32 28.27 -14.42
CA GLU C 402 20.92 29.37 -13.69
C GLU C 402 20.07 30.63 -13.85
N ASP C 403 20.19 31.53 -12.87
CA ASP C 403 19.41 32.77 -12.91
C ASP C 403 19.70 33.58 -14.16
N GLU C 404 20.95 33.57 -14.61
CA GLU C 404 21.35 34.36 -15.77
C GLU C 404 20.84 33.79 -17.08
N ASP C 405 20.31 32.57 -17.09
CA ASP C 405 19.87 31.92 -18.32
C ASP C 405 18.36 31.95 -18.49
N MET C 406 17.60 32.25 -17.44
CA MET C 406 16.16 32.25 -17.54
C MET C 406 15.68 33.43 -18.40
N PRO C 407 14.49 33.33 -18.98
CA PRO C 407 14.00 34.40 -19.85
C PRO C 407 13.91 35.73 -19.10
N ILE C 408 14.23 36.81 -19.81
CA ILE C 408 14.17 38.15 -19.27
C ILE C 408 13.53 39.05 -20.31
N ASP C 409 12.61 39.91 -19.87
CA ASP C 409 11.89 40.78 -20.78
C ASP C 409 12.68 42.07 -20.98
N GLU C 410 12.10 43.03 -21.71
CA GLU C 410 12.80 44.26 -22.03
C GLU C 410 12.86 45.22 -20.85
N ASN C 411 12.04 45.03 -19.83
CA ASN C 411 12.04 45.88 -18.65
C ASN C 411 12.90 45.31 -17.52
N GLY C 412 13.54 44.17 -17.73
CA GLY C 412 14.44 43.60 -16.75
C GLY C 412 13.84 42.58 -15.81
N ASN C 413 12.58 42.20 -16.00
CA ASN C 413 11.98 41.18 -15.16
C ASN C 413 12.48 39.81 -15.56
N ARG C 414 12.92 39.02 -14.57
CA ARG C 414 13.45 37.69 -14.79
C ARG C 414 12.42 36.66 -14.36
N ALA C 415 12.20 35.66 -15.21
CA ALA C 415 11.19 34.66 -14.93
C ALA C 415 11.68 33.66 -13.89
N ASP C 416 10.75 33.20 -13.05
CA ASP C 416 11.03 32.14 -12.10
C ASP C 416 10.62 30.77 -12.59
N LEU C 417 9.67 30.70 -13.53
CA LEU C 417 9.20 29.42 -14.04
C LEU C 417 8.79 29.58 -15.49
N ILE C 418 8.83 28.46 -16.23
CA ILE C 418 8.31 28.39 -17.59
C ILE C 418 7.28 27.26 -17.60
N ILE C 419 6.06 27.60 -18.01
CA ILE C 419 4.94 26.67 -17.98
C ILE C 419 4.31 26.63 -19.37
N PHE C 420 3.99 25.44 -19.85
CA PHE C 420 3.30 25.31 -21.12
C PHE C 420 1.88 25.84 -21.00
N GLY C 421 1.50 26.75 -21.90
CA GLY C 421 0.21 27.39 -21.81
C GLY C 421 -0.90 26.63 -22.50
N GLY C 422 -0.54 25.71 -23.39
CA GLY C 422 -1.55 25.00 -24.15
C GLY C 422 -2.46 24.15 -23.29
N SER C 423 -1.94 23.61 -22.19
CA SER C 423 -2.73 22.74 -21.33
C SER C 423 -3.86 23.49 -20.64
N THR C 424 -3.78 24.82 -20.56
CA THR C 424 -4.84 25.60 -19.94
C THR C 424 -6.15 25.43 -20.71
N MET C 425 -6.08 25.43 -22.04
CA MET C 425 -7.27 25.28 -22.86
C MET C 425 -7.87 23.88 -22.76
N ARG C 426 -7.03 22.86 -22.59
CA ARG C 426 -7.52 21.49 -22.49
C ARG C 426 -8.06 21.13 -21.11
N ARG C 427 -7.77 21.93 -20.10
CA ARG C 427 -8.28 21.69 -18.76
C ARG C 427 -9.26 22.76 -18.28
N SER C 428 -9.37 23.88 -19.00
CA SER C 428 -10.33 24.94 -18.70
C SER C 428 -10.19 25.44 -17.26
N ASN C 429 -8.96 25.80 -16.90
CA ASN C 429 -8.68 26.50 -15.64
C ASN C 429 -8.21 27.90 -16.05
N TYR C 430 -9.17 28.80 -16.27
CA TYR C 430 -8.87 30.12 -16.79
C TYR C 430 -8.61 31.14 -15.70
N GLY C 431 -8.78 30.79 -14.43
CA GLY C 431 -8.30 31.66 -13.37
C GLY C 431 -6.80 31.83 -13.43
N ARG C 432 -6.11 30.86 -14.03
CA ARG C 432 -4.69 30.99 -14.35
C ARG C 432 -4.43 32.23 -15.20
N ILE C 433 -5.26 32.45 -16.22
CA ILE C 433 -5.06 33.56 -17.14
C ILE C 433 -5.25 34.89 -16.45
N TYR C 434 -6.29 35.01 -15.63
CA TYR C 434 -6.62 36.31 -15.05
C TYR C 434 -5.60 36.75 -14.02
N GLU C 435 -5.15 35.83 -13.16
CA GLU C 435 -4.12 36.18 -12.19
C GLU C 435 -2.83 36.56 -12.89
N HIS C 436 -2.44 35.79 -13.90
CA HIS C 436 -1.27 36.12 -14.69
C HIS C 436 -1.44 37.46 -15.40
N GLY C 437 -2.55 37.62 -16.12
CA GLY C 437 -2.75 38.84 -16.89
C GLY C 437 -2.94 40.07 -16.03
N PHE C 438 -3.77 39.98 -14.99
CA PHE C 438 -4.00 41.14 -14.14
C PHE C 438 -2.77 41.46 -13.30
N GLY C 439 -2.06 40.45 -12.83
CA GLY C 439 -0.85 40.68 -12.04
C GLY C 439 0.22 41.39 -12.84
N ALA C 440 0.35 41.06 -14.12
CA ALA C 440 1.32 41.73 -14.97
C ALA C 440 1.02 43.22 -15.08
N ALA C 441 -0.25 43.56 -15.27
CA ALA C 441 -0.63 44.97 -15.33
C ALA C 441 -0.39 45.66 -14.00
N ALA C 442 -0.74 45.01 -12.89
CA ALA C 442 -0.54 45.61 -11.58
C ALA C 442 0.93 45.82 -11.28
N ARG C 443 1.77 44.82 -11.60
CA ARG C 443 3.20 44.95 -11.34
C ARG C 443 3.81 46.08 -12.16
N ASP C 444 3.42 46.19 -13.43
CA ASP C 444 3.97 47.22 -14.28
C ASP C 444 3.59 48.61 -13.82
N LEU C 445 2.37 48.76 -13.29
CA LEU C 445 1.93 50.06 -12.80
C LEU C 445 2.78 50.52 -11.62
N ALA C 446 3.06 49.63 -10.67
CA ALA C 446 3.88 49.99 -9.53
C ALA C 446 5.30 50.32 -9.96
N GLN C 447 5.85 49.56 -10.91
CA GLN C 447 7.20 49.85 -11.39
C GLN C 447 7.24 51.16 -12.16
N ARG C 448 6.18 51.48 -12.90
CA ARG C 448 6.14 52.74 -13.63
C ARG C 448 6.17 53.92 -12.67
N LEU C 449 5.43 53.85 -11.56
CA LEU C 449 5.46 54.92 -10.58
C LEU C 449 6.81 55.01 -9.90
N ARG C 450 7.50 53.87 -9.75
CA ARG C 450 8.84 53.88 -9.18
C ARG C 450 9.80 54.70 -10.04
N VAL C 451 9.75 54.49 -11.36
CA VAL C 451 10.65 55.20 -12.26
C VAL C 451 10.28 56.67 -12.32
N GLU C 452 8.98 56.98 -12.36
CA GLU C 452 8.54 58.36 -12.42
C GLU C 452 8.97 59.14 -11.18
N ALA C 453 9.07 58.46 -10.03
CA ALA C 453 9.54 59.12 -8.82
C ALA C 453 11.05 59.26 -8.78
N GLY C 454 11.76 58.58 -9.69
CA GLY C 454 13.21 58.65 -9.73
C GLY C 454 13.93 57.51 -9.04
N LEU C 455 13.22 56.48 -8.60
CA LEU C 455 13.85 55.34 -7.95
C LEU C 455 14.19 54.26 -8.96
N ASP C 456 14.99 53.29 -8.52
CA ASP C 456 15.28 52.11 -9.32
C ASP C 456 14.05 51.21 -9.36
N ARG C 457 13.71 50.73 -10.55
CA ARG C 457 12.47 49.96 -10.72
C ARG C 457 12.55 48.57 -10.12
N HIS C 458 13.74 48.07 -9.81
CA HIS C 458 13.89 46.72 -9.28
C HIS C 458 14.38 46.69 -7.84
N ALA C 459 15.35 47.52 -7.49
CA ALA C 459 15.87 47.53 -6.13
C ALA C 459 14.84 48.08 -5.16
N LYS C 460 14.83 47.54 -3.95
CA LYS C 460 13.93 48.03 -2.92
C LYS C 460 14.40 49.38 -2.42
N PRO C 461 13.56 50.41 -2.43
CA PRO C 461 14.02 51.74 -2.00
C PRO C 461 14.32 51.80 -0.52
N THR C 462 15.20 52.73 -0.16
CA THR C 462 15.55 52.95 1.24
C THR C 462 14.69 54.06 1.84
N GLN C 463 14.82 54.25 3.14
CA GLN C 463 14.03 55.27 3.83
C GLN C 463 14.36 56.66 3.35
N GLN C 464 15.65 56.95 3.12
CA GLN C 464 16.05 58.27 2.68
C GLN C 464 15.44 58.61 1.31
N GLN C 465 15.47 57.65 0.38
CA GLN C 465 14.89 57.89 -0.93
C GLN C 465 13.38 58.12 -0.84
N LEU C 466 12.69 57.31 -0.02
CA LEU C 466 11.25 57.46 0.11
C LEU C 466 10.88 58.79 0.74
N ASN C 467 11.65 59.23 1.73
CA ASN C 467 11.35 60.50 2.39
C ASN C 467 11.44 61.66 1.42
N SER C 468 12.46 61.66 0.57
CA SER C 468 12.57 62.71 -0.44
C SER C 468 11.44 62.63 -1.44
N VAL C 469 11.04 61.42 -1.84
CA VAL C 469 9.96 61.26 -2.80
C VAL C 469 8.64 61.79 -2.22
N MET C 470 8.36 61.45 -0.96
CA MET C 470 7.14 61.89 -0.31
C MET C 470 7.09 63.40 -0.11
N GLY C 471 8.21 64.11 -0.27
CA GLY C 471 8.20 65.55 -0.10
C GLY C 471 7.31 66.25 -1.10
N ASN C 472 7.37 65.82 -2.37
CA ASN C 472 6.55 66.43 -3.40
C ASN C 472 5.12 65.94 -3.27
N THR C 473 4.19 66.88 -3.12
CA THR C 473 2.78 66.57 -2.88
C THR C 473 1.99 66.37 -4.17
N GLN C 474 2.28 67.14 -5.22
CA GLN C 474 1.55 66.99 -6.47
C GLN C 474 1.74 65.60 -7.06
N TRP C 475 2.99 65.11 -7.06
CA TRP C 475 3.23 63.77 -7.59
C TRP C 475 2.57 62.71 -6.73
N VAL C 476 2.56 62.91 -5.40
CA VAL C 476 1.90 61.96 -4.52
C VAL C 476 0.41 61.91 -4.81
N ASP C 477 -0.22 63.08 -4.97
CA ASP C 477 -1.64 63.11 -5.32
C ASP C 477 -1.89 62.48 -6.68
N TYR C 478 -1.03 62.77 -7.65
CA TYR C 478 -1.17 62.17 -8.98
C TYR C 478 -1.01 60.65 -8.92
N ALA C 479 -0.04 60.18 -8.12
CA ALA C 479 0.19 58.74 -8.01
C ALA C 479 -1.03 58.04 -7.42
N PHE C 480 -1.67 58.65 -6.44
CA PHE C 480 -2.84 58.03 -5.80
C PHE C 480 -3.98 57.87 -6.80
N LYS C 481 -4.21 58.88 -7.65
CA LYS C 481 -5.28 58.79 -8.63
C LYS C 481 -5.02 57.68 -9.63
N GLU C 482 -3.76 57.51 -10.04
CA GLU C 482 -3.41 56.44 -10.96
C GLU C 482 -3.73 55.08 -10.36
N LEU C 483 -3.42 54.90 -9.07
CA LEU C 483 -3.76 53.65 -8.41
C LEU C 483 -5.27 53.46 -8.33
N LEU C 484 -6.01 54.52 -8.05
CA LEU C 484 -7.47 54.42 -7.98
C LEU C 484 -8.05 54.08 -9.34
N GLY C 485 -7.51 54.66 -10.42
CA GLY C 485 -8.01 54.35 -11.74
C GLY C 485 -7.83 52.89 -12.11
N PHE C 486 -6.71 52.30 -11.71
CA PHE C 486 -6.51 50.87 -11.93
C PHE C 486 -7.47 50.04 -11.09
N TYR C 487 -7.74 50.49 -9.86
CA TYR C 487 -8.68 49.76 -9.01
C TYR C 487 -10.08 49.75 -9.62
N GLU C 488 -10.46 50.84 -10.27
CA GLU C 488 -11.80 50.92 -10.85
C GLU C 488 -12.01 49.85 -11.92
N ILE C 489 -10.96 49.47 -12.63
CA ILE C 489 -11.06 48.49 -13.71
C ILE C 489 -11.04 47.07 -13.16
N ILE C 490 -10.07 46.78 -12.29
CA ILE C 490 -9.82 45.39 -11.90
C ILE C 490 -10.60 44.99 -10.65
N ALA C 491 -10.93 45.93 -9.77
CA ALA C 491 -11.57 45.55 -8.51
C ALA C 491 -12.57 46.60 -8.06
N PRO C 492 -13.86 46.44 -8.39
CA PRO C 492 -14.85 47.47 -8.04
C PRO C 492 -15.06 47.63 -6.54
N THR C 493 -15.19 46.51 -5.82
CA THR C 493 -15.40 46.60 -4.37
C THR C 493 -14.23 47.24 -3.68
N MET C 494 -13.01 46.87 -4.08
CA MET C 494 -11.82 47.50 -3.52
C MET C 494 -11.78 48.98 -3.85
N HIS C 495 -12.24 49.35 -5.04
CA HIS C 495 -12.20 50.75 -5.46
C HIS C 495 -13.06 51.63 -4.55
N SER C 496 -14.25 51.15 -4.19
CA SER C 496 -15.14 51.96 -3.35
C SER C 496 -14.56 52.17 -1.97
N LYS C 497 -13.94 51.14 -1.40
CA LYS C 497 -13.31 51.28 -0.09
C LYS C 497 -12.11 52.21 -0.13
N MET C 498 -11.37 52.21 -1.24
CA MET C 498 -10.16 53.01 -1.38
C MET C 498 -10.43 54.46 -1.71
N MET C 499 -11.68 54.83 -2.01
CA MET C 499 -11.98 56.23 -2.30
C MET C 499 -11.68 57.13 -1.12
N GLU C 500 -12.04 56.68 0.08
CA GLU C 500 -11.96 57.49 1.30
C GLU C 500 -10.79 57.10 2.19
N HIS C 501 -9.64 56.79 1.59
CA HIS C 501 -8.46 56.47 2.37
C HIS C 501 -8.09 57.67 3.24
N PRO C 502 -7.95 57.49 4.56
CA PRO C 502 -7.63 58.64 5.42
C PRO C 502 -6.30 59.29 5.10
N ASN C 503 -5.29 58.50 4.74
CA ASN C 503 -3.96 59.00 4.43
C ASN C 503 -3.53 58.44 3.09
N PRO C 504 -3.85 59.12 1.99
CA PRO C 504 -3.44 58.62 0.67
C PRO C 504 -1.95 58.49 0.50
N ALA C 505 -1.15 59.34 1.16
CA ALA C 505 0.29 59.28 1.00
C ALA C 505 0.84 57.95 1.53
N GLU C 506 0.29 57.46 2.64
CA GLU C 506 0.76 56.19 3.19
C GLU C 506 0.51 55.04 2.22
N HIS C 507 -0.64 55.05 1.54
CA HIS C 507 -0.93 54.00 0.57
C HIS C 507 0.08 54.02 -0.57
N VAL C 508 0.42 55.21 -1.06
CA VAL C 508 1.41 55.31 -2.14
C VAL C 508 2.77 54.85 -1.65
N LYS C 509 3.15 55.24 -0.43
CA LYS C 509 4.45 54.85 0.10
C LYS C 509 4.57 53.34 0.24
N THR C 510 3.49 52.68 0.69
CA THR C 510 3.50 51.23 0.81
C THR C 510 3.67 50.57 -0.56
N VAL C 511 3.00 51.11 -1.58
CA VAL C 511 3.06 50.51 -2.91
C VAL C 511 4.47 50.60 -3.47
N LEU C 512 5.09 51.77 -3.36
CA LEU C 512 6.45 51.94 -3.89
C LEU C 512 7.44 51.03 -3.17
N MET C 513 7.31 50.91 -1.84
CA MET C 513 8.22 50.05 -1.10
C MET C 513 8.01 48.59 -1.46
N ASP C 514 6.76 48.13 -1.48
CA ASP C 514 6.48 46.75 -1.83
C ASP C 514 6.75 46.47 -3.30
N GLY C 515 6.57 47.48 -4.16
CA GLY C 515 6.69 47.27 -5.59
C GLY C 515 5.52 46.58 -6.22
N PHE C 516 4.37 46.54 -5.55
CA PHE C 516 3.18 45.87 -6.06
C PHE C 516 1.95 46.35 -5.30
N PRO C 517 0.89 46.75 -5.98
CA PRO C 517 -0.35 47.11 -5.28
C PRO C 517 -1.18 45.88 -4.96
N TYR C 518 -1.33 45.56 -3.68
CA TYR C 518 -2.12 44.40 -3.30
C TYR C 518 -3.60 44.65 -3.58
N ILE C 519 -4.26 43.66 -4.17
CA ILE C 519 -5.60 43.82 -4.71
C ILE C 519 -6.56 42.95 -3.90
N TYR C 520 -7.64 43.58 -3.42
CA TYR C 520 -8.71 42.85 -2.75
C TYR C 520 -9.73 42.42 -3.80
N ALA C 521 -9.91 41.10 -3.95
CA ALA C 521 -10.79 40.54 -4.98
C ALA C 521 -11.74 39.54 -4.32
N PRO C 522 -12.84 40.02 -3.76
CA PRO C 522 -13.81 39.10 -3.14
C PRO C 522 -14.47 38.21 -4.17
N VAL C 523 -14.94 37.05 -3.71
CA VAL C 523 -15.51 36.06 -4.64
C VAL C 523 -16.77 36.61 -5.31
N ASP C 524 -17.52 37.46 -4.63
CA ASP C 524 -18.74 38.04 -5.18
C ASP C 524 -18.53 39.42 -5.78
N ASP C 525 -17.34 39.66 -6.34
CA ASP C 525 -17.05 40.96 -6.93
C ASP C 525 -17.89 41.16 -8.18
N PRO C 526 -18.64 42.25 -8.29
CA PRO C 526 -19.47 42.49 -9.49
C PRO C 526 -18.70 43.16 -10.63
N VAL C 527 -17.87 42.37 -11.30
CA VAL C 527 -17.03 42.86 -12.39
C VAL C 527 -17.14 41.90 -13.56
N ASP C 528 -17.30 42.45 -14.75
CA ASP C 528 -17.23 41.66 -15.99
C ASP C 528 -15.77 41.44 -16.33
N LEU C 529 -15.33 40.19 -16.30
CA LEU C 529 -13.90 39.91 -16.38
C LEU C 529 -13.34 40.28 -17.75
N MET C 530 -13.98 39.82 -18.82
CA MET C 530 -13.44 40.10 -20.16
C MET C 530 -13.61 41.57 -20.52
N ALA C 531 -14.61 42.24 -19.96
CA ALA C 531 -14.73 43.68 -20.16
C ALA C 531 -13.57 44.41 -19.49
N ALA C 532 -13.11 43.90 -18.34
CA ALA C 532 -11.93 44.49 -17.69
C ALA C 532 -10.67 44.20 -18.49
N VAL C 533 -10.56 43.00 -19.06
CA VAL C 533 -9.40 42.66 -19.88
C VAL C 533 -9.32 43.57 -21.09
N ASN C 534 -10.46 43.80 -21.75
CA ASN C 534 -10.48 44.65 -22.93
C ASN C 534 -10.09 46.09 -22.58
N LYS C 535 -10.49 46.56 -21.40
CA LYS C 535 -10.12 47.90 -20.98
C LYS C 535 -8.62 48.03 -20.82
N LEU C 536 -7.97 47.03 -20.21
CA LEU C 536 -6.54 47.10 -19.98
C LEU C 536 -5.76 47.12 -21.28
N ILE C 537 -6.18 46.32 -22.26
CA ILE C 537 -5.48 46.25 -23.54
C ILE C 537 -5.57 47.58 -24.28
N ASN C 538 -6.73 48.21 -24.26
CA ASN C 538 -6.97 49.44 -25.01
C ASN C 538 -6.64 50.69 -24.21
N SER C 539 -5.90 50.57 -23.13
CA SER C 539 -5.59 51.69 -22.25
C SER C 539 -4.17 52.18 -22.50
N ASP C 540 -3.99 53.50 -22.45
CA ASP C 540 -2.67 54.10 -22.55
C ASP C 540 -1.94 54.18 -21.23
N LYS C 541 -2.63 53.93 -20.12
CA LYS C 541 -2.03 54.00 -18.79
C LYS C 541 -1.68 52.63 -18.24
N TYR C 542 -2.60 51.69 -18.29
CA TYR C 542 -2.47 50.42 -17.58
C TYR C 542 -2.23 49.24 -18.51
N ARG C 543 -1.84 49.49 -19.75
CA ARG C 543 -1.52 48.39 -20.65
C ARG C 543 -0.23 47.74 -20.22
N PRO C 544 -0.22 46.45 -19.92
CA PRO C 544 1.03 45.79 -19.53
C PRO C 544 2.02 45.75 -20.69
N HIS C 545 3.30 45.73 -20.35
CA HIS C 545 4.33 45.65 -21.38
C HIS C 545 4.24 44.31 -22.10
N TYR C 546 4.23 44.36 -23.42
CA TYR C 546 4.02 43.19 -24.27
C TYR C 546 5.11 43.21 -25.34
N GLY C 547 6.20 42.48 -25.09
CA GLY C 547 7.30 42.45 -26.01
C GLY C 547 8.02 41.12 -26.04
N LYS C 548 9.20 41.09 -26.65
CA LYS C 548 9.96 39.86 -26.77
C LYS C 548 10.72 39.57 -25.48
N VAL C 549 11.22 38.35 -25.36
CA VAL C 549 12.05 37.94 -24.23
C VAL C 549 13.31 37.27 -24.78
N SER C 550 14.35 37.28 -23.96
CA SER C 550 15.63 36.69 -24.32
C SER C 550 16.03 35.65 -23.29
N TYR C 551 16.58 34.53 -23.77
CA TYR C 551 16.99 33.46 -22.88
C TYR C 551 18.05 32.63 -23.60
N ARG C 552 18.73 31.78 -22.84
CA ARG C 552 19.77 30.91 -23.35
C ARG C 552 19.19 29.51 -23.55
N ASP C 553 19.20 29.05 -24.80
CA ASP C 553 18.56 27.78 -25.13
C ASP C 553 19.41 26.61 -24.67
N GLN C 554 18.95 25.39 -24.99
CA GLN C 554 19.66 24.18 -24.58
C GLN C 554 20.96 23.97 -25.33
N ALA C 555 21.22 24.75 -26.37
CA ALA C 555 22.50 24.69 -27.08
C ALA C 555 23.50 25.73 -26.57
N GLY C 556 23.14 26.48 -25.53
CA GLY C 556 24.04 27.48 -24.99
C GLY C 556 24.07 28.78 -25.75
N LYS C 557 23.11 29.02 -26.62
CA LYS C 557 23.10 30.21 -27.46
C LYS C 557 22.09 31.22 -26.91
N TRP C 558 22.48 32.49 -26.87
CA TRP C 558 21.60 33.56 -26.43
C TRP C 558 20.67 33.95 -27.57
N VAL C 559 19.37 33.72 -27.40
CA VAL C 559 18.39 33.94 -28.45
C VAL C 559 17.29 34.87 -27.92
N THR C 560 16.51 35.41 -28.85
CA THR C 560 15.37 36.24 -28.54
C THR C 560 14.16 35.74 -29.32
N THR C 561 12.99 35.79 -28.69
CA THR C 561 11.79 35.23 -29.31
C THR C 561 11.24 36.15 -30.37
N LYS C 562 10.60 35.55 -31.38
CA LYS C 562 9.94 36.32 -32.42
C LYS C 562 8.61 36.89 -31.95
N ASP C 563 7.90 36.14 -31.12
CA ASP C 563 6.58 36.55 -30.64
C ASP C 563 6.70 37.39 -29.36
N ASN C 564 5.64 38.15 -29.09
CA ASN C 564 5.56 38.92 -27.85
C ASN C 564 5.14 38.00 -26.71
N VAL C 565 5.84 38.10 -25.59
CA VAL C 565 5.63 37.24 -24.43
C VAL C 565 5.35 38.12 -23.22
N LEU C 566 4.28 37.80 -22.49
CA LEU C 566 3.88 38.55 -21.31
C LEU C 566 4.29 37.78 -20.06
N MET C 567 4.86 38.49 -19.10
CA MET C 567 5.32 37.91 -17.84
C MET C 567 4.44 38.37 -16.70
N GLY C 568 3.91 37.42 -15.93
CA GLY C 568 3.05 37.73 -14.82
C GLY C 568 3.25 36.79 -13.65
N PRO C 569 2.68 37.13 -12.51
CA PRO C 569 2.88 36.33 -11.29
C PRO C 569 1.83 35.25 -11.12
N LEU C 570 2.24 34.19 -10.42
CA LEU C 570 1.35 33.10 -10.05
C LEU C 570 1.71 32.65 -8.65
N TYR C 571 0.70 32.37 -7.83
CA TYR C 571 0.93 31.84 -6.49
C TYR C 571 1.22 30.34 -6.58
N MET C 572 2.42 29.95 -6.17
CA MET C 572 2.86 28.56 -6.27
C MET C 572 3.07 27.97 -4.89
N MET C 573 2.81 26.67 -4.78
CA MET C 573 3.00 25.94 -3.52
C MET C 573 3.63 24.60 -3.81
N LEU C 574 4.47 24.15 -2.88
CA LEU C 574 5.12 22.85 -2.98
C LEU C 574 4.18 21.75 -2.50
N LEU C 575 4.35 20.56 -3.06
CA LEU C 575 3.56 19.41 -2.68
C LEU C 575 4.46 18.33 -2.09
N GLU C 576 3.87 17.46 -1.28
CA GLU C 576 4.61 16.42 -0.59
C GLU C 576 5.03 15.32 -1.57
N LYS C 577 5.60 14.23 -1.04
CA LYS C 577 6.14 13.14 -1.86
C LYS C 577 7.22 13.66 -2.80
N ILE C 578 8.34 14.10 -2.24
CA ILE C 578 9.42 14.71 -3.01
C ILE C 578 10.30 13.62 -3.60
N GLY C 579 9.86 12.36 -3.50
CA GLY C 579 10.62 11.26 -4.08
C GLY C 579 11.79 10.81 -3.26
N GLU C 580 11.75 11.00 -1.94
CA GLU C 580 12.85 10.63 -1.06
C GLU C 580 12.81 9.16 -0.66
N ASP C 581 11.77 8.43 -1.08
CA ASP C 581 11.63 7.02 -0.74
C ASP C 581 12.11 6.10 -1.86
N TRP C 582 13.14 6.51 -2.59
CA TRP C 582 13.71 5.67 -3.63
C TRP C 582 14.36 4.44 -3.01
N SER C 583 14.43 3.37 -3.80
CA SER C 583 15.01 2.11 -3.37
C SER C 583 16.01 1.62 -4.40
N ALA C 584 17.07 0.96 -3.93
CA ALA C 584 18.07 0.37 -4.81
C ALA C 584 18.90 -0.61 -4.00
N ALA C 585 19.07 -1.82 -4.51
CA ALA C 585 19.83 -2.84 -3.81
C ALA C 585 20.39 -3.84 -4.81
N ALA C 586 21.67 -4.19 -4.64
CA ALA C 586 22.30 -5.20 -5.47
C ALA C 586 22.16 -6.60 -4.86
N SER C 587 22.20 -6.70 -3.54
CA SER C 587 22.00 -7.95 -2.83
C SER C 587 21.20 -7.67 -1.57
N VAL C 588 20.24 -8.54 -1.28
CA VAL C 588 19.33 -8.35 -0.17
C VAL C 588 19.40 -9.54 0.77
N LYS C 589 18.98 -9.32 2.01
CA LYS C 589 18.99 -10.37 3.02
C LYS C 589 17.74 -11.24 2.88
N THR C 590 17.93 -12.54 3.07
CA THR C 590 16.90 -13.52 2.78
C THR C 590 16.26 -14.06 4.05
N GLN C 591 15.30 -14.95 3.85
CA GLN C 591 14.59 -15.65 4.91
C GLN C 591 15.27 -16.97 5.20
N PRO C 592 14.81 -17.71 6.22
CA PRO C 592 15.26 -19.10 6.35
C PRO C 592 14.90 -19.95 5.16
N PHE C 593 13.78 -19.67 4.50
CA PHE C 593 13.41 -20.41 3.30
C PHE C 593 14.39 -20.15 2.16
N GLY C 594 14.95 -18.95 2.10
CA GLY C 594 15.94 -18.64 1.09
C GLY C 594 15.45 -17.70 0.00
N LEU C 595 14.50 -16.84 0.34
CA LEU C 595 13.92 -15.88 -0.59
C LEU C 595 14.08 -14.49 -0.01
N PRO C 596 14.09 -13.46 -0.87
CA PRO C 596 14.18 -12.09 -0.36
C PRO C 596 13.03 -11.77 0.59
N SER C 597 13.35 -11.02 1.63
CA SER C 597 12.41 -10.72 2.69
C SER C 597 11.97 -9.26 2.62
N LYS C 598 10.86 -8.98 3.29
CA LYS C 598 10.37 -7.61 3.37
C LYS C 598 11.15 -6.83 4.42
N LEU C 599 10.99 -5.51 4.40
CA LEU C 599 11.74 -4.62 5.26
C LEU C 599 10.84 -4.08 6.37
N ASN C 600 11.28 -4.23 7.61
CA ASN C 600 10.56 -3.68 8.75
C ASN C 600 11.10 -2.29 9.09
N ASN C 601 10.52 -1.66 10.11
CA ASN C 601 10.94 -0.32 10.47
C ASN C 601 12.33 -0.31 11.11
N ALA C 602 12.70 -1.38 11.82
CA ALA C 602 14.01 -1.44 12.43
C ALA C 602 15.14 -1.43 11.42
N ASP C 603 14.92 -2.01 10.24
CA ASP C 603 15.93 -2.05 9.18
C ASP C 603 15.74 -0.96 8.15
N ARG C 604 14.75 -0.09 8.31
CA ARG C 604 14.49 0.95 7.32
C ARG C 604 15.63 1.94 7.25
N ALA C 605 16.19 2.33 8.38
CA ALA C 605 17.23 3.35 8.45
C ALA C 605 18.62 2.76 8.61
N SER C 606 18.78 1.45 8.43
CA SER C 606 20.09 0.84 8.59
C SER C 606 21.03 1.14 7.43
N THR C 607 20.50 1.67 6.33
CA THR C 607 21.29 1.99 5.15
C THR C 607 20.94 3.40 4.69
N PRO C 608 21.86 4.07 3.98
CA PRO C 608 21.54 5.43 3.48
C PRO C 608 20.34 5.44 2.54
N GLY C 609 20.13 4.38 1.77
CA GLY C 609 18.94 4.24 0.97
C GLY C 609 18.31 2.88 1.20
N ARG C 610 17.03 2.79 0.86
CA ARG C 610 16.28 1.55 1.11
C ARG C 610 16.84 0.42 0.25
N GLU C 611 17.34 -0.62 0.91
CA GLU C 611 17.83 -1.81 0.23
C GLU C 611 16.77 -2.90 0.31
N THR C 612 15.79 -2.80 -0.57
CA THR C 612 14.69 -3.76 -0.64
C THR C 612 14.60 -4.36 -2.02
N ALA C 613 14.36 -5.67 -2.08
CA ALA C 613 14.10 -6.31 -3.36
C ALA C 613 12.77 -5.84 -3.91
N ILE C 614 12.74 -5.49 -5.19
CA ILE C 614 11.56 -4.93 -5.83
C ILE C 614 10.91 -6.02 -6.66
N ARG C 615 9.59 -6.18 -6.51
CA ARG C 615 8.84 -7.17 -7.28
C ARG C 615 8.64 -6.61 -8.69
N SER C 616 9.72 -6.66 -9.47
CA SER C 616 9.71 -6.15 -10.82
C SER C 616 9.19 -7.17 -11.83
N PHE C 617 8.99 -8.42 -11.41
CA PHE C 617 8.50 -9.48 -12.29
C PHE C 617 7.28 -10.11 -11.62
N GLY C 618 6.11 -9.55 -11.87
CA GLY C 618 4.87 -10.16 -11.44
C GLY C 618 4.42 -11.23 -12.42
N GLU C 619 3.24 -11.80 -12.13
CA GLU C 619 2.67 -12.78 -13.05
C GLU C 619 2.32 -12.15 -14.39
N SER C 620 1.84 -10.90 -14.38
CA SER C 620 1.52 -10.23 -15.62
C SER C 620 2.76 -9.95 -16.45
N GLU C 621 3.86 -9.55 -15.81
CA GLU C 621 5.09 -9.29 -16.54
C GLU C 621 5.66 -10.56 -17.14
N THR C 622 5.61 -11.67 -16.39
CA THR C 622 6.10 -12.93 -16.93
C THR C 622 5.23 -13.43 -18.07
N ARG C 623 3.95 -13.05 -18.09
CA ARG C 623 3.11 -13.32 -19.25
C ARG C 623 3.62 -12.56 -20.47
N SER C 624 3.96 -11.29 -20.29
CA SER C 624 4.45 -10.49 -21.41
C SER C 624 5.83 -10.94 -21.85
N TYR C 625 6.72 -11.21 -20.90
CA TYR C 625 8.08 -11.62 -21.25
C TYR C 625 8.09 -12.97 -21.96
N ASN C 626 7.23 -13.89 -21.55
CA ASN C 626 7.20 -15.22 -22.17
C ASN C 626 6.85 -15.15 -23.65
N CYS C 627 6.15 -14.11 -24.08
CA CYS C 627 5.73 -13.97 -25.47
C CYS C 627 6.71 -13.14 -26.30
N THR C 628 7.20 -12.03 -25.77
CA THR C 628 8.12 -11.18 -26.52
C THR C 628 9.56 -11.69 -26.41
N VAL C 629 10.10 -11.70 -25.19
CA VAL C 629 11.49 -12.12 -25.00
C VAL C 629 11.64 -13.62 -25.20
N GLY C 630 10.71 -14.39 -24.66
CA GLY C 630 10.75 -15.83 -24.79
C GLY C 630 10.83 -16.54 -23.46
N PRO C 631 10.26 -17.74 -23.38
CA PRO C 631 10.30 -18.49 -22.12
C PRO C 631 11.70 -18.83 -21.65
N GLY C 632 12.65 -19.02 -22.57
CA GLY C 632 14.00 -19.39 -22.21
C GLY C 632 14.69 -18.37 -21.34
N PRO C 633 14.95 -17.18 -21.89
CA PRO C 633 15.59 -16.13 -21.08
C PRO C 633 14.78 -15.72 -19.87
N THR C 634 13.46 -15.85 -19.91
CA THR C 634 12.64 -15.45 -18.78
C THR C 634 12.90 -16.33 -17.57
N ALA C 635 13.08 -17.63 -17.80
CA ALA C 635 13.37 -18.54 -16.69
C ALA C 635 14.73 -18.26 -16.09
N GLU C 636 15.69 -17.82 -16.91
CA GLU C 636 17.02 -17.50 -16.40
C GLU C 636 16.96 -16.33 -15.43
N ILE C 637 16.18 -15.31 -15.75
CA ILE C 637 16.09 -14.13 -14.89
C ILE C 637 15.48 -14.50 -13.54
N LEU C 638 14.43 -15.30 -13.55
CA LEU C 638 13.81 -15.71 -12.29
C LEU C 638 14.73 -16.59 -11.46
N ASP C 639 15.43 -17.52 -12.11
CA ASP C 639 16.27 -18.47 -11.38
C ASP C 639 17.45 -17.79 -10.71
N GLN C 640 17.87 -16.63 -11.22
CA GLN C 640 19.02 -15.94 -10.62
C GLN C 640 18.67 -15.39 -9.24
N THR C 641 17.40 -15.37 -8.88
CA THR C 641 16.98 -14.93 -7.55
C THR C 641 16.33 -16.07 -6.76
N ASN C 642 15.45 -16.84 -7.42
CA ASN C 642 14.78 -17.94 -6.74
C ASN C 642 15.79 -19.00 -6.28
N ASN C 643 16.92 -19.11 -6.97
CA ASN C 643 17.99 -20.01 -6.55
C ASN C 643 19.08 -19.18 -5.89
N PRO C 644 19.26 -19.27 -4.57
CA PRO C 644 20.28 -18.43 -3.91
C PRO C 644 21.69 -18.72 -4.38
N LEU C 645 21.98 -19.96 -4.78
CA LEU C 645 23.31 -20.28 -5.28
C LEU C 645 23.60 -19.59 -6.60
N ALA C 646 22.57 -19.45 -7.45
CA ALA C 646 22.75 -18.74 -8.70
C ALA C 646 23.06 -17.27 -8.45
N HIS C 647 22.41 -16.66 -7.46
CA HIS C 647 22.71 -15.28 -7.12
C HIS C 647 24.15 -15.13 -6.62
N ALA C 648 24.64 -16.11 -5.87
CA ALA C 648 26.02 -16.08 -5.41
C ALA C 648 26.99 -16.15 -6.58
N ALA C 649 26.61 -16.85 -7.65
CA ALA C 649 27.45 -16.91 -8.83
C ALA C 649 27.50 -15.57 -9.55
N VAL C 650 26.39 -14.83 -9.53
CA VAL C 650 26.36 -13.53 -10.21
C VAL C 650 27.33 -12.57 -9.56
N ILE C 651 27.33 -12.52 -8.22
CA ILE C 651 28.20 -11.58 -7.51
C ILE C 651 29.67 -11.92 -7.77
N GLU C 652 30.01 -13.20 -7.75
CA GLU C 652 31.39 -13.61 -8.00
C GLU C 652 31.82 -13.24 -9.42
N SER C 653 30.91 -13.34 -10.38
CA SER C 653 31.24 -12.96 -11.75
C SER C 653 31.58 -11.48 -11.85
N TRP C 654 30.82 -10.63 -11.15
CA TRP C 654 31.11 -9.20 -11.17
C TRP C 654 32.45 -8.89 -10.51
N LEU C 655 32.76 -9.57 -9.41
CA LEU C 655 33.95 -9.23 -8.63
C LEU C 655 35.24 -9.71 -9.32
N THR C 656 35.19 -10.86 -9.98
CA THR C 656 36.37 -11.42 -10.62
C THR C 656 36.56 -10.95 -12.05
N ALA C 657 35.61 -10.23 -12.62
CA ALA C 657 35.68 -9.83 -14.01
C ALA C 657 36.65 -8.67 -14.19
N GLU C 658 37.41 -8.70 -15.29
CA GLU C 658 38.24 -7.56 -15.64
C GLU C 658 37.39 -6.34 -15.96
N LYS C 659 36.29 -6.55 -16.70
CA LYS C 659 35.33 -5.49 -17.00
C LYS C 659 33.98 -5.92 -16.43
N PRO C 660 33.64 -5.47 -15.21
CA PRO C 660 32.40 -5.93 -14.58
C PRO C 660 31.15 -5.59 -15.35
N SER C 661 31.18 -4.57 -16.20
CA SER C 661 30.02 -4.16 -16.98
C SER C 661 29.95 -4.84 -18.34
N SER C 662 30.86 -5.76 -18.63
CA SER C 662 30.90 -6.45 -19.92
C SER C 662 31.13 -7.94 -19.73
N VAL C 663 30.44 -8.53 -18.77
CA VAL C 663 30.56 -9.97 -18.50
C VAL C 663 29.80 -10.73 -19.57
N PRO C 664 30.45 -11.67 -20.28
CA PRO C 664 29.73 -12.46 -21.29
C PRO C 664 28.57 -13.26 -20.71
N VAL C 665 28.86 -14.13 -19.74
CA VAL C 665 27.85 -14.96 -19.10
C VAL C 665 28.06 -14.88 -17.59
N ALA C 666 27.00 -14.59 -16.85
CA ALA C 666 27.12 -14.44 -15.40
C ALA C 666 27.07 -15.80 -14.70
N VAL C 667 26.07 -16.61 -15.00
CA VAL C 667 25.88 -17.91 -14.36
C VAL C 667 26.25 -19.00 -15.36
N ASP C 668 27.25 -19.81 -14.99
CA ASP C 668 27.65 -20.95 -15.82
C ASP C 668 26.66 -22.07 -15.57
N ARG C 669 25.77 -22.30 -16.54
CA ARG C 669 24.68 -23.24 -16.36
C ARG C 669 25.16 -24.69 -16.32
N GLU C 670 26.40 -24.96 -16.71
CA GLU C 670 26.93 -26.31 -16.58
C GLU C 670 27.32 -26.61 -15.13
N LYS C 671 27.81 -25.61 -14.41
CA LYS C 671 28.16 -25.81 -13.01
C LYS C 671 26.95 -25.68 -12.10
N ILE C 672 26.01 -24.81 -12.44
CA ILE C 672 24.80 -24.61 -11.65
C ILE C 672 23.60 -24.80 -12.56
N PRO C 673 23.17 -26.03 -12.81
CA PRO C 673 22.06 -26.27 -13.74
C PRO C 673 20.72 -25.86 -13.13
N PHE C 674 19.73 -25.75 -14.01
CA PHE C 674 18.38 -25.40 -13.58
C PHE C 674 17.79 -26.50 -12.70
N GLY C 675 16.95 -26.09 -11.76
CA GLY C 675 16.28 -27.03 -10.88
C GLY C 675 16.49 -26.74 -9.41
N GLY C 676 17.17 -25.65 -9.11
CA GLY C 676 17.47 -25.25 -7.75
C GLY C 676 16.57 -24.20 -7.15
N SER C 677 15.50 -23.79 -7.85
CA SER C 677 14.63 -22.75 -7.32
C SER C 677 13.85 -23.26 -6.13
N ARG C 678 13.88 -22.49 -5.03
CA ARG C 678 13.18 -22.91 -3.82
C ARG C 678 11.66 -22.99 -4.00
N PRO C 679 10.97 -22.00 -4.59
CA PRO C 679 9.52 -22.14 -4.74
C PRO C 679 9.10 -23.35 -5.55
N VAL C 680 9.86 -23.71 -6.58
CA VAL C 680 9.52 -24.88 -7.39
C VAL C 680 9.78 -26.15 -6.58
N ALA C 681 10.88 -26.19 -5.82
CA ALA C 681 11.17 -27.37 -5.02
C ALA C 681 10.12 -27.58 -3.94
N MET C 682 9.63 -26.49 -3.33
CA MET C 682 8.55 -26.60 -2.37
C MET C 682 7.27 -27.11 -3.03
N PHE C 683 7.00 -26.63 -4.25
CA PHE C 683 5.83 -27.08 -4.99
C PHE C 683 5.91 -28.58 -5.27
N ASP C 684 7.07 -29.05 -5.73
CA ASP C 684 7.25 -30.46 -6.03
C ASP C 684 7.15 -31.32 -4.77
N HIS C 685 7.72 -30.83 -3.66
CA HIS C 685 7.70 -31.61 -2.43
C HIS C 685 6.30 -31.80 -1.89
N LEU C 686 5.49 -30.73 -1.89
CA LEU C 686 4.13 -30.84 -1.36
C LEU C 686 3.29 -31.79 -2.22
N LEU C 687 3.41 -31.69 -3.54
CA LEU C 687 2.66 -32.59 -4.41
C LEU C 687 3.12 -34.03 -4.25
N GLU C 688 4.42 -34.23 -4.07
CA GLU C 688 4.94 -35.59 -3.91
C GLU C 688 4.41 -36.24 -2.64
N CYS C 689 4.32 -35.48 -1.55
CA CYS C 689 3.73 -36.02 -0.33
C CYS C 689 2.28 -36.41 -0.54
N SER C 690 1.52 -35.55 -1.26
CA SER C 690 0.14 -35.89 -1.57
C SER C 690 0.05 -37.07 -2.52
N GLY C 691 1.10 -37.34 -3.28
CA GLY C 691 1.16 -38.55 -4.09
C GLY C 691 1.21 -38.34 -5.58
N ILE C 692 1.42 -37.11 -6.05
CA ILE C 692 1.41 -36.80 -7.47
C ILE C 692 2.65 -36.01 -7.84
N ALA C 693 2.95 -35.98 -9.14
CA ALA C 693 4.07 -35.22 -9.67
C ALA C 693 3.73 -34.79 -11.09
N LEU C 694 4.21 -33.61 -11.47
CA LEU C 694 4.02 -33.08 -12.81
C LEU C 694 5.22 -33.45 -13.68
N GLU C 695 4.95 -34.01 -14.85
CA GLU C 695 6.01 -34.50 -15.72
C GLU C 695 5.72 -34.10 -17.16
N TYR C 696 6.78 -34.10 -17.96
CA TYR C 696 6.65 -33.84 -19.39
C TYR C 696 5.96 -35.00 -20.08
N ALA C 697 5.08 -34.69 -21.02
CA ALA C 697 4.36 -35.74 -21.73
C ALA C 697 5.30 -36.46 -22.68
N PRO C 698 5.42 -37.79 -22.58
CA PRO C 698 6.29 -38.58 -23.45
C PRO C 698 5.87 -38.55 -24.91
N ASN D 2 13.88 33.39 -61.36
CA ASN D 2 12.68 33.20 -60.54
C ASN D 2 12.32 31.73 -60.46
N LEU D 3 11.84 31.30 -59.29
CA LEU D 3 11.42 29.92 -59.04
C LEU D 3 12.58 28.95 -59.28
N ASN D 4 13.57 29.07 -58.41
CA ASN D 4 14.70 28.13 -58.40
C ASN D 4 14.19 26.71 -58.33
N ARG D 5 14.93 25.80 -58.97
CA ARG D 5 14.52 24.41 -59.11
C ARG D 5 15.50 23.51 -58.37
N TYR D 6 14.97 22.57 -57.59
CA TYR D 6 15.77 21.63 -56.83
C TYR D 6 15.33 20.21 -57.14
N LYS D 7 16.23 19.26 -56.92
CA LYS D 7 15.94 17.85 -57.07
C LYS D 7 15.74 17.22 -55.70
N ALA D 8 14.78 16.29 -55.62
CA ALA D 8 14.41 15.71 -54.33
C ALA D 8 15.58 14.97 -53.70
N ARG D 9 16.27 14.15 -54.50
CA ARG D 9 17.39 13.38 -53.96
C ARG D 9 18.55 14.30 -53.58
N ASP D 10 18.76 15.38 -54.34
CA ASP D 10 19.84 16.30 -54.04
C ASP D 10 19.64 16.97 -52.70
N LEU D 11 18.40 17.34 -52.39
CA LEU D 11 18.11 17.95 -51.09
C LEU D 11 18.37 16.98 -49.95
N LEU D 12 18.07 15.70 -50.16
CA LEU D 12 18.28 14.70 -49.11
C LEU D 12 19.77 14.47 -48.86
N ASN D 13 20.62 14.76 -49.83
CA ASN D 13 22.05 14.55 -49.69
C ASN D 13 22.77 15.70 -48.99
N LEU D 14 22.08 16.82 -48.77
CA LEU D 14 22.71 17.95 -48.11
C LEU D 14 22.98 17.65 -46.64
N SER D 15 24.01 18.29 -46.10
CA SER D 15 24.23 18.25 -44.67
C SER D 15 23.17 19.09 -43.97
N TYR D 16 23.05 18.88 -42.65
CA TYR D 16 22.02 19.59 -41.89
C TYR D 16 22.25 21.09 -41.91
N ASP D 17 23.52 21.52 -41.82
CA ASP D 17 23.81 22.95 -41.91
C ASP D 17 23.42 23.51 -43.27
N ASP D 18 23.69 22.76 -44.33
CA ASP D 18 23.33 23.22 -45.67
C ASP D 18 21.82 23.27 -45.85
N LEU D 19 21.10 22.27 -45.32
CA LEU D 19 19.66 22.25 -45.48
C LEU D 19 19.00 23.44 -44.80
N TRP D 20 19.43 23.77 -43.59
CA TRP D 20 18.87 24.90 -42.86
C TRP D 20 19.30 26.25 -43.43
N SER D 21 20.27 26.26 -44.34
CA SER D 21 20.77 27.50 -44.93
C SER D 21 20.09 27.86 -46.25
N LEU D 22 19.09 27.09 -46.67
CA LEU D 22 18.38 27.40 -47.90
C LEU D 22 17.63 28.71 -47.77
N PRO D 23 17.52 29.48 -48.86
CA PRO D 23 16.91 30.81 -48.77
C PRO D 23 15.41 30.73 -48.52
N SER D 24 14.87 31.84 -48.01
CA SER D 24 13.43 31.99 -47.82
C SER D 24 12.82 32.40 -49.16
N GLU D 25 12.08 31.49 -49.78
CA GLU D 25 11.63 31.70 -51.15
C GLU D 25 10.54 30.71 -51.50
N TRP D 26 9.88 30.94 -52.62
CA TRP D 26 9.11 29.93 -53.31
C TRP D 26 10.04 29.23 -54.29
N HIS D 27 9.92 27.90 -54.37
CA HIS D 27 10.81 27.13 -55.23
C HIS D 27 10.07 25.92 -55.78
N LEU D 28 10.74 25.23 -56.69
CA LEU D 28 10.21 24.04 -57.33
C LEU D 28 11.02 22.83 -56.90
N ILE D 29 10.33 21.79 -56.43
CA ILE D 29 10.95 20.53 -56.04
C ILE D 29 10.62 19.49 -57.11
N GLU D 30 11.65 18.97 -57.76
CA GLU D 30 11.48 18.03 -58.86
C GLU D 30 11.65 16.61 -58.35
N PHE D 31 10.65 15.78 -58.59
CA PHE D 31 10.61 14.42 -58.06
C PHE D 31 10.84 13.41 -59.17
N ASP D 32 11.09 12.16 -58.76
CA ASP D 32 11.46 11.10 -59.68
C ASP D 32 10.29 10.54 -60.47
N ASP D 33 9.06 10.89 -60.11
CA ASP D 33 7.89 10.42 -60.85
C ASP D 33 7.54 11.34 -62.02
N GLY D 34 8.32 12.40 -62.25
CA GLY D 34 8.09 13.31 -63.34
C GLY D 34 7.36 14.57 -62.98
N LYS D 35 6.79 14.65 -61.79
CA LYS D 35 6.03 15.81 -61.35
C LYS D 35 6.92 16.78 -60.58
N THR D 36 6.43 18.02 -60.45
CA THR D 36 7.11 19.05 -59.69
C THR D 36 6.12 19.70 -58.74
N VAL D 37 6.63 20.16 -57.60
CA VAL D 37 5.80 20.72 -56.54
C VAL D 37 6.25 22.15 -56.28
N VAL D 38 5.29 23.07 -56.21
CA VAL D 38 5.55 24.45 -55.86
C VAL D 38 5.24 24.63 -54.38
N SER D 39 6.19 25.15 -53.62
CA SER D 39 6.03 25.27 -52.19
C SER D 39 7.03 26.30 -51.67
N VAL D 40 7.08 26.44 -50.34
CA VAL D 40 8.01 27.34 -49.68
C VAL D 40 9.10 26.51 -49.00
N ASP D 41 10.16 27.19 -48.57
CA ASP D 41 11.33 26.50 -48.05
C ASP D 41 11.02 25.76 -46.76
N ARG D 42 10.27 26.39 -45.85
CA ARG D 42 10.05 25.79 -44.53
C ARG D 42 9.28 24.48 -44.64
N ILE D 43 8.27 24.42 -45.50
CA ILE D 43 7.57 23.15 -45.71
C ILE D 43 8.50 22.14 -46.35
N THR D 44 9.36 22.59 -47.27
CA THR D 44 10.32 21.68 -47.88
C THR D 44 11.32 21.16 -46.86
N LYS D 45 11.81 22.03 -45.97
CA LYS D 45 12.78 21.60 -44.98
C LYS D 45 12.18 20.57 -44.03
N LEU D 46 10.92 20.77 -43.63
CA LEU D 46 10.26 19.80 -42.78
C LEU D 46 10.09 18.46 -43.49
N SER D 47 9.74 18.50 -44.78
CA SER D 47 9.52 17.26 -45.53
C SER D 47 10.82 16.46 -45.65
N VAL D 48 11.94 17.14 -45.86
CA VAL D 48 13.22 16.44 -46.02
C VAL D 48 13.57 15.71 -44.72
N LEU D 49 13.27 16.33 -43.58
CA LEU D 49 13.55 15.67 -42.31
C LEU D 49 12.72 14.41 -42.13
N CYS D 50 11.55 14.34 -42.78
CA CYS D 50 10.71 13.16 -42.67
C CYS D 50 11.14 12.07 -43.65
N TRP D 51 12.11 12.36 -44.53
CA TRP D 51 12.58 11.37 -45.50
C TRP D 51 13.82 10.63 -45.03
N TYR D 52 14.15 10.68 -43.74
CA TYR D 52 15.40 10.11 -43.22
C TYR D 52 15.63 8.65 -43.60
N PRO D 53 14.63 7.74 -43.57
CA PRO D 53 14.89 6.35 -43.96
C PRO D 53 15.42 6.21 -45.38
N LEU D 54 15.06 7.14 -46.26
CA LEU D 54 15.52 7.05 -47.64
C LEU D 54 16.98 7.44 -47.79
N LYS D 55 17.57 8.03 -46.74
CA LYS D 55 18.99 8.34 -46.77
C LYS D 55 19.84 7.09 -46.90
N HIS D 56 19.35 5.97 -46.36
CA HIS D 56 20.13 4.73 -46.35
C HIS D 56 19.95 3.92 -47.62
N TYR D 57 19.11 4.36 -48.55
CA TYR D 57 18.86 3.65 -49.79
C TYR D 57 18.92 4.66 -50.93
N LYS D 58 20.05 4.70 -51.63
CA LYS D 58 20.32 5.79 -52.57
C LYS D 58 19.55 5.62 -53.88
N ASP D 59 19.20 4.39 -54.25
CA ASP D 59 18.58 4.13 -55.53
C ASP D 59 17.06 4.14 -55.48
N CYS D 60 16.46 4.36 -54.32
CA CYS D 60 15.01 4.35 -54.21
C CYS D 60 14.44 5.66 -54.74
N PRO D 61 13.58 5.63 -55.76
CA PRO D 61 12.98 6.88 -56.26
C PRO D 61 12.02 7.48 -55.23
N ILE D 62 11.88 8.80 -55.32
CA ILE D 62 11.04 9.56 -54.40
C ILE D 62 9.87 10.11 -55.19
N PRO D 63 8.67 9.55 -55.05
CA PRO D 63 7.50 10.12 -55.73
C PRO D 63 7.04 11.40 -55.05
N SER D 64 6.23 12.16 -55.79
CA SER D 64 5.86 13.51 -55.37
C SER D 64 4.95 13.53 -54.15
N ASP D 65 4.29 12.42 -53.82
CA ASP D 65 3.42 12.42 -52.65
C ASP D 65 4.17 12.47 -51.34
N HIS D 66 5.50 12.32 -51.37
CA HIS D 66 6.29 12.41 -50.14
C HIS D 66 6.31 13.84 -49.60
N HIS D 67 6.29 14.83 -50.48
CA HIS D 67 6.26 16.21 -50.04
C HIS D 67 4.95 16.52 -49.34
N ILE D 68 5.01 17.43 -48.36
CA ILE D 68 3.83 17.79 -47.60
C ILE D 68 2.81 18.50 -48.48
N ASP D 69 3.26 19.43 -49.31
CA ASP D 69 2.38 20.16 -50.23
C ASP D 69 2.31 19.46 -51.58
N PHE D 70 1.88 18.21 -51.55
CA PHE D 70 1.88 17.38 -52.76
C PHE D 70 0.71 17.69 -53.68
N ASN D 71 -0.25 18.51 -53.26
CA ASN D 71 -1.39 18.83 -54.11
C ASN D 71 -1.14 20.03 -55.02
N ARG D 72 -0.10 20.81 -54.77
CA ARG D 72 0.22 21.98 -55.60
C ARG D 72 1.25 21.57 -56.65
N ILE D 73 0.76 20.93 -57.71
CA ILE D 73 1.59 20.40 -58.77
C ILE D 73 1.65 21.42 -59.90
N LEU D 74 2.86 21.71 -60.37
CA LEU D 74 3.05 22.65 -61.47
C LEU D 74 2.56 22.03 -62.77
N THR D 75 1.63 22.71 -63.44
CA THR D 75 1.09 22.28 -64.72
C THR D 75 1.17 23.44 -65.70
N ASP D 76 0.71 23.18 -66.93
CA ASP D 76 0.71 24.23 -67.94
C ASP D 76 -0.28 25.34 -67.61
N ASN D 77 -1.43 24.98 -67.06
CA ASN D 77 -2.45 25.96 -66.73
C ASN D 77 -2.17 26.59 -65.37
N PRO D 78 -1.90 27.90 -65.30
CA PRO D 78 -1.60 28.51 -64.00
C PRO D 78 -2.77 28.54 -63.03
N LYS D 79 -3.98 28.20 -63.49
CA LYS D 79 -5.15 28.23 -62.64
C LYS D 79 -5.25 27.03 -61.71
N ASP D 80 -4.26 26.14 -61.71
CA ASP D 80 -4.28 24.94 -60.90
C ASP D 80 -3.33 24.97 -59.72
N TYR D 81 -2.45 25.98 -59.63
CA TYR D 81 -1.54 26.08 -58.50
C TYR D 81 -1.39 27.47 -57.92
N LEU D 82 -1.99 28.50 -58.52
CA LEU D 82 -1.75 29.87 -58.07
C LEU D 82 -2.40 30.14 -56.72
N ASN D 83 -3.55 29.52 -56.44
CA ASN D 83 -4.29 29.77 -55.22
C ASN D 83 -4.74 28.47 -54.57
N VAL D 84 -3.80 27.53 -54.46
CA VAL D 84 -4.07 26.22 -53.86
C VAL D 84 -3.46 26.19 -52.48
N GLU D 85 -4.25 25.78 -51.49
CA GLU D 85 -3.79 25.71 -50.11
C GLU D 85 -3.18 24.34 -49.85
N GLY D 86 -1.96 24.34 -49.31
CA GLY D 86 -1.24 23.11 -49.07
C GLY D 86 -1.68 22.40 -47.81
N GLY D 87 -1.00 21.30 -47.53
CA GLY D 87 -1.34 20.51 -46.36
C GLY D 87 -1.03 21.22 -45.07
N ARG D 88 -1.66 20.73 -44.00
CA ARG D 88 -1.48 21.28 -42.66
C ARG D 88 -0.57 20.36 -41.86
N VAL D 89 0.42 20.96 -41.18
CA VAL D 89 1.38 20.19 -40.42
C VAL D 89 0.77 19.80 -39.09
N THR D 90 0.68 18.49 -38.83
CA THR D 90 0.21 17.96 -37.57
C THR D 90 1.17 16.88 -37.10
N SER D 91 1.07 16.52 -35.82
CA SER D 91 1.88 15.43 -35.31
C SER D 91 1.55 14.13 -36.02
N LYS D 92 0.29 13.93 -36.39
CA LYS D 92 -0.09 12.75 -37.16
C LYS D 92 0.46 12.82 -38.57
N ALA D 93 0.46 14.00 -39.19
CA ALA D 93 0.93 14.13 -40.56
C ALA D 93 2.41 13.81 -40.68
N MET D 94 3.22 14.25 -39.70
CA MET D 94 4.64 13.94 -39.73
C MET D 94 4.88 12.44 -39.63
N VAL D 95 4.07 11.75 -38.84
CA VAL D 95 4.19 10.29 -38.73
C VAL D 95 3.82 9.64 -40.05
N LYS D 96 2.79 10.15 -40.73
CA LYS D 96 2.36 9.55 -41.98
C LYS D 96 3.42 9.65 -43.06
N HIS D 97 4.13 10.78 -43.14
CA HIS D 97 5.16 10.93 -44.15
C HIS D 97 6.35 10.02 -43.86
N LEU D 98 6.66 9.80 -42.58
CA LEU D 98 7.64 8.77 -42.24
C LEU D 98 7.12 7.39 -42.63
N ASN D 99 5.82 7.16 -42.45
CA ASN D 99 5.23 5.89 -42.86
C ASN D 99 5.32 5.69 -44.37
N LYS D 100 5.12 6.77 -45.14
CA LYS D 100 5.22 6.66 -46.59
C LYS D 100 6.64 6.28 -47.02
N ALA D 101 7.65 6.84 -46.35
CA ALA D 101 9.02 6.59 -46.75
C ALA D 101 9.41 5.13 -46.58
N ILE D 102 9.05 4.54 -45.44
CA ILE D 102 9.51 3.18 -45.15
C ILE D 102 8.82 2.18 -46.07
N TRP D 103 7.54 2.39 -46.37
CA TRP D 103 6.84 1.45 -47.25
C TRP D 103 7.18 1.68 -48.71
N ASN D 104 7.65 2.88 -49.06
CA ASN D 104 8.20 3.08 -50.39
C ASN D 104 9.48 2.28 -50.57
N ILE D 105 10.33 2.24 -49.54
CA ILE D 105 11.52 1.41 -49.59
C ILE D 105 11.14 -0.06 -49.65
N TYR D 106 10.13 -0.46 -48.88
CA TYR D 106 9.73 -1.86 -48.85
C TYR D 106 9.22 -2.33 -50.21
N ASP D 107 8.42 -1.50 -50.89
CA ASP D 107 7.90 -1.89 -52.18
C ASP D 107 8.98 -1.89 -53.25
N TRP D 108 9.85 -0.88 -53.24
CA TRP D 108 10.90 -0.80 -54.26
C TRP D 108 11.86 -1.98 -54.14
N SER D 109 12.16 -2.41 -52.91
CA SER D 109 13.07 -3.53 -52.70
C SER D 109 12.47 -4.86 -53.12
N GLY D 110 11.18 -4.90 -53.46
CA GLY D 110 10.53 -6.15 -53.77
C GLY D 110 10.12 -6.96 -52.56
N GLU D 111 9.77 -6.29 -51.46
CA GLU D 111 9.37 -6.96 -50.22
C GLU D 111 10.47 -7.88 -49.71
N THR D 112 11.70 -7.39 -49.73
CA THR D 112 12.86 -8.15 -49.25
C THR D 112 13.58 -7.50 -48.09
N VAL D 113 13.24 -6.26 -47.73
CA VAL D 113 13.87 -5.57 -46.62
C VAL D 113 13.16 -5.96 -45.33
N ASP D 114 13.94 -6.24 -44.29
CA ASP D 114 13.38 -6.64 -43.01
C ASP D 114 12.56 -5.51 -42.40
N PRO D 115 11.29 -5.73 -42.07
CA PRO D 115 10.50 -4.65 -41.46
C PRO D 115 11.03 -4.17 -40.13
N GLU D 116 11.82 -4.98 -39.42
CA GLU D 116 12.43 -4.52 -38.17
C GLU D 116 13.51 -3.48 -38.45
N VAL D 117 14.20 -3.59 -39.58
CA VAL D 117 15.16 -2.57 -39.97
C VAL D 117 14.45 -1.24 -40.23
N LEU D 118 13.31 -1.28 -40.94
CA LEU D 118 12.58 -0.07 -41.22
C LEU D 118 12.03 0.57 -39.96
N SER D 119 11.54 -0.24 -39.02
CA SER D 119 11.00 0.30 -37.78
C SER D 119 12.10 1.01 -36.98
N LYS D 120 13.32 0.48 -37.02
CA LYS D 120 14.43 1.16 -36.36
C LYS D 120 14.76 2.47 -37.05
N LEU D 121 14.66 2.50 -38.38
CA LEU D 121 14.91 3.74 -39.12
C LEU D 121 13.84 4.78 -38.82
N ALA D 122 12.60 4.35 -38.63
CA ALA D 122 11.50 5.30 -38.40
C ALA D 122 11.69 6.05 -37.09
N ILE D 123 11.99 5.32 -36.01
CA ILE D 123 12.16 5.97 -34.71
C ILE D 123 13.42 6.82 -34.69
N GLU D 124 14.48 6.36 -35.37
CA GLU D 124 15.69 7.17 -35.48
C GLU D 124 15.43 8.46 -36.25
N GLY D 125 14.64 8.38 -37.33
CA GLY D 125 14.28 9.57 -38.06
C GLY D 125 13.48 10.55 -37.23
N LYS D 126 12.53 10.03 -36.44
CA LYS D 126 11.78 10.89 -35.53
C LYS D 126 12.70 11.50 -34.48
N ASN D 127 13.69 10.73 -34.01
CA ASN D 127 14.65 11.26 -33.04
C ASN D 127 15.46 12.40 -33.64
N TRP D 128 15.90 12.25 -34.89
CA TRP D 128 16.64 13.32 -35.55
C TRP D 128 15.77 14.55 -35.73
N LEU D 129 14.49 14.35 -36.06
CA LEU D 129 13.58 15.48 -36.23
C LEU D 129 13.43 16.25 -34.92
N TYR D 130 13.32 15.55 -33.80
CA TYR D 130 13.20 16.21 -32.51
C TYR D 130 14.47 16.99 -32.18
N ASN D 131 15.63 16.39 -32.45
CA ASN D 131 16.90 17.04 -32.11
C ASN D 131 17.10 18.33 -32.90
N GLN D 132 16.81 18.28 -34.20
CA GLN D 132 17.07 19.45 -35.04
C GLN D 132 16.07 20.57 -34.78
N THR D 133 14.78 20.22 -34.69
CA THR D 133 13.75 21.25 -34.56
C THR D 133 13.85 21.99 -33.23
N THR D 134 14.07 21.25 -32.14
CA THR D 134 14.11 21.89 -30.83
C THR D 134 15.33 22.80 -30.68
N VAL D 135 16.37 22.58 -31.46
CA VAL D 135 17.57 23.41 -31.37
C VAL D 135 17.49 24.58 -32.34
N LYS D 136 17.12 24.30 -33.59
CA LYS D 136 17.11 25.34 -34.62
C LYS D 136 15.94 26.30 -34.49
N LEU D 137 14.81 25.84 -33.96
CA LEU D 137 13.61 26.66 -33.85
C LEU D 137 13.39 27.16 -32.43
N SER D 138 14.48 27.44 -31.72
CA SER D 138 14.38 27.93 -30.35
C SER D 138 13.82 29.34 -30.26
N GLU D 139 13.75 30.06 -31.38
CA GLU D 139 13.19 31.41 -31.40
C GLU D 139 11.70 31.43 -31.72
N TYR D 140 11.09 30.28 -32.00
CA TYR D 140 9.72 30.21 -32.45
C TYR D 140 8.83 29.52 -31.42
N LEU D 141 9.05 29.79 -30.14
CA LEU D 141 8.22 29.20 -29.10
C LEU D 141 6.84 29.85 -29.10
N ALA D 142 5.82 29.03 -28.87
CA ALA D 142 4.45 29.51 -28.79
C ALA D 142 4.14 29.95 -27.36
N THR D 143 3.29 30.97 -27.24
CA THR D 143 2.97 31.57 -25.96
C THR D 143 1.47 31.78 -25.83
N LEU D 144 1.02 31.86 -24.58
CA LEU D 144 -0.38 32.13 -24.27
C LEU D 144 -0.47 33.22 -23.22
N SER D 145 -1.51 34.04 -23.32
CA SER D 145 -1.77 35.12 -22.37
C SER D 145 -3.21 35.58 -22.57
N MET D 146 -3.62 36.55 -21.76
CA MET D 146 -4.95 37.12 -21.92
C MET D 146 -5.08 37.88 -23.24
N PHE D 147 -3.97 38.24 -23.87
CA PHE D 147 -4.03 38.91 -25.16
C PHE D 147 -4.57 37.97 -26.24
N ASP D 148 -4.18 36.71 -26.20
CA ASP D 148 -4.70 35.72 -27.16
C ASP D 148 -6.17 35.45 -26.92
N ILE D 149 -6.59 35.40 -25.65
CA ILE D 149 -7.99 35.14 -25.33
C ILE D 149 -8.88 36.23 -25.88
N ALA D 150 -8.43 37.49 -25.77
CA ALA D 150 -9.24 38.61 -26.24
C ALA D 150 -9.49 38.54 -27.75
N GLU D 151 -8.52 38.03 -28.50
CA GLU D 151 -8.66 37.97 -29.95
C GLU D 151 -9.85 37.10 -30.34
N VAL D 152 -9.93 35.89 -29.78
CA VAL D 152 -11.03 34.99 -30.10
C VAL D 152 -12.33 35.50 -29.50
N TYR D 153 -12.26 36.03 -28.27
CA TYR D 153 -13.46 36.44 -27.57
C TYR D 153 -14.16 37.62 -28.24
N ASN D 154 -13.39 38.54 -28.81
CA ASN D 154 -13.95 39.78 -29.34
C ASN D 154 -14.48 39.65 -30.77
N HIS D 155 -14.37 38.49 -31.38
CA HIS D 155 -14.86 38.34 -32.75
C HIS D 155 -16.37 38.54 -32.78
N PRO D 156 -16.89 39.31 -33.75
CA PRO D 156 -18.33 39.61 -33.74
C PRO D 156 -19.22 38.38 -33.81
N LYS D 157 -18.84 37.36 -34.57
CA LYS D 157 -19.70 36.19 -34.71
C LYS D 157 -19.66 35.31 -33.47
N VAL D 158 -18.53 35.29 -32.75
CA VAL D 158 -18.47 34.56 -31.49
C VAL D 158 -19.36 35.21 -30.45
N ARG D 159 -19.38 36.55 -30.42
CA ARG D 159 -20.21 37.27 -29.47
C ARG D 159 -21.70 37.17 -29.78
N GLU D 160 -22.07 36.87 -31.02
CA GLU D 160 -23.48 36.70 -31.38
C GLU D 160 -24.02 35.31 -31.08
N ALA D 161 -23.14 34.31 -30.99
CA ALA D 161 -23.54 32.97 -30.60
C ALA D 161 -23.66 32.80 -29.09
N ASN D 162 -23.73 33.93 -28.36
CA ASN D 162 -23.96 33.90 -26.93
C ASN D 162 -25.18 34.70 -26.52
N HIS D 163 -25.90 35.29 -27.46
CA HIS D 163 -27.08 36.09 -27.19
C HIS D 163 -28.24 35.59 -28.02
N ASN D 164 -29.45 35.71 -27.47
CA ASN D 164 -30.70 35.35 -28.15
C ASN D 164 -30.66 33.88 -28.58
N ILE D 165 -30.57 33.00 -27.57
CA ILE D 165 -30.51 31.56 -27.79
C ILE D 165 -31.62 30.90 -26.99
N GLU D 166 -32.32 29.98 -27.62
CA GLU D 166 -33.35 29.22 -26.92
C GLU D 166 -32.70 28.28 -25.91
N PRO D 167 -33.02 28.38 -24.62
CA PRO D 167 -32.37 27.52 -23.63
C PRO D 167 -32.83 26.07 -23.74
N THR D 168 -32.48 25.42 -24.85
CA THR D 168 -32.85 24.03 -25.09
C THR D 168 -31.65 23.30 -25.67
N THR D 169 -31.78 21.97 -25.77
CA THR D 169 -30.72 21.17 -26.37
C THR D 169 -30.51 21.56 -27.83
N TYR D 170 -31.59 21.77 -28.57
CA TYR D 170 -31.46 22.16 -29.98
C TYR D 170 -30.88 23.56 -30.11
N GLY D 171 -31.35 24.50 -29.29
CA GLY D 171 -30.90 25.88 -29.44
C GLY D 171 -29.43 26.05 -29.12
N ILE D 172 -28.90 25.30 -28.17
CA ILE D 172 -27.53 25.46 -27.72
C ILE D 172 -26.59 24.59 -28.54
N GLU D 173 -26.82 23.28 -28.50
CA GLU D 173 -25.85 22.34 -29.07
C GLU D 173 -25.77 22.38 -30.58
N LYS D 174 -26.80 22.87 -31.26
CA LYS D 174 -26.83 22.84 -32.71
C LYS D 174 -26.72 24.21 -33.35
N ILE D 175 -27.55 25.17 -32.95
CA ILE D 175 -27.50 26.50 -33.55
C ILE D 175 -26.33 27.30 -33.00
N SER D 176 -26.31 27.51 -31.68
CA SER D 176 -25.27 28.33 -31.07
C SER D 176 -23.89 27.71 -31.28
N TYR D 177 -23.78 26.40 -31.09
CA TYR D 177 -22.50 25.73 -31.29
C TYR D 177 -22.13 25.70 -32.77
N GLY D 178 -23.13 25.67 -33.64
CA GLY D 178 -22.85 25.62 -35.07
C GLY D 178 -22.19 26.89 -35.59
N LYS D 179 -22.63 28.05 -35.10
CA LYS D 179 -22.04 29.30 -35.54
C LYS D 179 -20.57 29.40 -35.14
N VAL D 180 -20.25 28.99 -33.91
CA VAL D 180 -18.86 29.06 -33.45
C VAL D 180 -17.98 28.12 -34.25
N LYS D 181 -18.46 26.92 -34.53
CA LYS D 181 -17.69 25.97 -35.33
C LYS D 181 -17.40 26.54 -36.71
N GLU D 182 -18.35 27.30 -37.27
CA GLU D 182 -18.14 27.90 -38.58
C GLU D 182 -17.03 28.92 -38.55
N VAL D 183 -16.94 29.71 -37.48
CA VAL D 183 -15.89 30.72 -37.38
C VAL D 183 -14.54 30.06 -37.20
N PHE D 184 -14.46 29.05 -36.33
CA PHE D 184 -13.18 28.40 -36.07
C PHE D 184 -12.64 27.65 -37.27
N ASN D 185 -13.50 27.27 -38.23
CA ASN D 185 -13.07 26.53 -39.40
C ASN D 185 -12.73 27.42 -40.59
N ASP D 186 -12.92 28.73 -40.47
CA ASP D 186 -12.60 29.64 -41.56
C ASP D 186 -11.09 29.86 -41.61
N PRO D 187 -10.41 29.51 -42.70
CA PRO D 187 -8.95 29.70 -42.76
C PRO D 187 -8.50 31.14 -42.78
N THR D 188 -9.40 32.09 -43.03
CA THR D 188 -9.01 33.50 -43.09
C THR D 188 -9.10 34.21 -41.74
N GLN D 189 -9.64 33.54 -40.73
CA GLN D 189 -9.82 34.16 -39.42
C GLN D 189 -8.75 33.66 -38.45
N PHE D 190 -8.42 34.52 -37.48
CA PHE D 190 -7.47 34.21 -36.41
C PHE D 190 -6.14 33.70 -36.98
N ILE D 191 -5.50 34.56 -37.78
CA ILE D 191 -4.21 34.24 -38.36
C ILE D 191 -3.13 34.58 -37.34
N GLY D 192 -2.35 33.57 -36.96
CA GLY D 192 -1.30 33.75 -35.99
C GLY D 192 -1.72 33.62 -34.54
N ASN D 193 -2.99 33.33 -34.29
CA ASN D 193 -3.46 33.15 -32.92
C ASN D 193 -3.00 31.81 -32.37
N SER D 194 -2.45 31.82 -31.15
CA SER D 194 -1.92 30.60 -30.57
C SER D 194 -3.01 29.56 -30.36
N ILE D 195 -4.17 29.99 -29.89
CA ILE D 195 -5.24 29.04 -29.58
C ILE D 195 -5.79 28.41 -30.85
N ILE D 196 -6.07 29.23 -31.87
CA ILE D 196 -6.74 28.73 -33.06
C ILE D 196 -5.78 27.91 -33.92
N GLU D 197 -4.53 28.36 -34.03
CA GLU D 197 -3.55 27.61 -34.83
C GLU D 197 -3.33 26.22 -34.26
N GLY D 198 -3.35 26.08 -32.93
CA GLY D 198 -3.28 24.76 -32.34
C GLY D 198 -4.50 23.91 -32.66
N LEU D 199 -5.68 24.55 -32.74
CA LEU D 199 -6.89 23.81 -33.07
C LEU D 199 -6.84 23.24 -34.47
N ARG D 200 -6.32 24.01 -35.43
CA ARG D 200 -6.23 23.51 -36.80
C ARG D 200 -5.23 22.37 -36.93
N SER D 201 -4.17 22.39 -36.13
CA SER D 201 -3.16 21.34 -36.16
C SER D 201 -3.47 20.18 -35.23
N GLY D 202 -4.62 20.19 -34.56
CA GLY D 202 -5.02 19.11 -33.69
C GLY D 202 -4.53 19.22 -32.27
N THR D 203 -3.84 20.30 -31.90
CA THR D 203 -3.40 20.45 -30.52
C THR D 203 -4.59 20.62 -29.58
N GLN D 204 -5.58 21.41 -30.00
CA GLN D 204 -6.78 21.64 -29.21
C GLN D 204 -7.94 20.82 -29.77
N LYS D 205 -9.08 20.90 -29.08
CA LYS D 205 -10.29 20.22 -29.50
C LYS D 205 -11.49 21.15 -29.32
N THR D 206 -12.46 21.02 -30.22
CA THR D 206 -13.58 21.95 -30.22
C THR D 206 -14.51 21.74 -29.03
N GLU D 207 -14.59 20.52 -28.51
CA GLU D 207 -15.49 20.25 -27.40
C GLU D 207 -15.16 21.11 -26.18
N GLN D 208 -13.87 21.20 -25.85
CA GLN D 208 -13.47 22.03 -24.72
C GLN D 208 -13.58 23.51 -25.06
N LEU D 209 -13.27 23.88 -26.31
CA LEU D 209 -13.31 25.28 -26.69
C LEU D 209 -14.73 25.82 -26.74
N LEU D 210 -15.68 25.01 -27.21
CA LEU D 210 -17.07 25.45 -27.25
C LEU D 210 -17.62 25.70 -25.86
N GLN D 211 -17.28 24.83 -24.90
CA GLN D 211 -17.71 25.05 -23.52
C GLN D 211 -17.01 26.23 -22.87
N ALA D 212 -15.96 26.76 -23.51
CA ALA D 212 -15.25 27.92 -22.99
C ALA D 212 -15.72 29.23 -23.62
N PHE D 213 -16.01 29.23 -24.92
CA PHE D 213 -16.42 30.44 -25.61
C PHE D 213 -17.92 30.51 -25.89
N ALA D 214 -18.62 29.39 -25.81
CA ALA D 214 -20.06 29.34 -25.99
C ALA D 214 -20.70 28.82 -24.70
N TRP D 215 -22.01 28.57 -24.76
CA TRP D 215 -22.74 28.15 -23.57
C TRP D 215 -22.28 26.77 -23.10
N ARG D 216 -22.17 26.62 -21.78
CA ARG D 216 -21.66 25.38 -21.21
C ARG D 216 -22.60 24.21 -21.50
N GLY D 217 -23.90 24.43 -21.38
CA GLY D 217 -24.87 23.42 -21.76
C GLY D 217 -25.55 22.71 -20.61
N PHE D 218 -25.82 21.42 -20.77
CA PHE D 218 -26.55 20.63 -19.78
C PHE D 218 -25.62 19.62 -19.12
N PRO D 219 -25.18 19.85 -17.89
CA PRO D 219 -24.49 18.80 -17.15
C PRO D 219 -25.48 17.81 -16.55
N THR D 220 -24.99 16.60 -16.29
CA THR D 220 -25.80 15.54 -15.71
C THR D 220 -25.47 15.35 -14.24
N ASP D 221 -26.38 14.71 -13.53
CA ASP D 221 -26.16 14.34 -12.13
C ASP D 221 -25.42 13.01 -12.06
N ILE D 222 -25.12 12.59 -10.83
CA ILE D 222 -24.33 11.38 -10.62
C ILE D 222 -25.07 10.13 -11.14
N ASN D 223 -26.39 10.20 -11.26
CA ASN D 223 -27.17 9.10 -11.81
C ASN D 223 -27.46 9.27 -13.28
N SER D 224 -26.65 10.05 -14.00
CA SER D 224 -26.77 10.28 -15.44
C SER D 224 -28.09 10.95 -15.82
N ASP D 225 -28.79 11.54 -14.86
CA ASP D 225 -30.00 12.27 -15.14
C ASP D 225 -29.70 13.72 -15.47
N ILE D 226 -30.41 14.24 -16.46
CA ILE D 226 -30.18 15.60 -16.95
C ILE D 226 -31.09 16.56 -16.19
N PHE D 227 -30.72 17.82 -16.22
CA PHE D 227 -31.47 18.88 -15.56
C PHE D 227 -32.30 19.66 -16.58
N LYS D 228 -33.41 20.21 -16.12
CA LYS D 228 -34.31 20.92 -17.02
C LYS D 228 -33.69 22.20 -17.55
N TYR D 229 -32.87 22.87 -16.75
CA TYR D 229 -32.31 24.14 -17.17
C TYR D 229 -30.83 24.02 -17.49
N PRO D 230 -30.33 24.78 -18.46
CA PRO D 230 -28.92 24.68 -18.84
C PRO D 230 -28.06 25.71 -18.11
N VAL D 231 -26.75 25.58 -18.33
CA VAL D 231 -25.79 26.60 -17.90
C VAL D 231 -25.66 27.62 -19.02
N THR D 232 -26.06 28.86 -18.76
CA THR D 232 -26.19 29.88 -19.78
C THR D 232 -24.92 30.70 -19.97
N THR D 233 -23.75 30.14 -19.65
CA THR D 233 -22.52 30.91 -19.70
C THR D 233 -21.36 29.96 -20.00
N GLY D 234 -20.29 30.51 -20.55
CA GLY D 234 -19.08 29.75 -20.78
C GLY D 234 -18.11 29.86 -19.62
N TYR D 235 -17.04 29.07 -19.70
CA TYR D 235 -16.05 29.06 -18.62
C TYR D 235 -15.32 30.38 -18.53
N ILE D 236 -15.02 31.01 -19.67
CA ILE D 236 -14.22 32.23 -19.67
C ILE D 236 -14.96 33.35 -18.95
N ASP D 237 -16.25 33.50 -19.21
CA ASP D 237 -17.02 34.50 -18.46
C ASP D 237 -17.19 34.09 -17.00
N GLY D 238 -17.47 32.82 -16.75
CA GLY D 238 -17.60 32.30 -15.41
C GLY D 238 -19.04 31.98 -15.05
N ILE D 239 -19.18 31.11 -14.06
CA ILE D 239 -20.48 30.67 -13.55
C ILE D 239 -20.56 31.10 -12.09
N TRP D 240 -21.39 32.10 -11.79
CA TRP D 240 -21.37 32.74 -10.49
C TRP D 240 -22.72 32.69 -9.77
N ASN D 241 -23.68 31.91 -10.27
CA ASN D 241 -24.95 31.75 -9.58
C ASN D 241 -25.05 30.34 -9.02
N LEU D 242 -25.78 30.21 -7.90
CA LEU D 242 -25.73 28.99 -7.12
C LEU D 242 -26.24 27.78 -7.89
N TYR D 243 -27.35 27.94 -8.62
CA TYR D 243 -27.96 26.79 -9.28
C TYR D 243 -27.03 26.21 -10.35
N GLU D 244 -26.54 27.06 -11.26
CA GLU D 244 -25.75 26.55 -12.37
C GLU D 244 -24.37 26.10 -11.91
N ASN D 245 -23.81 26.78 -10.91
CA ASN D 245 -22.51 26.38 -10.38
C ASN D 245 -22.59 25.00 -9.74
N MET D 246 -23.66 24.76 -8.97
CA MET D 246 -23.78 23.48 -8.28
C MET D 246 -23.93 22.32 -9.25
N ILE D 247 -24.76 22.48 -10.28
CA ILE D 247 -24.96 21.39 -11.23
C ILE D 247 -23.70 21.15 -12.04
N GLU D 248 -22.91 22.20 -12.28
CA GLU D 248 -21.63 22.03 -12.94
C GLU D 248 -20.67 21.22 -12.09
N SER D 249 -20.77 21.34 -10.76
CA SER D 249 -19.90 20.58 -9.88
C SER D 249 -20.14 19.08 -10.01
N ARG D 250 -21.36 18.68 -10.35
CA ARG D 250 -21.66 17.25 -10.50
C ARG D 250 -20.81 16.60 -11.58
N SER D 251 -20.33 17.37 -12.55
CA SER D 251 -19.41 16.82 -13.54
C SER D 251 -18.11 16.37 -12.90
N GLY D 252 -17.56 17.15 -11.98
CA GLY D 252 -16.36 16.73 -11.26
C GLY D 252 -16.60 15.51 -10.40
N THR D 253 -17.78 15.45 -9.76
CA THR D 253 -18.16 14.24 -9.03
C THR D 253 -18.26 13.04 -9.96
N LYS D 254 -18.84 13.25 -11.15
CA LYS D 254 -18.93 12.18 -12.13
C LYS D 254 -17.56 11.75 -12.63
N ALA D 255 -16.59 12.68 -12.63
CA ALA D 255 -15.25 12.34 -13.09
C ALA D 255 -14.59 11.29 -12.22
N LEU D 256 -14.73 11.42 -10.90
CA LEU D 256 -14.18 10.46 -9.95
C LEU D 256 -15.22 9.39 -9.66
N LEU D 257 -14.90 8.15 -10.05
CA LEU D 257 -15.83 7.04 -9.89
C LEU D 257 -15.07 5.86 -9.30
N TYR D 258 -15.73 4.70 -9.31
CA TYR D 258 -15.15 3.48 -8.74
C TYR D 258 -14.27 2.80 -9.80
N ASN D 259 -13.22 3.53 -10.20
CA ASN D 259 -12.26 2.97 -11.13
C ASN D 259 -11.47 1.81 -10.53
N LYS D 260 -11.44 1.70 -9.19
CA LYS D 260 -10.79 0.57 -8.56
C LYS D 260 -11.45 -0.75 -8.95
N GLU D 261 -12.78 -0.77 -8.95
CA GLU D 261 -13.50 -1.94 -9.46
C GLU D 261 -13.27 -2.11 -10.95
N LEU D 262 -13.26 -1.00 -11.70
CA LEU D 262 -13.01 -1.08 -13.14
C LEU D 262 -11.63 -1.65 -13.43
N LEU D 263 -10.62 -1.22 -12.67
CA LEU D 263 -9.28 -1.79 -12.83
C LEU D 263 -9.27 -3.27 -12.50
N ARG D 264 -9.98 -3.68 -11.45
CA ARG D 264 -10.01 -5.08 -11.06
C ARG D 264 -10.67 -5.93 -12.14
N VAL D 265 -11.77 -5.44 -12.72
CA VAL D 265 -12.48 -6.21 -13.74
C VAL D 265 -11.67 -6.28 -15.02
N THR D 266 -11.11 -5.15 -15.45
CA THR D 266 -10.34 -5.14 -16.70
C THR D 266 -9.10 -6.01 -16.59
N GLU D 267 -8.41 -5.97 -15.44
CA GLU D 267 -7.23 -6.80 -15.25
C GLU D 267 -7.58 -8.28 -15.30
N TYR D 268 -8.70 -8.66 -14.68
CA TYR D 268 -9.13 -10.06 -14.71
C TYR D 268 -9.50 -10.48 -16.13
N PHE D 269 -10.21 -9.62 -16.86
CA PHE D 269 -10.58 -9.95 -18.23
C PHE D 269 -9.36 -10.09 -19.12
N ASN D 270 -8.39 -9.19 -18.97
CA ASN D 270 -7.19 -9.27 -19.80
C ASN D 270 -6.39 -10.52 -19.49
N ARG D 271 -6.26 -10.88 -18.21
CA ARG D 271 -5.51 -12.06 -17.84
C ARG D 271 -6.17 -13.31 -18.39
N LYS D 272 -7.50 -13.39 -18.31
CA LYS D 272 -8.20 -14.59 -18.74
C LYS D 272 -8.04 -14.83 -20.24
N SER D 273 -8.20 -13.78 -21.04
CA SER D 273 -8.13 -13.95 -22.48
C SER D 273 -6.71 -14.22 -22.95
N GLN D 274 -5.71 -13.61 -22.30
CA GLN D 274 -4.33 -13.80 -22.72
C GLN D 274 -3.86 -15.22 -22.47
N LEU D 275 -4.29 -15.83 -21.37
CA LEU D 275 -3.82 -17.16 -21.02
C LEU D 275 -4.24 -18.20 -22.06
N ILE D 276 -5.49 -18.12 -22.53
CA ILE D 276 -5.97 -19.10 -23.49
C ILE D 276 -5.44 -18.79 -24.89
N ALA D 277 -5.27 -17.52 -25.22
CA ALA D 277 -4.85 -17.15 -26.57
C ALA D 277 -3.42 -17.58 -26.84
N GLN D 278 -2.61 -17.74 -25.79
CA GLN D 278 -1.19 -18.03 -25.95
C GLN D 278 -0.95 -19.42 -26.54
N TYR D 279 -2.00 -20.22 -26.68
CA TYR D 279 -1.84 -21.56 -27.23
C TYR D 279 -1.54 -21.51 -28.72
N VAL D 280 -1.87 -20.41 -29.40
CA VAL D 280 -1.49 -20.20 -30.78
C VAL D 280 -0.21 -19.37 -30.75
N GLN D 281 0.92 -20.00 -31.10
CA GLN D 281 2.22 -19.43 -30.77
C GLN D 281 2.90 -18.72 -31.94
N ARG D 282 3.14 -19.45 -33.03
CA ARG D 282 4.06 -18.99 -34.05
C ARG D 282 3.34 -18.55 -35.32
N LEU D 283 3.95 -17.58 -36.02
CA LEU D 283 3.47 -17.08 -37.29
C LEU D 283 4.62 -17.18 -38.29
N HIS D 284 4.52 -18.11 -39.22
CA HIS D 284 5.61 -18.33 -40.15
C HIS D 284 5.39 -17.52 -41.43
N PRO D 285 6.45 -16.91 -41.95
CA PRO D 285 6.33 -16.21 -43.24
C PRO D 285 6.35 -17.16 -44.42
N GLY D 286 5.58 -16.81 -45.44
CA GLY D 286 5.47 -17.61 -46.63
C GLY D 286 4.02 -17.89 -46.97
N ASP D 287 3.81 -18.92 -47.79
CA ASP D 287 2.47 -19.31 -48.20
C ASP D 287 2.38 -20.82 -48.19
N CYS D 288 1.31 -21.35 -47.59
CA CYS D 288 1.15 -22.79 -47.43
C CYS D 288 0.50 -23.46 -48.62
N LYS D 289 0.00 -22.69 -49.59
CA LYS D 289 -0.60 -23.23 -50.82
C LYS D 289 -1.77 -24.15 -50.50
N THR D 290 -2.81 -23.57 -49.91
CA THR D 290 -4.02 -24.28 -49.57
C THR D 290 -5.14 -23.97 -50.54
N THR D 291 -5.93 -24.98 -50.86
CA THR D 291 -7.12 -24.80 -51.68
C THR D 291 -8.36 -24.51 -50.84
N ILE D 292 -8.21 -24.42 -49.52
CA ILE D 292 -9.33 -24.13 -48.63
C ILE D 292 -9.42 -22.62 -48.45
N LEU D 293 -10.54 -22.05 -48.87
CA LEU D 293 -10.82 -20.63 -48.71
C LEU D 293 -11.99 -20.47 -47.75
N ALA D 294 -12.38 -19.22 -47.51
CA ALA D 294 -13.47 -18.94 -46.59
C ALA D 294 -14.40 -17.90 -47.20
N GLU D 295 -15.69 -18.18 -47.17
CA GLU D 295 -16.70 -17.27 -47.71
C GLU D 295 -17.19 -16.36 -46.60
N TYR D 296 -16.91 -15.07 -46.71
CA TYR D 296 -17.33 -14.10 -45.71
C TYR D 296 -18.11 -12.96 -46.36
N PRO D 297 -19.21 -12.54 -45.76
CA PRO D 297 -19.87 -11.33 -46.23
C PRO D 297 -19.04 -10.10 -45.93
N VAL D 298 -19.18 -9.09 -46.78
CA VAL D 298 -18.50 -7.80 -46.62
C VAL D 298 -19.56 -6.73 -46.49
N THR D 299 -19.51 -5.96 -45.40
CA THR D 299 -20.47 -4.92 -45.12
C THR D 299 -19.76 -3.58 -44.94
N LYS D 300 -20.56 -2.52 -44.80
CA LYS D 300 -19.99 -1.20 -44.60
C LYS D 300 -19.31 -1.06 -43.24
N LEU D 301 -19.71 -1.88 -42.27
CA LEU D 301 -19.13 -1.81 -40.93
C LEU D 301 -17.84 -2.60 -40.80
N THR D 302 -17.68 -3.68 -41.57
CA THR D 302 -16.53 -4.55 -41.46
C THR D 302 -15.55 -4.40 -42.61
N LEU D 303 -15.79 -3.50 -43.55
CA LEU D 303 -14.87 -3.33 -44.68
C LEU D 303 -13.51 -2.86 -44.20
N LYS D 304 -13.48 -1.91 -43.26
CA LYS D 304 -12.22 -1.44 -42.73
C LYS D 304 -11.48 -2.54 -41.95
N ALA D 305 -12.22 -3.45 -41.34
CA ALA D 305 -11.61 -4.52 -40.56
C ALA D 305 -10.97 -5.60 -41.43
N PHE D 306 -11.19 -5.56 -42.74
CA PHE D 306 -10.67 -6.58 -43.64
C PHE D 306 -9.33 -6.19 -44.26
N LYS D 307 -8.73 -5.09 -43.82
CA LYS D 307 -7.48 -4.63 -44.40
C LYS D 307 -6.39 -5.70 -44.29
N GLY D 308 -5.68 -5.92 -45.39
CA GLY D 308 -4.58 -6.86 -45.42
C GLY D 308 -4.97 -8.29 -45.67
N LYS D 309 -6.25 -8.61 -45.75
CA LYS D 309 -6.68 -9.98 -45.98
C LYS D 309 -6.61 -10.31 -47.46
N TYR D 310 -5.98 -11.44 -47.78
CA TYR D 310 -5.91 -11.90 -49.16
C TYR D 310 -7.24 -12.53 -49.54
N TYR D 311 -7.80 -12.08 -50.67
CA TYR D 311 -9.04 -12.65 -51.19
C TYR D 311 -8.83 -13.02 -52.64
N GLN D 312 -9.42 -14.15 -53.04
CA GLN D 312 -9.30 -14.63 -54.40
C GLN D 312 -10.32 -13.90 -55.27
N LYS D 313 -9.84 -13.04 -56.16
CA LYS D 313 -10.71 -12.35 -57.10
C LYS D 313 -10.97 -13.27 -58.30
N GLU D 314 -11.51 -12.69 -59.37
CA GLU D 314 -11.74 -13.47 -60.58
C GLU D 314 -10.43 -13.98 -61.16
N ASP D 315 -10.55 -14.86 -62.15
CA ASP D 315 -9.43 -15.49 -62.86
C ASP D 315 -8.44 -16.17 -61.91
N GLY D 316 -8.86 -16.45 -60.68
CA GLY D 316 -8.06 -17.24 -59.76
C GLY D 316 -6.72 -16.64 -59.36
N LYS D 317 -6.72 -15.37 -58.99
CA LYS D 317 -5.51 -14.71 -58.52
C LYS D 317 -5.79 -14.05 -57.18
N LEU D 318 -4.73 -13.86 -56.39
CA LEU D 318 -4.84 -13.36 -55.03
C LEU D 318 -4.56 -11.86 -54.99
N ASP D 319 -5.44 -11.13 -54.33
CA ASP D 319 -5.23 -9.71 -54.04
C ASP D 319 -5.67 -9.45 -52.61
N TRP D 320 -5.13 -8.40 -52.02
CA TRP D 320 -5.40 -8.07 -50.63
C TRP D 320 -6.19 -6.78 -50.53
N ILE D 321 -7.03 -6.70 -49.50
CA ILE D 321 -7.93 -5.56 -49.33
C ILE D 321 -7.13 -4.33 -48.92
N ARG D 322 -7.29 -3.25 -49.67
CA ARG D 322 -6.65 -1.98 -49.35
C ARG D 322 -7.52 -1.07 -48.48
N GLY D 323 -8.78 -1.43 -48.27
CA GLY D 323 -9.66 -0.68 -47.41
C GLY D 323 -10.65 0.23 -48.12
N ASN D 324 -10.50 0.43 -49.43
CA ASN D 324 -11.39 1.32 -50.18
C ASN D 324 -12.15 0.60 -51.28
N GLU D 325 -12.24 -0.73 -51.22
CA GLU D 325 -12.96 -1.50 -52.23
C GLU D 325 -14.46 -1.46 -51.91
N THR D 326 -15.05 -0.29 -52.17
CA THR D 326 -16.47 -0.10 -51.86
C THR D 326 -17.37 -0.99 -52.71
N HIS D 327 -16.92 -1.35 -53.91
CA HIS D 327 -17.75 -2.17 -54.79
C HIS D 327 -17.95 -3.58 -54.24
N LEU D 328 -17.13 -4.01 -53.28
CA LEU D 328 -17.29 -5.34 -52.69
C LEU D 328 -18.34 -5.38 -51.59
N ILE D 329 -18.83 -4.24 -51.15
CA ILE D 329 -19.81 -4.21 -50.07
C ILE D 329 -21.10 -4.86 -50.53
N GLY D 330 -21.67 -5.72 -49.68
CA GLY D 330 -22.88 -6.44 -50.01
C GLY D 330 -22.67 -7.74 -50.75
N THR D 331 -21.44 -8.11 -51.04
CA THR D 331 -21.12 -9.33 -51.76
C THR D 331 -20.48 -10.34 -50.82
N LYS D 332 -20.09 -11.48 -51.38
CA LYS D 332 -19.38 -12.52 -50.63
C LYS D 332 -18.15 -12.93 -51.40
N GLN D 333 -17.00 -12.91 -50.74
CA GLN D 333 -15.72 -13.21 -51.36
C GLN D 333 -15.09 -14.41 -50.69
N LYS D 334 -14.15 -15.04 -51.39
CA LYS D 334 -13.41 -16.19 -50.88
C LYS D 334 -12.06 -15.70 -50.36
N PHE D 335 -11.88 -15.76 -49.05
CA PHE D 335 -10.70 -15.22 -48.39
C PHE D 335 -9.74 -16.34 -48.01
N ARG D 336 -8.45 -16.02 -48.00
CA ARG D 336 -7.46 -16.87 -47.36
C ARG D 336 -7.56 -16.67 -45.85
N SER D 337 -7.88 -17.73 -45.13
CA SER D 337 -8.25 -17.61 -43.73
C SER D 337 -7.38 -18.51 -42.86
N VAL D 338 -7.32 -18.16 -41.57
CA VAL D 338 -6.60 -18.97 -40.60
C VAL D 338 -7.16 -20.38 -40.55
N PHE D 339 -8.49 -20.51 -40.64
CA PHE D 339 -9.14 -21.80 -40.52
C PHE D 339 -8.81 -22.74 -41.67
N GLY D 340 -8.21 -22.23 -42.75
CA GLY D 340 -7.84 -23.05 -43.88
C GLY D 340 -6.36 -23.39 -43.98
N CYS D 341 -5.55 -23.01 -43.00
CA CYS D 341 -4.11 -23.19 -43.10
C CYS D 341 -3.73 -24.66 -43.00
N ASN D 342 -2.63 -25.01 -43.67
CA ASN D 342 -2.09 -26.37 -43.64
C ASN D 342 -0.61 -26.35 -43.30
N HIS D 343 -0.19 -25.40 -42.48
CA HIS D 343 1.21 -25.36 -42.06
C HIS D 343 1.51 -26.57 -41.18
N PRO D 344 2.69 -27.18 -41.33
CA PRO D 344 3.02 -28.36 -40.51
C PRO D 344 3.02 -28.08 -39.02
N ASP D 345 3.35 -26.86 -38.60
CA ASP D 345 3.40 -26.53 -37.18
C ASP D 345 2.04 -26.74 -36.55
N SER D 346 2.00 -27.53 -35.48
CA SER D 346 0.75 -27.86 -34.83
C SER D 346 0.16 -26.68 -34.05
N GLN D 347 0.93 -25.61 -33.85
CA GLN D 347 0.42 -24.42 -33.18
C GLN D 347 0.83 -23.15 -33.92
N GLY D 348 0.91 -23.21 -35.25
CA GLY D 348 1.33 -22.07 -36.03
C GLY D 348 0.59 -22.00 -37.34
N ILE D 349 0.67 -20.81 -37.96
CA ILE D 349 0.02 -20.53 -39.24
C ILE D 349 1.00 -19.78 -40.13
N CYS D 350 0.65 -19.69 -41.41
CA CYS D 350 1.50 -18.99 -42.37
C CYS D 350 1.07 -17.53 -42.51
N MET D 351 1.92 -16.76 -43.18
CA MET D 351 1.68 -15.32 -43.31
C MET D 351 0.48 -15.03 -44.20
N THR D 352 0.32 -15.79 -45.29
CA THR D 352 -0.75 -15.50 -46.25
C THR D 352 -2.13 -15.68 -45.63
N CYS D 353 -2.31 -16.75 -44.85
CA CYS D 353 -3.60 -16.97 -44.22
C CYS D 353 -3.89 -15.93 -43.15
N TYR D 354 -2.85 -15.45 -42.46
CA TYR D 354 -3.06 -14.45 -41.43
C TYR D 354 -3.44 -13.10 -42.03
N GLY D 355 -2.80 -12.73 -43.13
CA GLY D 355 -3.01 -11.44 -43.75
C GLY D 355 -1.75 -10.60 -43.72
N ARG D 356 -1.85 -9.43 -44.35
CA ARG D 356 -0.71 -8.53 -44.44
C ARG D 356 -0.40 -7.83 -43.12
N LEU D 357 -1.29 -7.92 -42.14
CA LEU D 357 -1.01 -7.32 -40.84
C LEU D 357 0.14 -8.04 -40.15
N GLY D 358 0.41 -9.28 -40.53
CA GLY D 358 1.52 -10.02 -39.94
C GLY D 358 2.89 -9.49 -40.29
N ILE D 359 2.98 -8.59 -41.27
CA ILE D 359 4.27 -7.98 -41.60
C ILE D 359 4.74 -7.10 -40.46
N ASN D 360 3.81 -6.43 -39.79
CA ASN D 360 4.15 -5.51 -38.71
C ASN D 360 4.55 -6.22 -37.42
N ILE D 361 4.23 -7.49 -37.28
CA ILE D 361 4.50 -8.20 -36.02
C ILE D 361 5.99 -8.47 -35.91
N PRO D 362 6.63 -8.12 -34.79
CA PRO D 362 8.06 -8.44 -34.62
C PRO D 362 8.30 -9.93 -34.66
N LYS D 363 9.48 -10.31 -35.14
CA LYS D 363 9.81 -11.71 -35.33
C LYS D 363 9.86 -12.44 -33.99
N GLY D 364 9.27 -13.62 -33.95
CA GLY D 364 9.34 -14.46 -32.77
C GLY D 364 8.35 -14.13 -31.68
N THR D 365 7.30 -13.37 -31.98
CA THR D 365 6.31 -12.98 -31.00
C THR D 365 5.15 -13.97 -31.00
N ASN D 366 4.65 -14.28 -29.80
CA ASN D 366 3.47 -15.13 -29.66
C ASN D 366 2.27 -14.47 -30.32
N ILE D 367 1.80 -15.05 -31.43
CA ILE D 367 0.76 -14.40 -32.22
C ILE D 367 -0.56 -14.36 -31.46
N GLY D 368 -0.81 -15.37 -30.63
CA GLY D 368 -2.03 -15.38 -29.84
C GLY D 368 -2.09 -14.23 -28.85
N GLN D 369 -0.96 -13.94 -28.20
CA GLN D 369 -0.91 -12.83 -27.26
C GLN D 369 -1.17 -11.50 -27.96
N VAL D 370 -0.72 -11.36 -29.20
CA VAL D 370 -0.91 -10.11 -29.93
C VAL D 370 -2.40 -9.84 -30.14
N ALA D 371 -3.15 -10.87 -30.50
CA ALA D 371 -4.59 -10.70 -30.70
C ALA D 371 -5.28 -10.31 -29.40
N ALA D 372 -4.94 -10.99 -28.30
CA ALA D 372 -5.57 -10.70 -27.02
C ALA D 372 -5.20 -9.30 -26.54
N VAL D 373 -3.95 -8.89 -26.74
CA VAL D 373 -3.52 -7.56 -26.32
C VAL D 373 -4.27 -6.49 -27.12
N SER D 374 -4.41 -6.70 -28.43
CA SER D 374 -5.09 -5.72 -29.27
C SER D 374 -6.53 -5.52 -28.84
N MET D 375 -7.24 -6.63 -28.56
CA MET D 375 -8.62 -6.51 -28.11
C MET D 375 -8.70 -5.92 -26.70
N GLY D 376 -7.82 -6.36 -25.81
CA GLY D 376 -7.85 -5.87 -24.44
C GLY D 376 -7.50 -4.40 -24.34
N ASP D 377 -6.56 -3.93 -25.15
CA ASP D 377 -6.12 -2.54 -25.08
C ASP D 377 -7.26 -1.59 -25.41
N LYS D 378 -8.02 -1.90 -26.47
CA LYS D 378 -9.09 -1.01 -26.89
C LYS D 378 -10.27 -1.04 -25.92
N ILE D 379 -10.60 -2.23 -25.40
CA ILE D 379 -11.68 -2.32 -24.43
C ILE D 379 -11.30 -1.60 -23.14
N THR D 380 -10.07 -1.81 -22.66
CA THR D 380 -9.65 -1.19 -21.41
C THR D 380 -9.64 0.33 -21.53
N SER D 381 -9.17 0.86 -22.66
CA SER D 381 -9.16 2.30 -22.85
C SER D 381 -10.57 2.88 -22.83
N ALA D 382 -11.52 2.19 -23.48
CA ALA D 382 -12.89 2.69 -23.53
C ALA D 382 -13.57 2.56 -22.17
N VAL D 383 -13.35 1.44 -21.47
CA VAL D 383 -14.01 1.22 -20.18
C VAL D 383 -13.53 2.26 -19.17
N LEU D 384 -12.22 2.47 -19.08
CA LEU D 384 -11.69 3.42 -18.11
C LEU D 384 -11.93 4.86 -18.54
N SER D 385 -12.03 5.11 -19.84
CA SER D 385 -12.24 6.46 -20.35
C SER D 385 -13.32 6.48 -21.43
N VAL D 532 -24.81 2.75 -24.09
CA VAL D 532 -24.48 1.45 -23.54
C VAL D 532 -23.08 1.46 -22.94
N ASN D 533 -22.97 0.99 -21.70
CA ASN D 533 -21.69 0.98 -21.01
C ASN D 533 -20.72 0.00 -21.68
N MET D 534 -19.46 0.42 -21.78
CA MET D 534 -18.43 -0.48 -22.28
C MET D 534 -18.19 -1.65 -21.35
N TYR D 535 -18.56 -1.52 -20.07
CA TYR D 535 -18.49 -2.66 -19.16
C TYR D 535 -19.42 -3.77 -19.61
N GLU D 536 -20.62 -3.41 -20.08
CA GLU D 536 -21.53 -4.41 -20.64
C GLU D 536 -20.97 -4.99 -21.92
N VAL D 537 -20.26 -4.17 -22.71
CA VAL D 537 -19.65 -4.65 -23.93
C VAL D 537 -18.57 -5.69 -23.63
N MET D 538 -17.72 -5.40 -22.63
CA MET D 538 -16.69 -6.35 -22.26
C MET D 538 -17.29 -7.66 -21.76
N LYS D 539 -18.35 -7.57 -20.96
CA LYS D 539 -19.03 -8.78 -20.49
C LYS D 539 -19.65 -9.54 -21.65
N ARG D 540 -20.14 -8.82 -22.67
CA ARG D 540 -20.77 -9.48 -23.80
C ARG D 540 -19.75 -10.24 -24.64
N PHE D 541 -18.59 -9.65 -24.88
CA PHE D 541 -17.53 -10.36 -25.61
C PHE D 541 -17.06 -11.58 -24.84
N GLN D 542 -16.90 -11.43 -23.52
CA GLN D 542 -16.41 -12.53 -22.70
C GLN D 542 -17.36 -13.72 -22.73
N SER D 543 -18.66 -13.48 -22.57
CA SER D 543 -19.62 -14.58 -22.55
C SER D 543 -19.70 -15.27 -23.90
N PHE D 544 -19.58 -14.51 -24.99
CA PHE D 544 -19.67 -15.11 -26.32
C PHE D 544 -18.50 -16.04 -26.58
N LEU D 545 -17.28 -15.58 -26.35
CA LEU D 545 -16.10 -16.38 -26.68
C LEU D 545 -15.94 -17.56 -25.73
N HIS D 546 -16.16 -17.33 -24.44
CA HIS D 546 -15.93 -18.37 -23.45
C HIS D 546 -17.10 -19.34 -23.33
N SER D 547 -18.17 -19.10 -24.08
CA SER D 547 -19.38 -19.94 -24.02
C SER D 547 -19.94 -20.03 -22.61
N GLY D 548 -19.97 -18.90 -21.91
CA GLY D 548 -20.50 -18.85 -20.57
C GLY D 548 -19.62 -19.55 -19.55
N THR D 568 -26.65 -17.76 -28.30
CA THR D 568 -25.79 -16.61 -28.57
C THR D 568 -24.40 -16.83 -27.98
N TYR D 569 -23.92 -18.06 -28.04
CA TYR D 569 -22.59 -18.43 -27.58
C TYR D 569 -21.82 -19.05 -28.73
N LEU D 570 -20.49 -19.00 -28.61
CA LEU D 570 -19.64 -19.52 -29.68
C LEU D 570 -19.80 -21.02 -29.86
N LYS D 571 -20.13 -21.74 -28.79
CA LYS D 571 -20.29 -23.18 -28.89
C LYS D 571 -21.54 -23.58 -29.66
N ASN D 572 -22.50 -22.66 -29.83
CA ASN D 572 -23.69 -22.96 -30.60
C ASN D 572 -23.37 -23.22 -32.06
N TYR D 573 -22.46 -22.43 -32.64
CA TYR D 573 -22.16 -22.53 -34.05
C TYR D 573 -21.40 -23.82 -34.36
N LYS D 574 -21.62 -24.34 -35.55
CA LYS D 574 -21.03 -25.61 -35.94
C LYS D 574 -19.73 -25.46 -36.70
N SER D 575 -19.52 -24.34 -37.38
CA SER D 575 -18.29 -24.12 -38.12
C SER D 575 -17.73 -22.75 -37.79
N PRO D 576 -16.40 -22.60 -37.79
CA PRO D 576 -15.81 -21.28 -37.54
C PRO D 576 -16.18 -20.26 -38.60
N ILE D 577 -16.43 -20.70 -39.83
CA ILE D 577 -16.75 -19.76 -40.91
C ILE D 577 -18.06 -19.03 -40.62
N GLU D 578 -19.06 -19.76 -40.12
CA GLU D 578 -20.34 -19.13 -39.80
C GLU D 578 -20.26 -18.23 -38.58
N ALA D 579 -19.26 -18.42 -37.72
CA ALA D 579 -19.18 -17.67 -36.47
C ALA D 579 -18.39 -16.39 -36.58
N LEU D 580 -17.43 -16.32 -37.52
CA LEU D 580 -16.60 -15.13 -37.62
C LEU D 580 -17.38 -13.87 -37.96
N PRO D 581 -18.27 -13.85 -38.97
CA PRO D 581 -19.01 -12.60 -39.24
C PRO D 581 -19.85 -12.13 -38.06
N VAL D 582 -20.40 -13.06 -37.29
CA VAL D 582 -21.17 -12.67 -36.11
C VAL D 582 -20.29 -11.99 -35.09
N PHE D 583 -19.10 -12.56 -34.83
CA PHE D 583 -18.18 -11.94 -33.88
C PHE D 583 -17.58 -10.67 -34.45
N ALA D 584 -17.25 -10.67 -35.75
CA ALA D 584 -16.67 -9.48 -36.36
C ALA D 584 -17.63 -8.31 -36.30
N THR D 585 -18.91 -8.54 -36.59
CA THR D 585 -19.91 -7.47 -36.47
C THR D 585 -20.07 -7.03 -35.02
N MET D 586 -20.09 -7.98 -34.09
CA MET D 586 -20.21 -7.63 -32.67
C MET D 586 -19.01 -6.82 -32.20
N ALA D 587 -17.80 -7.23 -32.61
CA ALA D 587 -16.60 -6.54 -32.15
C ALA D 587 -16.46 -5.17 -32.80
N ASN D 588 -16.67 -5.09 -34.12
CA ASN D 588 -16.43 -3.86 -34.84
C ASN D 588 -17.53 -2.83 -34.65
N GLU D 589 -18.63 -3.18 -33.99
CA GLU D 589 -19.68 -2.21 -33.72
C GLU D 589 -19.28 -1.23 -32.62
N LYS D 590 -18.47 -1.67 -31.67
CA LYS D 590 -18.05 -0.84 -30.55
C LYS D 590 -16.58 -0.43 -30.64
N ILE D 591 -15.68 -1.40 -30.85
CA ILE D 591 -14.26 -1.11 -31.01
C ILE D 591 -13.87 -1.43 -32.44
N SER D 592 -12.61 -1.20 -32.79
CA SER D 592 -12.09 -1.51 -34.12
C SER D 592 -11.10 -2.64 -34.00
N LEU D 593 -11.49 -3.83 -34.45
CA LEU D 593 -10.65 -5.02 -34.37
C LEU D 593 -10.48 -5.61 -35.76
N ASN D 594 -9.22 -5.87 -36.13
CA ASN D 594 -8.93 -6.45 -37.43
C ASN D 594 -9.47 -7.87 -37.52
N ILE D 595 -9.76 -8.31 -38.75
CA ILE D 595 -10.27 -9.66 -38.96
C ILE D 595 -9.23 -10.69 -38.57
N SER D 596 -7.95 -10.40 -38.80
CA SER D 596 -6.90 -11.34 -38.44
C SER D 596 -6.89 -11.60 -36.93
N HIS D 597 -7.09 -10.55 -36.13
CA HIS D 597 -7.20 -10.75 -34.69
C HIS D 597 -8.45 -11.54 -34.32
N CYS D 598 -9.56 -11.28 -35.02
CA CYS D 598 -10.80 -11.99 -34.72
C CYS D 598 -10.66 -13.48 -35.00
N GLU D 599 -10.00 -13.84 -36.09
CA GLU D 599 -9.85 -15.25 -36.43
C GLU D 599 -9.00 -15.98 -35.39
N ILE D 600 -7.94 -15.32 -34.90
CA ILE D 600 -7.05 -15.97 -33.93
C ILE D 600 -7.78 -16.26 -32.63
N LEU D 601 -8.56 -15.29 -32.15
CA LEU D 601 -9.27 -15.47 -30.89
C LEU D 601 -10.28 -16.61 -30.98
N ILE D 602 -11.00 -16.69 -32.10
CA ILE D 602 -11.98 -17.76 -32.28
C ILE D 602 -11.26 -19.10 -32.44
N TYR D 603 -10.12 -19.10 -33.14
CA TYR D 603 -9.39 -20.34 -33.39
C TYR D 603 -8.89 -20.95 -32.08
N ALA D 604 -8.56 -20.12 -31.10
CA ALA D 604 -8.00 -20.63 -29.85
C ALA D 604 -9.01 -21.47 -29.08
N MET D 605 -10.31 -21.25 -29.32
CA MET D 605 -11.36 -21.97 -28.60
C MET D 605 -11.77 -23.27 -29.29
N MET D 606 -10.95 -23.78 -30.21
CA MET D 606 -11.32 -24.93 -31.02
C MET D 606 -10.56 -26.17 -30.56
N ILE D 607 -11.23 -27.32 -30.70
CA ILE D 607 -10.68 -28.60 -30.29
C ILE D 607 -10.87 -29.59 -31.44
N ARG D 608 -10.11 -30.68 -31.39
CA ARG D 608 -10.14 -31.67 -32.47
C ARG D 608 -11.36 -32.58 -32.36
N SER D 609 -11.57 -33.18 -31.18
CA SER D 609 -12.67 -34.12 -30.99
C SER D 609 -13.10 -34.08 -29.53
N ALA D 610 -14.31 -33.57 -29.28
CA ALA D 610 -14.84 -33.55 -27.92
C ALA D 610 -15.17 -34.96 -27.44
N GLN D 611 -15.62 -35.83 -28.34
CA GLN D 611 -15.99 -37.18 -27.94
C GLN D 611 -14.80 -37.95 -27.40
N TYR D 612 -13.65 -37.86 -28.06
CA TYR D 612 -12.45 -38.53 -27.62
C TYR D 612 -11.59 -37.66 -26.70
N ARG D 613 -12.09 -36.50 -26.32
CA ARG D 613 -11.40 -35.60 -25.38
C ARG D 613 -10.03 -35.20 -25.92
N ASP D 614 -9.95 -34.96 -27.22
CA ASP D 614 -8.74 -34.42 -27.85
C ASP D 614 -8.91 -32.91 -27.92
N TYR D 615 -8.27 -32.20 -27.00
CA TYR D 615 -8.44 -30.76 -26.87
C TYR D 615 -7.33 -29.97 -27.55
N ARG D 616 -6.50 -30.63 -28.36
CA ARG D 616 -5.51 -29.92 -29.14
C ARG D 616 -6.18 -29.08 -30.22
N LEU D 617 -5.45 -28.08 -30.71
CA LEU D 617 -5.97 -27.24 -31.78
C LEU D 617 -6.15 -28.07 -33.05
N PRO D 618 -7.22 -27.85 -33.80
CA PRO D 618 -7.43 -28.60 -35.04
C PRO D 618 -6.61 -28.04 -36.18
N LYS D 619 -6.15 -28.93 -37.06
CA LYS D 619 -5.41 -28.52 -38.24
C LYS D 619 -5.83 -29.33 -39.45
N PRO D 620 -6.51 -28.72 -40.43
CA PRO D 620 -6.92 -27.31 -40.51
C PRO D 620 -8.05 -26.96 -39.56
N GLY D 621 -8.30 -25.68 -39.33
CA GLY D 621 -9.27 -25.26 -38.34
C GLY D 621 -10.72 -25.46 -38.70
N ILE D 622 -11.01 -25.98 -39.91
CA ILE D 622 -12.40 -26.22 -40.30
C ILE D 622 -12.87 -27.61 -39.92
N ASN D 623 -12.00 -28.45 -39.33
CA ASN D 623 -12.35 -29.80 -38.94
C ASN D 623 -12.48 -29.95 -37.43
N GLY D 624 -12.78 -28.85 -36.74
CA GLY D 624 -12.85 -28.83 -35.29
C GLY D 624 -14.18 -28.34 -34.77
N GLN D 625 -14.29 -28.37 -33.44
CA GLN D 625 -15.48 -27.95 -32.72
C GLN D 625 -15.07 -26.95 -31.65
N PHE D 626 -16.06 -26.35 -31.01
CA PHE D 626 -15.83 -25.36 -29.97
C PHE D 626 -16.01 -25.99 -28.58
N GLU D 627 -15.38 -25.36 -27.59
CA GLU D 627 -15.45 -25.84 -26.22
C GLU D 627 -15.47 -24.65 -25.27
N LYS D 628 -15.96 -24.89 -24.06
CA LYS D 628 -16.02 -23.85 -23.06
C LYS D 628 -14.62 -23.51 -22.54
N TYR D 629 -14.49 -22.30 -22.00
CA TYR D 629 -13.20 -21.83 -21.52
C TYR D 629 -12.70 -22.67 -20.35
N ASN D 630 -13.55 -22.91 -19.36
CA ASN D 630 -13.12 -23.58 -18.14
C ASN D 630 -12.61 -24.99 -18.42
N ARG D 631 -13.32 -25.72 -19.28
CA ARG D 631 -12.88 -27.08 -19.60
C ARG D 631 -11.56 -27.07 -20.37
N LEU D 632 -11.36 -26.08 -21.23
CA LEU D 632 -10.13 -26.01 -22.01
C LEU D 632 -8.93 -25.65 -21.14
N MET D 633 -9.10 -24.71 -20.23
CA MET D 633 -7.97 -24.25 -19.41
C MET D 633 -7.49 -25.33 -18.45
N GLN D 634 -8.31 -26.34 -18.16
CA GLN D 634 -7.94 -27.40 -17.24
C GLN D 634 -7.58 -28.70 -17.92
N CYS D 635 -7.77 -28.82 -19.23
CA CYS D 635 -7.57 -30.08 -19.91
C CYS D 635 -6.58 -30.01 -21.08
N ARG D 636 -6.04 -28.84 -21.40
CA ARG D 636 -5.09 -28.76 -22.50
C ARG D 636 -3.68 -29.08 -22.03
N SER D 637 -3.17 -28.30 -21.07
CA SER D 637 -1.85 -28.56 -20.51
C SER D 637 -1.86 -28.15 -19.04
N LEU D 638 -1.27 -28.99 -18.20
CA LEU D 638 -1.28 -28.72 -16.77
C LEU D 638 -0.45 -27.48 -16.43
N GLY D 639 0.55 -27.15 -17.24
CA GLY D 639 1.30 -25.94 -17.01
C GLY D 639 0.44 -24.70 -17.09
N GLY D 640 -0.39 -24.61 -18.12
CA GLY D 640 -1.34 -23.51 -18.20
C GLY D 640 -2.41 -23.57 -17.12
N ALA D 641 -2.81 -24.77 -16.72
CA ALA D 641 -3.82 -24.92 -15.68
C ALA D 641 -3.34 -24.37 -14.35
N MET D 642 -2.07 -24.58 -14.03
CA MET D 642 -1.51 -24.14 -12.74
C MET D 642 -1.37 -22.65 -12.63
N ALA D 643 -1.86 -21.86 -13.58
CA ALA D 643 -1.63 -20.42 -13.55
C ALA D 643 -2.90 -19.58 -13.57
N PHE D 644 -4.09 -20.19 -13.51
CA PHE D 644 -5.32 -19.44 -13.69
C PHE D 644 -6.13 -19.35 -12.40
N GLU D 645 -6.67 -20.45 -11.89
CA GLU D 645 -7.58 -20.47 -10.74
C GLU D 645 -7.77 -21.93 -10.32
N LYS D 646 -8.12 -22.10 -9.05
CA LYS D 646 -8.53 -23.40 -8.49
C LYS D 646 -7.56 -24.50 -8.91
N GLN D 647 -6.28 -24.27 -8.63
CA GLN D 647 -5.24 -25.21 -9.05
C GLN D 647 -5.41 -26.58 -8.43
N HIS D 648 -6.17 -26.71 -7.34
CA HIS D 648 -6.38 -28.01 -6.74
C HIS D 648 -7.28 -28.89 -7.60
N GLU D 649 -8.24 -28.29 -8.30
CA GLU D 649 -9.20 -29.08 -9.06
C GLU D 649 -8.56 -29.90 -10.18
N PRO D 650 -7.67 -29.37 -11.02
CA PRO D 650 -7.04 -30.23 -12.03
C PRO D 650 -6.25 -31.39 -11.44
N LEU D 651 -5.71 -31.23 -10.23
CA LEU D 651 -4.97 -32.30 -9.61
C LEU D 651 -5.87 -33.47 -9.24
N ASN D 652 -7.15 -33.21 -8.98
CA ASN D 652 -8.12 -34.25 -8.67
C ASN D 652 -8.71 -34.90 -9.90
N ASN D 653 -8.53 -34.32 -11.08
CA ASN D 653 -9.18 -34.82 -12.28
C ASN D 653 -8.54 -36.11 -12.74
N PRO D 654 -9.28 -37.21 -12.89
CA PRO D 654 -8.67 -38.45 -13.37
C PRO D 654 -8.10 -38.35 -14.76
N GLY D 655 -8.63 -37.47 -15.61
CA GLY D 655 -8.12 -37.33 -16.96
C GLY D 655 -6.73 -36.77 -17.04
N SER D 656 -6.29 -36.04 -16.01
CA SER D 656 -4.96 -35.47 -15.99
C SER D 656 -3.87 -36.53 -15.95
N PHE D 657 -4.20 -37.75 -15.53
CA PHE D 657 -3.21 -38.80 -15.33
C PHE D 657 -3.13 -39.76 -16.51
N LEU D 658 -3.86 -39.51 -17.59
CA LEU D 658 -3.92 -40.41 -18.73
C LEU D 658 -3.05 -39.87 -19.86
N ASN D 659 -2.18 -40.72 -20.39
CA ASN D 659 -1.27 -40.33 -21.47
C ASN D 659 -2.03 -39.86 -22.69
N LYS D 660 -1.91 -38.57 -23.01
CA LYS D 660 -2.62 -37.98 -24.14
C LYS D 660 -1.67 -37.05 -24.90
N MET D 661 -2.02 -36.81 -26.15
CA MET D 661 -1.31 -35.79 -26.93
C MET D 661 -1.86 -34.42 -26.53
N ARG D 662 -0.99 -33.56 -26.02
CA ARG D 662 -1.39 -32.27 -25.50
C ARG D 662 -0.52 -31.17 -26.09
N ASN D 663 -1.11 -30.00 -26.29
CA ASN D 663 -0.35 -28.83 -26.67
C ASN D 663 0.42 -28.29 -25.47
N ASP D 664 1.38 -27.41 -25.74
CA ASP D 664 2.19 -26.84 -24.69
C ASP D 664 1.86 -25.36 -24.51
N HIS D 665 2.21 -24.84 -23.34
CA HIS D 665 1.96 -23.48 -22.94
C HIS D 665 3.28 -22.82 -22.56
N PRO D 666 3.41 -21.51 -22.77
CA PRO D 666 4.66 -20.85 -22.38
C PRO D 666 4.98 -20.98 -20.90
N TYR D 667 3.98 -21.18 -20.06
CA TYR D 667 4.21 -21.30 -18.62
C TYR D 667 4.72 -22.67 -18.23
N ASP D 668 4.86 -23.60 -19.18
CA ASP D 668 5.33 -24.94 -18.86
C ASP D 668 6.74 -24.91 -18.28
N LEU D 669 7.61 -24.08 -18.84
CA LEU D 669 8.99 -24.04 -18.38
C LEU D 669 9.08 -23.56 -16.93
N LEU D 670 8.32 -22.53 -16.57
CA LEU D 670 8.36 -22.00 -15.22
C LEU D 670 7.82 -22.98 -14.18
N VAL D 671 6.92 -23.88 -14.58
CA VAL D 671 6.42 -24.88 -13.64
C VAL D 671 7.53 -25.86 -13.27
N LYS D 672 8.37 -26.21 -14.23
CA LYS D 672 9.49 -27.10 -13.99
C LYS D 672 10.74 -26.38 -13.51
N GLY D 673 10.68 -25.06 -13.34
CA GLY D 673 11.81 -24.31 -12.86
C GLY D 673 12.91 -24.08 -13.88
N GLY D 674 12.68 -24.40 -15.14
CA GLY D 674 13.66 -24.21 -16.18
C GLY D 674 14.22 -25.50 -16.75
N LYS D 675 13.86 -26.65 -16.21
CA LYS D 675 14.34 -27.91 -16.75
C LYS D 675 13.69 -28.20 -18.09
N LEU D 676 14.34 -29.06 -18.87
CA LEU D 676 13.84 -29.41 -20.19
C LEU D 676 13.56 -30.90 -20.29
N PRO E 2 1.27 44.67 2.48
CA PRO E 2 -0.01 45.30 2.11
C PRO E 2 -0.30 46.53 2.95
N ASP E 3 -1.16 47.39 2.45
CA ASP E 3 -1.53 48.61 3.19
C ASP E 3 -2.29 48.23 4.46
N PRO E 4 -1.89 48.75 5.63
CA PRO E 4 -2.63 48.42 6.85
C PRO E 4 -4.10 48.81 6.79
N PHE E 5 -4.43 49.92 6.11
CA PHE E 5 -5.82 50.31 5.97
C PHE E 5 -6.57 49.30 5.11
N LEU E 6 -5.90 48.70 4.12
CA LEU E 6 -6.55 47.73 3.26
C LEU E 6 -6.98 46.50 4.05
N ILE E 7 -6.13 46.02 4.95
CA ILE E 7 -6.44 44.81 5.71
C ILE E 7 -7.64 45.03 6.61
N GLU E 8 -7.73 46.21 7.24
CA GLU E 8 -8.87 46.51 8.10
C GLU E 8 -10.17 46.50 7.31
N LYS E 9 -10.17 47.07 6.11
CA LYS E 9 -11.38 47.07 5.30
C LYS E 9 -11.72 45.66 4.81
N ILE E 10 -10.70 44.87 4.48
CA ILE E 10 -10.94 43.48 4.10
C ILE E 10 -11.51 42.70 5.28
N ARG E 11 -10.93 42.90 6.47
CA ARG E 11 -11.43 42.21 7.66
C ARG E 11 -12.85 42.64 7.98
N GLU E 12 -13.15 43.92 7.83
CA GLU E 12 -14.48 44.43 8.14
C GLU E 12 -15.56 43.80 7.26
N ASN E 13 -15.20 43.40 6.04
CA ASN E 13 -16.16 42.91 5.07
C ASN E 13 -16.24 41.39 4.99
N THR E 14 -15.54 40.69 5.87
CA THR E 14 -15.48 39.23 5.79
C THR E 14 -16.16 38.60 6.99
N PRO E 15 -17.15 37.74 6.77
CA PRO E 15 -17.78 37.04 7.89
C PRO E 15 -16.84 36.02 8.53
N CYS E 16 -17.07 35.78 9.81
CA CYS E 16 -16.25 34.86 10.58
C CYS E 16 -16.89 33.48 10.63
N MET E 17 -16.03 32.45 10.71
CA MET E 17 -16.52 31.10 10.88
C MET E 17 -17.06 30.90 12.29
N ASN E 18 -17.77 29.80 12.48
CA ASN E 18 -18.28 29.46 13.80
C ASN E 18 -17.15 28.87 14.63
N PRO E 19 -16.73 29.53 15.70
CA PRO E 19 -15.56 29.04 16.46
C PRO E 19 -15.73 27.64 17.03
N THR E 20 -16.96 27.25 17.37
CA THR E 20 -17.17 25.91 17.90
C THR E 20 -16.78 24.84 16.89
N LEU E 21 -17.15 25.03 15.62
CA LEU E 21 -16.78 24.06 14.61
C LEU E 21 -15.31 24.17 14.23
N ALA E 22 -14.80 25.40 14.16
CA ALA E 22 -13.41 25.60 13.72
C ALA E 22 -12.42 25.07 14.75
N ASN E 23 -12.65 25.32 16.03
CA ASN E 23 -11.76 24.83 17.06
C ASN E 23 -11.88 23.33 17.31
N GLY E 24 -12.92 22.70 16.78
CA GLY E 24 -13.13 21.28 17.01
C GLY E 24 -14.33 21.00 17.89
N ILE E 25 -15.31 20.27 17.35
CA ILE E 25 -16.53 20.00 18.10
C ILE E 25 -16.40 18.76 18.97
N THR E 26 -15.49 17.83 18.63
CA THR E 26 -15.28 16.68 19.49
C THR E 26 -14.75 17.11 20.86
N VAL E 27 -13.87 18.11 20.89
CA VAL E 27 -13.37 18.64 22.16
C VAL E 27 -14.50 19.27 22.95
N GLU E 28 -15.36 20.03 22.28
CA GLU E 28 -16.46 20.70 22.96
C GLU E 28 -17.49 19.73 23.53
N HIS E 29 -17.56 18.51 22.99
CA HIS E 29 -18.56 17.55 23.39
C HIS E 29 -18.03 16.46 24.32
N THR E 30 -16.72 16.41 24.57
CA THR E 30 -16.14 15.38 25.40
C THR E 30 -15.37 15.89 26.60
N MET E 31 -14.72 17.05 26.51
CA MET E 31 -13.85 17.52 27.57
C MET E 31 -14.34 18.79 28.25
N THR E 32 -15.46 19.35 27.83
CA THR E 32 -15.97 20.56 28.45
C THR E 32 -16.43 20.27 29.87
N ARG E 33 -16.00 21.09 30.82
CA ARG E 33 -16.26 20.87 32.23
C ARG E 33 -17.35 21.80 32.74
N ASP E 34 -18.20 21.27 33.60
CA ASP E 34 -19.23 22.09 34.23
C ASP E 34 -18.58 23.09 35.19
N PRO E 35 -18.91 24.38 35.08
CA PRO E 35 -18.34 25.35 36.04
C PRO E 35 -18.75 25.09 37.48
N ASN E 36 -19.96 24.54 37.70
CA ASN E 36 -20.43 24.31 39.06
C ASN E 36 -19.69 23.17 39.73
N THR E 37 -19.53 22.05 39.02
CA THR E 37 -19.01 20.83 39.62
C THR E 37 -17.63 20.42 39.12
N GLY E 38 -17.21 20.89 37.95
CA GLY E 38 -15.90 20.54 37.43
C GLY E 38 -15.78 19.16 36.84
N VAL E 39 -16.89 18.56 36.40
CA VAL E 39 -16.88 17.23 35.80
C VAL E 39 -17.19 17.38 34.31
N ASN E 40 -16.40 16.72 33.47
CA ASN E 40 -16.48 16.93 32.03
C ASN E 40 -17.70 16.23 31.43
N MET E 41 -17.87 16.40 30.13
CA MET E 41 -19.04 15.85 29.44
C MET E 41 -19.00 14.32 29.41
N THR E 42 -17.82 13.74 29.22
CA THR E 42 -17.72 12.29 29.10
C THR E 42 -18.12 11.60 30.40
N ARG E 43 -17.70 12.15 31.54
CA ARG E 43 -18.07 11.57 32.82
C ARG E 43 -19.56 11.74 33.09
N ARG E 44 -20.12 12.89 32.71
CA ARG E 44 -21.56 13.07 32.85
C ARG E 44 -22.34 12.09 31.99
N TYR E 45 -21.81 11.78 30.81
CA TYR E 45 -22.44 10.79 29.94
C TYR E 45 -22.47 9.42 30.61
N ILE E 46 -21.41 9.08 31.34
CA ILE E 46 -21.37 7.80 32.05
C ILE E 46 -22.44 7.75 33.12
N ASP E 47 -22.64 8.86 33.83
CA ASP E 47 -23.69 8.90 34.86
C ASP E 47 -25.07 8.70 34.25
N SER E 48 -25.33 9.33 33.10
CA SER E 48 -26.64 9.19 32.47
C SER E 48 -26.88 7.76 32.01
N LEU E 49 -25.82 7.06 31.60
CA LEU E 49 -25.98 5.66 31.18
C LEU E 49 -26.46 4.79 32.31
N PHE E 50 -25.94 5.02 33.52
CA PHE E 50 -26.33 4.20 34.66
C PHE E 50 -27.65 4.65 35.27
N ASP E 51 -28.13 5.85 34.92
CA ASP E 51 -29.45 6.27 35.40
C ASP E 51 -30.56 5.50 34.69
N ILE E 52 -30.44 5.35 33.36
CA ILE E 52 -31.47 4.66 32.61
C ILE E 52 -31.44 3.17 32.84
N SER E 53 -30.33 2.63 33.35
CA SER E 53 -30.20 1.20 33.59
C SER E 53 -30.50 0.82 35.04
N SER E 54 -30.89 1.78 35.88
CA SER E 54 -31.15 1.48 37.29
C SER E 54 -32.44 0.69 37.47
N VAL E 55 -33.36 0.73 36.50
CA VAL E 55 -34.62 0.01 36.63
C VAL E 55 -34.40 -1.50 36.62
N LEU E 56 -33.25 -1.97 36.14
CA LEU E 56 -32.93 -3.39 36.15
C LEU E 56 -32.09 -3.80 37.34
N PHE E 57 -31.85 -2.90 38.28
CA PHE E 57 -31.01 -3.23 39.42
C PHE E 57 -31.84 -3.83 40.55
N PRO E 58 -31.31 -4.87 41.21
CA PRO E 58 -32.01 -5.40 42.40
C PRO E 58 -32.02 -4.39 43.52
N ASP E 59 -33.01 -4.53 44.40
CA ASP E 59 -33.17 -3.61 45.51
C ASP E 59 -31.95 -3.62 46.41
N GLY E 60 -31.48 -2.43 46.79
CA GLY E 60 -30.29 -2.28 47.59
C GLY E 60 -29.04 -1.97 46.80
N PHE E 61 -29.03 -2.25 45.50
CA PHE E 61 -27.88 -1.96 44.66
C PHE E 61 -28.01 -0.56 44.07
N LYS E 62 -26.96 0.24 44.23
CA LYS E 62 -26.98 1.62 43.78
C LYS E 62 -25.69 1.95 43.07
N TYR E 63 -25.76 2.98 42.22
CA TYR E 63 -24.59 3.53 41.55
C TYR E 63 -24.29 4.89 42.19
N GLU E 64 -23.09 5.02 42.75
CA GLU E 64 -22.75 6.18 43.57
C GLU E 64 -22.06 7.29 42.80
N GLY E 65 -21.86 7.12 41.50
CA GLY E 65 -21.15 8.11 40.71
C GLY E 65 -19.75 7.66 40.35
N ASN E 66 -18.96 8.62 39.87
CA ASN E 66 -17.58 8.36 39.49
C ASN E 66 -16.68 9.44 40.07
N ARG E 67 -15.42 9.07 40.31
CA ARG E 67 -14.44 9.94 40.90
C ARG E 67 -13.16 9.93 40.08
N ALA E 68 -12.44 11.05 40.08
CA ALA E 68 -11.16 11.13 39.41
C ALA E 68 -10.08 10.49 40.26
N CYS E 69 -9.19 9.75 39.61
CA CYS E 69 -8.10 9.06 40.28
C CYS E 69 -6.87 9.97 40.34
N THR E 70 -6.12 9.87 41.43
CA THR E 70 -4.87 10.59 41.52
C THR E 70 -3.84 9.95 40.60
N PRO E 71 -2.83 10.71 40.17
CA PRO E 71 -1.78 10.11 39.32
C PRO E 71 -1.07 8.95 39.99
N LEU E 72 -0.94 8.97 41.33
CA LEU E 72 -0.28 7.87 42.01
C LEU E 72 -1.06 6.57 41.85
N LYS E 73 -2.38 6.62 42.03
CA LYS E 73 -3.19 5.42 41.79
C LYS E 73 -3.20 5.07 40.32
N HIS E 74 -3.25 6.08 39.45
CA HIS E 74 -3.18 5.85 38.01
C HIS E 74 -1.91 5.09 37.65
N PHE E 75 -0.78 5.50 38.22
CA PHE E 75 0.47 4.80 37.96
C PHE E 75 0.45 3.38 38.52
N GLU E 76 -0.12 3.21 39.72
CA GLU E 76 -0.12 1.90 40.36
C GLU E 76 -1.01 0.92 39.59
N GLU E 77 -2.13 1.40 39.05
CA GLU E 77 -3.07 0.50 38.39
C GLU E 77 -2.50 -0.05 37.09
N ILE E 78 -1.84 0.79 36.30
CA ILE E 78 -1.32 0.36 35.00
C ILE E 78 0.01 -0.38 35.11
N THR E 79 0.59 -0.44 36.31
CA THR E 79 1.83 -1.18 36.55
C THR E 79 1.62 -2.25 37.60
N ARG E 80 0.41 -2.81 37.65
CA ARG E 80 0.10 -3.86 38.62
C ARG E 80 0.93 -5.11 38.33
N GLU E 81 1.35 -5.77 39.39
CA GLU E 81 2.24 -6.93 39.27
C GLU E 81 1.46 -8.17 38.86
N TYR E 82 1.98 -8.88 37.86
CA TYR E 82 1.45 -10.17 37.46
C TYR E 82 2.61 -11.09 37.12
N ASN E 83 2.59 -12.30 37.68
CA ASN E 83 3.64 -13.28 37.47
C ASN E 83 5.01 -12.72 37.83
N ALA E 84 5.06 -11.98 38.94
CA ALA E 84 6.30 -11.36 39.43
C ALA E 84 6.94 -10.48 38.36
N LYS E 85 6.11 -9.63 37.74
CA LYS E 85 6.58 -8.76 36.68
C LYS E 85 5.65 -7.55 36.59
N ARG E 86 6.22 -6.36 36.50
CA ARG E 86 5.45 -5.12 36.38
C ARG E 86 5.78 -4.49 35.03
N ILE E 87 4.91 -4.68 34.06
CA ILE E 87 5.12 -4.17 32.71
C ILE E 87 4.66 -2.72 32.66
N ALA E 88 5.54 -1.84 32.16
CA ALA E 88 5.25 -0.42 32.00
C ALA E 88 5.40 -0.07 30.53
N ASN E 89 4.34 0.49 29.94
CA ASN E 89 4.36 0.89 28.54
C ASN E 89 4.64 2.40 28.47
N ILE E 90 5.81 2.75 27.92
CA ILE E 90 6.24 4.15 27.90
C ILE E 90 5.85 4.87 26.63
N ALA E 91 5.15 4.20 25.71
CA ALA E 91 4.66 4.89 24.52
C ALA E 91 3.62 5.93 24.94
N PRO E 92 3.73 7.16 24.43
CA PRO E 92 2.83 8.22 24.91
C PRO E 92 1.37 7.94 24.57
N THR E 93 0.49 8.29 25.51
CA THR E 93 -0.94 8.17 25.33
C THR E 93 -1.61 9.38 25.97
N ASP E 94 -2.85 9.65 25.55
CA ASP E 94 -3.66 10.70 26.14
C ASP E 94 -4.83 10.02 26.84
N MET E 95 -4.59 9.60 28.09
CA MET E 95 -5.59 8.88 28.86
C MET E 95 -5.63 9.43 30.28
N TYR E 96 -6.80 9.31 30.91
CA TYR E 96 -6.97 9.61 32.32
C TYR E 96 -7.88 8.56 32.91
N MET E 97 -7.82 8.42 34.24
CA MET E 97 -8.46 7.32 34.95
C MET E 97 -9.55 7.84 35.86
N ILE E 98 -10.64 7.07 35.96
CA ILE E 98 -11.74 7.36 36.87
C ILE E 98 -12.12 6.09 37.59
N ASP E 99 -12.80 6.27 38.73
CA ASP E 99 -13.29 5.15 39.53
C ASP E 99 -14.81 5.11 39.48
N LEU E 100 -15.36 3.91 39.32
CA LEU E 100 -16.80 3.70 39.34
C LEU E 100 -17.19 3.15 40.71
N MET E 101 -18.09 3.85 41.39
CA MET E 101 -18.47 3.53 42.76
C MET E 101 -19.84 2.87 42.79
N PHE E 102 -19.93 1.73 43.49
CA PHE E 102 -21.18 1.03 43.68
C PHE E 102 -21.34 0.69 45.15
N SER E 103 -22.60 0.58 45.59
CA SER E 103 -22.90 0.24 46.98
C SER E 103 -24.02 -0.79 47.01
N TYR E 104 -24.04 -1.59 48.07
CA TYR E 104 -25.05 -2.61 48.27
C TYR E 104 -25.55 -2.52 49.70
N LYS E 105 -26.81 -2.09 49.86
CA LYS E 105 -27.43 -1.95 51.18
C LYS E 105 -26.61 -1.05 52.09
N GLY E 106 -26.06 0.02 51.53
CA GLY E 106 -25.28 0.98 52.28
C GLY E 106 -23.80 0.67 52.40
N GLU E 107 -23.36 -0.49 51.94
CA GLU E 107 -21.96 -0.88 52.02
C GLU E 107 -21.30 -0.64 50.67
N MET E 108 -20.27 0.20 50.66
CA MET E 108 -19.54 0.49 49.43
C MET E 108 -18.75 -0.73 48.98
N LEU E 109 -18.80 -1.03 47.68
CA LEU E 109 -18.09 -2.15 47.12
C LEU E 109 -16.73 -1.69 46.60
N TYR E 110 -16.00 -2.60 45.97
CA TYR E 110 -14.69 -2.28 45.43
C TYR E 110 -14.82 -1.32 44.26
N PRO E 111 -14.10 -0.20 44.27
CA PRO E 111 -14.13 0.69 43.10
C PRO E 111 -13.49 0.02 41.89
N ARG E 112 -13.99 0.38 40.71
CA ARG E 112 -13.48 -0.17 39.46
C ARG E 112 -12.80 0.92 38.65
N PRO E 113 -11.46 0.92 38.56
CA PRO E 113 -10.79 1.92 37.74
C PRO E 113 -11.08 1.73 36.26
N MET E 114 -11.06 2.84 35.53
CA MET E 114 -11.40 2.83 34.12
C MET E 114 -10.69 3.97 33.42
N LEU E 115 -10.21 3.70 32.20
CA LEU E 115 -9.45 4.68 31.43
C LEU E 115 -10.33 5.32 30.37
N LEU E 116 -10.13 6.62 30.16
CA LEU E 116 -10.88 7.41 29.19
C LEU E 116 -9.93 8.27 28.38
N PRO E 117 -10.27 8.56 27.12
CA PRO E 117 -9.39 9.36 26.27
C PRO E 117 -9.65 10.84 26.37
N ALA E 118 -8.58 11.62 26.25
CA ALA E 118 -8.62 13.07 26.31
C ALA E 118 -8.29 13.66 24.95
N PHE E 119 -9.01 14.71 24.57
CA PHE E 119 -8.85 15.34 23.27
C PHE E 119 -8.29 16.75 23.43
N LYS E 120 -7.44 17.14 22.46
CA LYS E 120 -6.81 18.44 22.44
C LYS E 120 -7.40 19.28 21.31
N ARG E 121 -6.99 20.54 21.26
CA ARG E 121 -7.47 21.47 20.24
C ARG E 121 -7.24 20.91 18.85
N GLY E 122 -8.26 20.99 18.00
CA GLY E 122 -8.19 20.44 16.67
C GLY E 122 -8.62 19.01 16.54
N ASN E 123 -9.39 18.49 17.50
CA ASN E 123 -9.86 17.10 17.49
C ASN E 123 -8.69 16.12 17.48
N MET E 124 -7.63 16.46 18.19
CA MET E 124 -6.42 15.66 18.22
C MET E 124 -6.37 14.78 19.46
N VAL E 125 -5.96 13.54 19.28
CA VAL E 125 -5.78 12.60 20.37
C VAL E 125 -4.63 11.66 20.02
N THR E 126 -3.79 11.37 21.02
CA THR E 126 -2.65 10.46 20.85
C THR E 126 -2.97 9.16 21.57
N ILE E 127 -2.96 8.06 20.84
CA ILE E 127 -3.27 6.75 21.39
C ILE E 127 -2.11 5.82 21.09
N ASN E 128 -1.44 5.36 22.14
CA ASN E 128 -0.35 4.38 22.03
C ASN E 128 0.73 4.85 21.08
N GLY E 129 1.07 6.14 21.16
CA GLY E 129 2.15 6.69 20.36
C GLY E 129 1.76 7.17 18.98
N ALA E 130 0.51 7.00 18.57
CA ALA E 130 0.05 7.43 17.26
C ALA E 130 -0.98 8.54 17.40
N LYS E 131 -0.93 9.49 16.48
CA LYS E 131 -1.84 10.64 16.48
C LYS E 131 -3.07 10.33 15.65
N TYR E 132 -4.22 10.81 16.11
CA TYR E 132 -5.49 10.54 15.44
C TYR E 132 -6.33 11.81 15.42
N ILE E 133 -7.37 11.79 14.59
CA ILE E 133 -8.35 12.85 14.50
C ILE E 133 -9.72 12.23 14.75
N GLY E 134 -10.49 12.84 15.66
CA GLY E 134 -11.82 12.38 15.97
C GLY E 134 -12.86 13.32 15.38
N SER E 135 -13.65 12.80 14.45
CA SER E 135 -14.57 13.63 13.71
C SER E 135 -16.01 13.34 14.09
N PRO E 136 -16.89 14.34 14.03
CA PRO E 136 -18.30 14.09 14.34
C PRO E 136 -18.99 13.32 13.22
N VAL E 137 -20.14 12.75 13.57
CA VAL E 137 -20.96 11.98 12.64
C VAL E 137 -22.31 12.66 12.51
N LEU E 138 -22.75 12.88 11.28
CA LEU E 138 -24.06 13.46 11.00
C LEU E 138 -25.10 12.35 11.01
N THR E 139 -26.02 12.39 11.97
CA THR E 139 -26.96 11.30 12.19
C THR E 139 -28.39 11.82 12.20
N ASP E 140 -29.32 10.93 11.88
CA ASP E 140 -30.74 11.25 11.98
C ASP E 140 -31.17 11.29 13.44
N VAL E 141 -32.14 12.15 13.72
CA VAL E 141 -32.70 12.31 15.06
C VAL E 141 -33.96 11.48 15.17
N GLY E 142 -34.05 10.69 16.23
CA GLY E 142 -35.23 9.88 16.48
C GLY E 142 -35.24 8.55 15.74
N PHE E 143 -35.47 8.60 14.43
CA PHE E 143 -35.57 7.38 13.63
C PHE E 143 -35.06 7.65 12.24
N SER E 144 -34.77 6.56 11.51
CA SER E 144 -34.25 6.62 10.16
C SER E 144 -35.07 5.73 9.25
N VAL E 145 -35.27 6.18 8.01
CA VAL E 145 -36.02 5.44 7.01
C VAL E 145 -35.12 5.22 5.81
N LEU E 146 -34.96 3.96 5.39
CA LEU E 146 -34.15 3.65 4.23
C LEU E 146 -34.96 3.10 3.07
N ASN E 147 -35.64 1.96 3.26
CA ASN E 147 -36.44 1.34 2.19
C ASN E 147 -37.48 0.46 2.86
N ASP E 148 -38.70 0.95 2.96
CA ASP E 148 -39.79 0.22 3.61
C ASP E 148 -39.36 -0.27 4.99
N SER E 149 -38.66 0.59 5.73
CA SER E 149 -38.09 0.19 7.02
C SER E 149 -37.95 1.43 7.88
N ILE E 150 -38.34 1.32 9.14
CA ILE E 150 -38.18 2.40 10.11
C ILE E 150 -37.16 1.90 11.12
N PHE E 151 -35.97 2.49 11.08
CA PHE E 151 -34.91 2.12 12.02
C PHE E 151 -34.97 3.01 13.24
N ILE E 152 -35.11 2.40 14.42
CA ILE E 152 -35.16 3.15 15.66
C ILE E 152 -34.07 2.64 16.59
N PRO E 153 -33.06 3.44 16.90
CA PRO E 153 -32.00 2.97 17.80
C PRO E 153 -32.30 3.27 19.27
N PHE E 154 -32.23 2.26 20.11
CA PHE E 154 -32.30 2.41 21.56
C PHE E 154 -30.89 2.32 22.14
N ARG E 155 -30.80 2.56 23.44
CA ARG E 155 -29.49 2.44 24.09
C ARG E 155 -29.09 0.99 24.27
N ARG E 156 -30.06 0.08 24.38
CA ARG E 156 -29.77 -1.34 24.55
C ARG E 156 -30.14 -2.18 23.35
N THR E 157 -30.91 -1.65 22.40
CA THR E 157 -31.38 -2.43 21.26
C THR E 157 -31.45 -1.55 20.01
N LYS E 158 -31.58 -2.21 18.86
CA LYS E 158 -31.83 -1.55 17.58
C LYS E 158 -32.94 -2.32 16.88
N LEU E 159 -34.00 -1.62 16.50
CA LEU E 159 -35.18 -2.25 15.92
C LEU E 159 -35.44 -1.70 14.52
N THR E 160 -35.82 -2.61 13.62
CA THR E 160 -36.23 -2.26 12.26
C THR E 160 -37.63 -2.79 12.04
N PHE E 161 -38.50 -1.94 11.47
CA PHE E 161 -39.90 -2.28 11.24
C PHE E 161 -40.17 -2.34 9.74
N LYS E 162 -40.66 -3.48 9.28
CA LYS E 162 -40.92 -3.72 7.87
C LYS E 162 -42.41 -3.97 7.65
N GLN E 163 -42.77 -4.31 6.42
CA GLN E 163 -44.16 -4.48 6.03
C GLN E 163 -44.34 -5.74 5.20
N THR E 164 -45.49 -6.38 5.38
CA THR E 164 -45.91 -7.52 4.57
C THR E 164 -47.40 -7.40 4.30
N ASP E 165 -47.86 -8.08 3.25
CA ASP E 165 -49.25 -8.04 2.84
C ASP E 165 -49.90 -9.40 3.05
N HIS E 166 -51.12 -9.39 3.59
CA HIS E 166 -51.86 -10.60 3.84
C HIS E 166 -53.31 -10.41 3.37
N HIS E 167 -53.95 -11.52 3.02
CA HIS E 167 -55.29 -11.51 2.47
C HIS E 167 -56.29 -12.00 3.50
N TYR E 168 -57.33 -11.21 3.74
CA TYR E 168 -58.42 -11.59 4.62
C TYR E 168 -59.74 -11.31 3.92
N MET E 169 -60.76 -12.06 4.29
CA MET E 169 -62.07 -11.98 3.66
C MET E 169 -63.03 -11.25 4.60
N CYS E 170 -63.54 -10.11 4.16
CA CYS E 170 -64.47 -9.31 4.95
C CYS E 170 -65.82 -9.25 4.24
N ASN E 171 -66.87 -9.68 4.92
CA ASN E 171 -68.23 -9.68 4.38
C ASN E 171 -68.30 -10.43 3.05
N GLY E 172 -67.53 -11.50 2.90
CA GLY E 172 -67.46 -12.22 1.66
C GLY E 172 -66.63 -11.58 0.57
N GLN E 173 -65.92 -10.50 0.88
CA GLN E 173 -65.10 -9.79 -0.09
C GLN E 173 -63.63 -9.95 0.29
N ARG E 174 -62.82 -10.40 -0.67
CA ARG E 174 -61.39 -10.55 -0.44
C ARG E 174 -60.72 -9.19 -0.40
N LYS E 175 -59.86 -8.99 0.59
CA LYS E 175 -59.18 -7.72 0.78
C LYS E 175 -57.71 -7.97 1.10
N ILE E 176 -56.90 -6.94 0.85
CA ILE E 176 -55.46 -6.99 1.09
C ILE E 176 -55.10 -5.87 2.06
N MET E 177 -54.31 -6.19 3.08
CA MET E 177 -53.87 -5.21 4.06
C MET E 177 -52.41 -5.45 4.39
N TYR E 178 -51.74 -4.39 4.82
CA TYR E 178 -50.32 -4.44 5.18
C TYR E 178 -50.17 -4.86 6.64
N VAL E 179 -49.19 -5.74 6.89
CA VAL E 179 -48.90 -6.24 8.23
C VAL E 179 -47.48 -5.80 8.58
N ILE E 180 -47.35 -5.05 9.67
CA ILE E 180 -46.06 -4.56 10.12
C ILE E 180 -45.44 -5.59 11.07
N TRP E 181 -44.20 -5.95 10.82
CA TRP E 181 -43.50 -6.96 11.61
C TRP E 181 -42.10 -6.50 11.93
N SER E 182 -41.55 -7.02 13.04
CA SER E 182 -40.19 -6.74 13.44
C SER E 182 -39.64 -7.94 14.19
N GLN E 183 -38.33 -8.13 14.09
CA GLN E 183 -37.66 -9.21 14.79
C GLN E 183 -37.05 -8.66 16.07
N ILE E 184 -37.66 -9.00 17.20
CA ILE E 184 -37.23 -8.46 18.49
C ILE E 184 -36.45 -9.47 19.32
N HIS E 185 -36.71 -10.75 19.16
CA HIS E 185 -35.90 -11.80 19.79
C HIS E 185 -34.84 -12.25 18.81
N ASN E 186 -33.66 -12.59 19.34
CA ASN E 186 -32.51 -12.86 18.49
C ASN E 186 -32.33 -14.35 18.20
N GLU E 187 -32.82 -15.23 19.07
CA GLU E 187 -32.83 -16.64 18.70
C GLU E 187 -33.79 -16.91 17.55
N MET E 188 -34.74 -16.01 17.30
CA MET E 188 -35.53 -16.09 16.08
C MET E 188 -34.64 -15.96 14.86
N ALA E 189 -33.65 -15.06 14.91
CA ALA E 189 -32.63 -15.01 13.88
C ALA E 189 -31.76 -16.26 13.91
N LYS E 190 -31.49 -16.79 15.10
CA LYS E 190 -30.70 -18.02 15.19
C LYS E 190 -31.42 -19.21 14.58
N ARG E 191 -32.74 -19.13 14.41
CA ARG E 191 -33.50 -20.20 13.76
C ARG E 191 -32.98 -20.52 12.36
N HIS E 201 -43.89 -20.06 7.13
CA HIS E 201 -43.08 -19.21 8.00
C HIS E 201 -43.82 -17.92 8.36
N ILE E 202 -43.69 -17.50 9.61
CA ILE E 202 -44.32 -16.28 10.10
C ILE E 202 -43.27 -15.44 10.79
N GLU E 203 -43.31 -14.13 10.55
CA GLU E 203 -42.47 -13.19 11.26
C GLU E 203 -43.26 -12.51 12.37
N SER E 204 -42.55 -12.06 13.40
CA SER E 204 -43.18 -11.54 14.60
C SER E 204 -43.95 -10.27 14.28
N CYS E 205 -45.27 -10.35 14.30
CA CYS E 205 -46.13 -9.22 14.03
C CYS E 205 -46.34 -8.39 15.29
N LEU E 206 -46.49 -7.08 15.09
CA LEU E 206 -46.72 -6.18 16.23
C LEU E 206 -48.06 -6.48 16.90
N ALA E 207 -49.09 -6.76 16.10
CA ALA E 207 -50.37 -7.15 16.67
C ALA E 207 -50.25 -8.45 17.44
N HIS E 208 -49.37 -9.36 17.00
CA HIS E 208 -49.12 -10.57 17.76
C HIS E 208 -48.53 -10.25 19.13
N TYR E 209 -47.61 -9.28 19.19
CA TYR E 209 -47.08 -8.86 20.47
C TYR E 209 -48.16 -8.24 21.34
N PHE E 210 -49.05 -7.43 20.73
CA PHE E 210 -50.16 -6.86 21.48
C PHE E 210 -51.05 -7.96 22.06
N PHE E 211 -51.30 -9.01 21.29
CA PHE E 211 -52.11 -10.12 21.77
C PHE E 211 -51.38 -10.92 22.84
N CYS E 212 -50.05 -10.97 22.76
CA CYS E 212 -49.28 -11.64 23.81
C CYS E 212 -49.35 -10.86 25.12
N GLN E 213 -49.37 -9.53 25.03
CA GLN E 213 -49.44 -8.72 26.24
C GLN E 213 -50.87 -8.60 26.75
N PHE E 214 -51.74 -8.01 25.95
CA PHE E 214 -53.14 -7.81 26.31
C PHE E 214 -54.00 -8.91 25.69
N GLY E 215 -55.23 -9.01 26.19
CA GLY E 215 -56.21 -9.84 25.54
C GLY E 215 -56.66 -9.24 24.22
N VAL E 216 -57.14 -10.11 23.33
CA VAL E 216 -57.58 -9.65 22.01
C VAL E 216 -58.69 -8.63 22.15
N THR E 217 -59.69 -8.94 22.99
CA THR E 217 -60.72 -7.96 23.29
C THR E 217 -60.13 -6.72 23.95
N GLN E 218 -59.21 -6.91 24.90
CA GLN E 218 -58.54 -5.77 25.52
C GLN E 218 -57.69 -5.02 24.50
N THR E 219 -57.03 -5.75 23.59
CA THR E 219 -56.23 -5.09 22.56
C THR E 219 -57.10 -4.19 21.70
N PHE E 220 -58.28 -4.67 21.30
CA PHE E 220 -59.14 -3.88 20.43
C PHE E 220 -59.80 -2.73 21.18
N LYS E 221 -60.23 -2.96 22.41
CA LYS E 221 -60.96 -1.91 23.14
C LYS E 221 -60.04 -0.83 23.68
N GLN E 222 -58.86 -1.22 24.19
CA GLN E 222 -57.99 -0.25 24.85
C GLN E 222 -57.40 0.75 23.87
N TRP E 223 -56.94 0.27 22.71
CA TRP E 223 -56.29 1.13 21.72
C TRP E 223 -57.20 1.50 20.56
N ALA E 224 -57.81 0.52 19.91
CA ALA E 224 -58.65 0.78 18.75
C ALA E 224 -60.08 1.16 19.12
N ASN E 225 -60.47 1.00 20.39
CA ASN E 225 -61.84 1.28 20.83
C ASN E 225 -62.86 0.50 19.99
N VAL E 226 -62.55 -0.77 19.73
CA VAL E 226 -63.38 -1.63 18.92
C VAL E 226 -63.84 -2.81 19.78
N ASP E 227 -65.14 -3.08 19.77
CA ASP E 227 -65.71 -4.17 20.56
C ASP E 227 -65.79 -5.41 19.68
N VAL E 228 -64.67 -6.12 19.61
CA VAL E 228 -64.58 -7.30 18.77
C VAL E 228 -65.40 -8.43 19.37
N LYS E 229 -66.12 -9.17 18.52
CA LYS E 229 -66.98 -10.26 18.95
C LYS E 229 -66.43 -11.58 18.43
N CYS E 230 -66.39 -12.58 19.32
CA CYS E 230 -65.97 -13.94 18.98
C CYS E 230 -64.59 -13.96 18.32
N ASN E 247 -70.07 -5.64 10.07
CA ASN E 247 -68.77 -5.99 9.52
C ASN E 247 -68.28 -7.32 10.07
N ILE E 248 -68.09 -8.29 9.18
CA ILE E 248 -67.70 -9.64 9.54
C ILE E 248 -66.40 -9.98 8.83
N TYR E 249 -65.40 -10.42 9.60
CA TYR E 249 -64.09 -10.76 9.08
C TYR E 249 -63.83 -12.25 9.25
N SER E 250 -63.40 -12.90 8.17
CA SER E 250 -63.19 -14.34 8.17
C SER E 250 -61.90 -14.66 7.44
N SER E 251 -61.50 -15.93 7.52
CA SER E 251 -60.28 -16.39 6.88
C SER E 251 -60.42 -16.36 5.36
N ALA E 252 -59.33 -16.71 4.69
CA ALA E 252 -59.30 -16.73 3.23
C ALA E 252 -58.27 -17.73 2.73
N MET E 263 -64.57 -19.53 12.41
CA MET E 263 -64.13 -18.42 13.24
C MET E 263 -64.48 -17.09 12.60
N VAL E 264 -65.12 -16.21 13.37
CA VAL E 264 -65.62 -14.94 12.87
C VAL E 264 -65.36 -13.85 13.90
N LEU E 265 -64.90 -12.69 13.42
CA LEU E 265 -64.81 -11.48 14.22
C LEU E 265 -65.81 -10.48 13.70
N VAL E 266 -66.56 -9.86 14.61
CA VAL E 266 -67.66 -8.96 14.26
C VAL E 266 -67.34 -7.57 14.80
N ILE E 267 -67.47 -6.56 13.94
CA ILE E 267 -67.20 -5.18 14.31
C ILE E 267 -68.39 -4.34 13.85
N PRO E 268 -68.79 -3.32 14.62
CA PRO E 268 -69.84 -2.42 14.14
C PRO E 268 -69.47 -1.76 12.83
N ARG E 269 -70.50 -1.47 12.03
CA ARG E 269 -70.30 -0.92 10.70
C ARG E 269 -69.64 0.46 10.72
N HIS E 270 -69.64 1.13 11.87
CA HIS E 270 -68.99 2.43 11.99
C HIS E 270 -67.77 2.35 12.89
N SER E 273 -61.63 1.16 11.28
CA SER E 273 -60.54 2.09 11.07
C SER E 273 -59.34 1.39 10.45
N ILE E 274 -58.37 2.18 10.00
CA ILE E 274 -57.16 1.63 9.39
C ILE E 274 -56.36 0.84 10.42
N PHE E 275 -56.23 1.36 11.63
CA PHE E 275 -55.53 0.63 12.68
C PHE E 275 -56.26 -0.65 13.04
N ALA E 276 -57.58 -0.60 13.14
CA ALA E 276 -58.35 -1.83 13.39
C ALA E 276 -58.20 -2.80 12.24
N THR E 277 -58.17 -2.31 11.00
CA THR E 277 -57.97 -3.17 9.85
C THR E 277 -56.61 -3.86 9.92
N ARG E 278 -55.57 -3.12 10.31
CA ARG E 278 -54.25 -3.72 10.46
C ARG E 278 -54.25 -4.77 11.56
N LEU E 279 -54.95 -4.49 12.66
CA LEU E 279 -55.07 -5.48 13.73
C LEU E 279 -55.72 -6.75 13.23
N ILE E 280 -56.82 -6.62 12.47
CA ILE E 280 -57.51 -7.78 11.92
C ILE E 280 -56.59 -8.55 10.97
N ALA E 281 -55.88 -7.82 10.11
CA ALA E 281 -54.99 -8.47 9.16
C ALA E 281 -53.88 -9.24 9.88
N GLY E 282 -53.29 -8.65 10.91
CA GLY E 282 -52.28 -9.36 11.66
C GLY E 282 -52.83 -10.56 12.40
N PHE E 283 -54.03 -10.44 12.97
CA PHE E 283 -54.66 -11.55 13.65
C PHE E 283 -54.86 -12.73 12.70
N TRP E 284 -55.39 -12.45 11.50
CA TRP E 284 -55.59 -13.54 10.55
C TRP E 284 -54.28 -14.05 9.98
N TYR E 285 -53.28 -13.19 9.85
CA TYR E 285 -51.96 -13.62 9.43
C TYR E 285 -51.37 -14.63 10.41
N VAL E 286 -51.55 -14.38 11.71
CA VAL E 286 -51.09 -15.33 12.71
C VAL E 286 -51.94 -16.60 12.69
N VAL E 287 -53.26 -16.44 12.60
CA VAL E 287 -54.16 -17.58 12.77
C VAL E 287 -54.06 -18.56 11.60
N ASP E 288 -53.92 -18.03 10.37
CA ASP E 288 -54.04 -18.87 9.19
C ASP E 288 -52.97 -19.95 9.14
N ALA E 289 -51.73 -19.62 9.50
CA ALA E 289 -50.65 -20.58 9.46
C ALA E 289 -50.51 -21.37 10.75
N PHE E 290 -51.29 -21.06 11.79
CA PHE E 290 -51.37 -21.85 13.01
C PHE E 290 -52.82 -22.08 13.40
N PRO E 291 -53.57 -22.85 12.59
CA PRO E 291 -55.00 -23.03 12.89
C PRO E 291 -55.29 -24.10 13.94
N MET E 292 -54.38 -25.05 14.17
CA MET E 292 -54.65 -26.10 15.15
C MET E 292 -54.79 -25.53 16.55
N ARG E 293 -54.01 -24.49 16.88
CA ARG E 293 -54.02 -23.95 18.23
C ARG E 293 -55.37 -23.37 18.60
N PHE E 294 -56.02 -22.67 17.66
CA PHE E 294 -57.33 -22.08 17.90
C PHE E 294 -58.39 -23.08 17.50
N THR E 295 -58.69 -24.01 18.41
CA THR E 295 -59.79 -24.94 18.21
C THR E 295 -61.12 -24.33 18.65
N ARG E 296 -61.11 -23.63 19.78
CA ARG E 296 -62.30 -22.95 20.29
C ARG E 296 -62.10 -21.44 20.20
N PRO E 297 -63.13 -20.69 19.81
CA PRO E 297 -62.96 -19.23 19.66
C PRO E 297 -62.57 -18.52 20.94
N GLU E 298 -63.11 -18.95 22.08
CA GLU E 298 -62.88 -18.22 23.34
C GLU E 298 -61.40 -18.20 23.70
N TYR E 299 -60.66 -19.25 23.35
CA TYR E 299 -59.23 -19.31 23.64
C TYR E 299 -58.45 -18.21 22.94
N VAL E 300 -59.05 -17.56 21.94
CA VAL E 300 -58.42 -16.40 21.31
C VAL E 300 -58.20 -15.29 22.34
N ASP E 301 -59.17 -15.10 23.24
CA ASP E 301 -59.09 -14.02 24.20
C ASP E 301 -58.16 -14.31 25.37
N SER E 302 -57.49 -15.46 25.37
CA SER E 302 -56.54 -15.78 26.43
C SER E 302 -55.23 -15.06 26.18
N THR E 303 -54.23 -15.35 27.00
CA THR E 303 -52.90 -14.76 26.86
C THR E 303 -51.81 -15.81 26.70
N ASN E 304 -51.93 -16.94 27.40
CA ASN E 304 -50.90 -17.97 27.35
C ASN E 304 -50.78 -18.58 25.97
N LEU E 305 -51.91 -18.75 25.27
CA LEU E 305 -51.88 -19.37 23.94
C LEU E 305 -51.07 -18.54 22.95
N TRP E 306 -51.28 -17.22 22.95
CA TRP E 306 -50.52 -16.34 22.08
C TRP E 306 -49.03 -16.45 22.38
N ARG E 307 -48.67 -16.51 23.66
CA ARG E 307 -47.27 -16.63 24.04
C ARG E 307 -46.70 -17.97 23.58
N VAL E 308 -47.47 -19.04 23.69
CA VAL E 308 -47.00 -20.34 23.21
C VAL E 308 -46.71 -20.28 21.71
N ILE E 309 -47.62 -19.67 20.95
CA ILE E 309 -47.41 -19.54 19.51
C ILE E 309 -46.16 -18.72 19.23
N LEU E 310 -45.99 -17.60 19.95
CA LEU E 310 -44.83 -16.75 19.74
C LEU E 310 -43.54 -17.50 20.03
N GLY E 311 -43.51 -18.28 21.12
CA GLY E 311 -42.32 -19.03 21.45
C GLY E 311 -42.01 -20.13 20.45
N HIS E 312 -43.04 -20.82 19.97
CA HIS E 312 -42.82 -21.80 18.91
C HIS E 312 -42.29 -21.14 17.65
N MET E 313 -42.72 -19.89 17.38
CA MET E 313 -42.11 -19.12 16.31
C MET E 313 -40.65 -18.84 16.60
N VAL E 314 -40.32 -18.48 17.83
CA VAL E 314 -38.95 -18.11 18.21
C VAL E 314 -38.10 -19.34 18.47
N PHE E 315 -38.60 -20.27 19.28
CA PHE E 315 -37.83 -21.46 19.63
C PHE E 315 -38.25 -22.65 18.78
N HIS E 320 -40.56 -27.65 23.56
CA HIS E 320 -41.36 -28.00 24.73
C HIS E 320 -42.15 -26.80 25.23
N GLN E 321 -43.44 -27.01 25.50
CA GLN E 321 -44.31 -25.90 25.86
C GLN E 321 -43.96 -25.32 27.22
N GLY E 322 -43.56 -26.17 28.18
CA GLY E 322 -43.28 -25.68 29.52
C GLY E 322 -42.17 -24.66 29.57
N LYS E 323 -41.05 -24.96 28.90
CA LYS E 323 -39.96 -23.99 28.83
C LYS E 323 -40.37 -22.75 28.07
N VAL E 324 -41.13 -22.92 26.98
CA VAL E 324 -41.49 -21.80 26.12
C VAL E 324 -42.34 -20.79 26.88
N GLU E 325 -43.33 -21.26 27.63
CA GLU E 325 -44.23 -20.35 28.34
C GLU E 325 -43.47 -19.49 29.34
N GLU E 326 -42.58 -20.12 30.12
CA GLU E 326 -41.80 -19.37 31.09
C GLU E 326 -40.82 -18.42 30.40
N ASN E 327 -40.22 -18.86 29.30
CA ASN E 327 -39.14 -18.11 28.67
C ASN E 327 -39.64 -16.75 28.17
N ILE E 328 -40.80 -16.72 27.53
CA ILE E 328 -41.32 -15.46 26.99
C ILE E 328 -41.81 -14.55 28.10
N ASP E 329 -42.35 -15.12 29.19
CA ASP E 329 -42.79 -14.29 30.30
C ASP E 329 -41.68 -13.40 30.81
N SER E 330 -40.44 -13.86 30.73
CA SER E 330 -39.29 -12.99 30.96
C SER E 330 -39.03 -12.08 29.78
N HIS E 331 -39.21 -12.60 28.56
CA HIS E 331 -38.97 -11.79 27.36
C HIS E 331 -39.91 -10.59 27.30
N LEU E 332 -41.20 -10.82 27.60
CA LEU E 332 -42.13 -9.70 27.62
C LEU E 332 -41.85 -8.77 28.79
N HIS E 333 -41.26 -9.29 29.86
CA HIS E 333 -40.88 -8.44 30.99
C HIS E 333 -39.76 -7.49 30.59
N SER E 334 -38.74 -7.99 29.89
CA SER E 334 -37.66 -7.12 29.43
C SER E 334 -38.15 -6.19 28.33
N PHE E 335 -39.06 -6.65 27.47
CA PHE E 335 -39.57 -5.80 26.40
C PHE E 335 -40.31 -4.59 26.96
N CYS E 336 -41.10 -4.79 28.02
CA CYS E 336 -41.86 -3.69 28.59
C CYS E 336 -40.99 -2.64 29.26
N ASN E 337 -39.70 -2.91 29.46
CA ASN E 337 -38.78 -1.98 30.11
C ASN E 337 -37.68 -1.53 29.16
N SER E 338 -37.90 -1.66 27.86
CA SER E 338 -36.87 -1.35 26.87
C SER E 338 -36.85 0.09 26.43
N LEU E 339 -37.87 0.87 26.76
CA LEU E 339 -37.94 2.28 26.34
C LEU E 339 -37.24 3.12 27.40
N ASP E 340 -35.95 3.36 27.21
CA ASP E 340 -35.18 4.17 28.15
C ASP E 340 -35.55 5.64 28.01
N GLU E 341 -35.14 6.43 29.01
CA GLU E 341 -35.49 7.84 29.04
C GLU E 341 -34.79 8.62 27.94
N MET E 342 -33.54 8.26 27.62
CA MET E 342 -32.78 8.99 26.61
C MET E 342 -33.43 8.88 25.24
N THR E 343 -33.90 7.68 24.87
CA THR E 343 -34.56 7.51 23.59
C THR E 343 -35.87 8.27 23.51
N ILE E 344 -36.55 8.42 24.65
CA ILE E 344 -37.82 9.14 24.65
C ILE E 344 -37.60 10.61 24.27
N GLU E 345 -36.56 11.23 24.84
CA GLU E 345 -36.31 12.64 24.54
C GLU E 345 -35.93 12.84 23.08
N GLU E 346 -35.18 11.91 22.50
CA GLU E 346 -34.82 12.02 21.09
C GLU E 346 -36.05 12.01 20.21
N LEU E 347 -36.98 11.09 20.45
CA LEU E 347 -38.21 11.03 19.68
C LEU E 347 -39.08 12.26 19.93
N LYS E 348 -38.98 12.85 21.12
CA LYS E 348 -39.79 14.03 21.42
C LYS E 348 -39.44 15.19 20.51
N THR E 349 -38.15 15.34 20.17
CA THR E 349 -37.74 16.41 19.28
C THR E 349 -38.38 16.26 17.90
N VAL E 350 -38.43 15.03 17.39
CA VAL E 350 -39.09 14.79 16.11
C VAL E 350 -40.60 14.98 16.23
N GLY E 351 -41.14 14.82 17.43
CA GLY E 351 -42.57 15.00 17.63
C GLY E 351 -43.33 13.69 17.66
N VAL E 352 -42.84 12.72 18.43
CA VAL E 352 -43.47 11.42 18.55
C VAL E 352 -44.26 11.30 19.84
N ASN E 353 -43.71 11.77 20.96
CA ASN E 353 -44.42 11.88 22.24
C ASN E 353 -44.91 10.50 22.70
N VAL E 354 -43.94 9.64 23.00
CA VAL E 354 -44.18 8.27 23.45
C VAL E 354 -43.56 8.11 24.83
N SER E 355 -44.32 7.51 25.76
CA SER E 355 -43.85 7.28 27.12
C SER E 355 -43.65 5.82 27.47
N THR E 356 -44.31 4.89 26.77
CA THR E 356 -44.15 3.47 27.00
C THR E 356 -43.95 2.77 25.67
N ILE E 357 -43.33 1.59 25.72
CA ILE E 357 -43.00 0.89 24.49
C ILE E 357 -44.26 0.51 23.72
N TRP E 358 -45.37 0.32 24.42
CA TRP E 358 -46.62 0.04 23.73
C TRP E 358 -47.15 1.28 23.01
N GLU E 359 -46.93 2.47 23.57
CA GLU E 359 -47.30 3.69 22.89
C GLU E 359 -46.50 3.87 21.61
N LEU E 360 -45.22 3.47 21.61
CA LEU E 360 -44.41 3.57 20.40
C LEU E 360 -44.93 2.66 19.31
N LEU E 361 -45.31 1.42 19.65
CA LEU E 361 -45.83 0.50 18.65
C LEU E 361 -47.14 0.99 18.07
N TYR E 362 -47.97 1.64 18.90
CA TYR E 362 -49.22 2.18 18.39
C TYR E 362 -48.97 3.27 17.36
N GLU E 363 -48.01 4.16 17.61
CA GLU E 363 -47.76 5.25 16.68
C GLU E 363 -47.06 4.77 15.42
N ILE E 364 -46.30 3.69 15.51
CA ILE E 364 -45.71 3.11 14.31
C ILE E 364 -46.81 2.54 13.40
N MET E 365 -47.82 1.91 13.99
CA MET E 365 -48.93 1.37 13.23
C MET E 365 -49.94 2.43 12.81
N THR E 366 -49.90 3.63 13.39
CA THR E 366 -50.89 4.65 13.10
C THR E 366 -50.30 5.87 12.41
N SER E 367 -49.28 6.49 13.01
CA SER E 367 -48.79 7.77 12.51
C SER E 367 -47.57 7.65 11.59
N LEU E 368 -46.72 6.66 11.82
CA LEU E 368 -45.52 6.48 11.02
C LEU E 368 -45.65 5.37 9.99
N ALA E 369 -46.88 4.88 9.76
CA ALA E 369 -47.07 3.77 8.83
C ALA E 369 -46.77 4.18 7.40
N HIS E 370 -47.08 5.42 7.02
CA HIS E 370 -46.89 5.84 5.64
C HIS E 370 -45.43 5.85 5.22
N HIS E 371 -44.49 5.93 6.16
CA HIS E 371 -43.07 5.88 5.82
C HIS E 371 -42.69 4.54 5.21
N LEU E 372 -43.51 3.51 5.38
CA LEU E 372 -43.18 2.19 4.84
C LEU E 372 -43.37 2.13 3.33
N TYR E 373 -44.33 2.88 2.79
CA TYR E 373 -44.58 2.85 1.35
C TYR E 373 -44.50 4.22 0.67
N ALA E 374 -44.92 5.29 1.34
CA ALA E 374 -44.91 6.64 0.76
C ALA E 374 -44.23 7.58 1.75
N THR E 375 -42.91 7.67 1.67
CA THR E 375 -42.14 8.53 2.57
C THR E 375 -42.21 9.98 2.12
N ASP E 376 -42.41 10.88 3.09
CA ASP E 376 -42.43 12.30 2.83
C ASP E 376 -41.16 13.00 3.31
N ILE E 377 -40.14 12.25 3.71
CA ILE E 377 -38.88 12.79 4.19
C ILE E 377 -37.83 12.59 3.11
N ASP E 378 -37.16 13.68 2.74
CA ASP E 378 -36.15 13.61 1.68
C ASP E 378 -34.92 12.88 2.18
N GLU E 379 -34.54 11.79 1.50
CA GLU E 379 -33.40 11.00 1.92
C GLU E 379 -32.08 11.75 1.76
N THR E 380 -32.00 12.66 0.79
CA THR E 380 -30.77 13.35 0.46
C THR E 380 -30.58 14.65 1.23
N SER E 381 -31.49 14.99 2.13
CA SER E 381 -31.39 16.24 2.85
C SER E 381 -30.30 16.16 3.93
N MET E 382 -29.94 17.33 4.44
CA MET E 382 -28.96 17.44 5.53
C MET E 382 -29.37 18.45 6.58
N TYR E 383 -30.66 18.75 6.70
CA TYR E 383 -31.11 19.84 7.56
C TYR E 383 -31.57 19.37 8.93
N GLY E 384 -32.37 18.31 8.98
CA GLY E 384 -32.86 17.80 10.25
C GLY E 384 -32.00 16.71 10.83
N LYS E 385 -30.70 16.99 11.01
CA LYS E 385 -29.75 16.02 11.51
C LYS E 385 -28.94 16.62 12.64
N ARG E 386 -28.16 15.78 13.31
CA ARG E 386 -27.43 16.18 14.50
C ARG E 386 -26.00 15.68 14.41
N LEU E 387 -25.06 16.51 14.87
CA LEU E 387 -23.66 16.11 14.96
C LEU E 387 -23.44 15.36 16.27
N THR E 388 -23.16 14.07 16.17
CA THR E 388 -23.10 13.19 17.34
C THR E 388 -21.66 12.70 17.52
N VAL E 389 -21.22 12.66 18.78
CA VAL E 389 -19.86 12.26 19.11
C VAL E 389 -19.86 11.09 20.09
N LEU E 390 -20.50 11.29 21.25
CA LEU E 390 -20.36 10.33 22.34
C LEU E 390 -21.04 9.00 22.04
N HIS E 391 -22.15 9.01 21.32
CA HIS E 391 -22.87 7.77 21.05
C HIS E 391 -22.01 6.78 20.28
N TYR E 392 -21.09 7.27 19.45
CA TYR E 392 -20.16 6.40 18.73
C TYR E 392 -18.83 6.23 19.44
N LEU E 393 -18.42 7.21 20.24
CA LEU E 393 -17.15 7.11 20.96
C LEU E 393 -17.24 6.12 22.12
N MET E 394 -18.36 6.13 22.85
CA MET E 394 -18.54 5.30 24.03
C MET E 394 -19.42 4.09 23.75
N SER E 395 -19.30 3.49 22.56
CA SER E 395 -20.16 2.36 22.21
C SER E 395 -19.76 1.11 22.98
N GLU E 396 -18.46 0.84 23.10
CA GLU E 396 -18.02 -0.36 23.80
C GLU E 396 -18.38 -0.31 25.28
N PHE E 397 -18.21 0.86 25.90
CA PHE E 397 -18.65 1.00 27.30
C PHE E 397 -20.15 0.85 27.43
N ASN E 398 -20.91 1.41 26.50
CA ASN E 398 -22.36 1.27 26.51
C ASN E 398 -22.75 -0.20 26.38
N TYR E 399 -21.99 -0.97 25.61
CA TYR E 399 -22.26 -2.39 25.50
C TYR E 399 -22.08 -3.10 26.84
N ALA E 400 -21.05 -2.74 27.59
CA ALA E 400 -20.81 -3.35 28.89
C ALA E 400 -21.93 -3.03 29.86
N VAL E 401 -22.42 -1.79 29.85
CA VAL E 401 -23.48 -1.39 30.77
C VAL E 401 -24.75 -2.19 30.49
N SER E 402 -25.10 -2.34 29.21
CA SER E 402 -26.31 -3.07 28.86
C SER E 402 -26.23 -4.53 29.29
N MET E 403 -25.09 -5.18 29.02
CA MET E 403 -24.94 -6.58 29.40
C MET E 403 -24.92 -6.76 30.92
N PHE E 404 -24.43 -5.74 31.64
CA PHE E 404 -24.50 -5.80 33.10
C PHE E 404 -25.95 -5.78 33.58
N GLY E 405 -26.78 -4.92 32.98
CA GLY E 405 -28.18 -4.89 33.36
C GLY E 405 -28.92 -6.15 32.97
N TYR E 406 -28.54 -6.75 31.84
CA TYR E 406 -29.21 -7.98 31.41
C TYR E 406 -28.90 -9.13 32.35
N MET E 407 -27.72 -9.14 32.96
CA MET E 407 -27.38 -10.21 33.91
C MET E 407 -28.33 -10.20 35.10
N PHE E 408 -28.66 -9.01 35.61
CA PHE E 408 -29.63 -8.92 36.69
C PHE E 408 -31.00 -9.42 36.26
N GLN E 409 -31.42 -9.06 35.05
CA GLN E 409 -32.72 -9.50 34.55
C GLN E 409 -32.80 -11.01 34.41
N SER E 410 -31.72 -11.63 33.91
CA SER E 410 -31.71 -13.07 33.72
C SER E 410 -31.71 -13.84 35.02
N ARG E 411 -31.42 -13.19 36.14
CA ARG E 411 -31.33 -13.84 37.45
C ARG E 411 -32.21 -13.12 38.46
N ARG E 412 -33.46 -12.84 38.07
CA ARG E 412 -34.38 -12.18 38.97
C ARG E 412 -34.77 -13.11 40.12
N ASP E 413 -35.24 -12.49 41.21
CA ASP E 413 -35.67 -13.22 42.41
C ASP E 413 -34.54 -14.10 42.95
N ARG E 414 -33.46 -13.43 43.33
CA ARG E 414 -32.29 -14.11 43.87
C ARG E 414 -31.65 -13.21 44.92
N GLU E 415 -31.18 -13.83 46.00
CA GLU E 415 -30.47 -13.10 47.04
C GLU E 415 -29.01 -12.93 46.64
N TRP E 416 -28.54 -11.69 46.70
CA TRP E 416 -27.19 -11.36 46.26
C TRP E 416 -26.28 -11.16 47.46
N THR E 417 -25.12 -11.80 47.41
CA THR E 417 -24.07 -11.61 48.42
C THR E 417 -23.06 -10.59 47.92
N VAL E 418 -22.34 -9.99 48.87
CA VAL E 418 -21.36 -8.97 48.53
C VAL E 418 -20.27 -9.56 47.66
N GLN E 419 -19.84 -10.78 47.97
CA GLN E 419 -18.81 -11.44 47.15
C GLN E 419 -19.30 -11.66 45.73
N GLU E 420 -20.55 -12.10 45.57
CA GLU E 420 -21.08 -12.33 44.22
C GLU E 420 -21.14 -11.04 43.42
N LEU E 421 -21.57 -9.94 44.05
CA LEU E 421 -21.63 -8.66 43.35
C LEU E 421 -20.25 -8.17 42.96
N ASN E 422 -19.26 -8.34 43.85
CA ASN E 422 -17.91 -7.91 43.53
C ASN E 422 -17.34 -8.68 42.35
N GLU E 423 -17.61 -9.99 42.29
CA GLU E 423 -17.15 -10.78 41.15
C GLU E 423 -17.85 -10.36 39.86
N GLY E 424 -19.14 -10.02 39.95
CA GLY E 424 -19.85 -9.57 38.78
C GLY E 424 -19.35 -8.25 38.25
N LEU E 425 -19.09 -7.30 39.15
CA LEU E 425 -18.55 -6.01 38.73
C LEU E 425 -17.18 -6.16 38.10
N LYS E 426 -16.33 -6.99 38.68
CA LYS E 426 -15.01 -7.23 38.11
C LYS E 426 -15.09 -7.92 36.75
N ARG E 427 -16.14 -8.71 36.54
CA ARG E 427 -16.24 -9.49 35.31
C ARG E 427 -16.62 -8.61 34.11
N SER E 428 -17.22 -7.45 34.35
CA SER E 428 -17.74 -6.63 33.27
C SER E 428 -16.98 -5.32 33.07
N PHE E 429 -16.73 -4.57 34.13
CA PHE E 429 -16.09 -3.26 34.05
C PHE E 429 -14.61 -3.43 34.33
N LYS E 430 -13.80 -3.45 33.27
CA LYS E 430 -12.37 -3.65 33.37
C LYS E 430 -11.63 -2.35 33.05
N LEU E 431 -10.31 -2.40 33.18
CA LEU E 431 -9.51 -1.19 33.10
C LEU E 431 -9.58 -0.54 31.71
N GLN E 432 -9.53 -1.35 30.66
CA GLN E 432 -9.53 -0.84 29.29
C GLN E 432 -10.78 -1.25 28.54
N THR E 433 -11.93 -1.19 29.21
CA THR E 433 -13.18 -1.59 28.58
C THR E 433 -13.60 -0.60 27.50
N ALA E 434 -13.49 0.69 27.77
CA ALA E 434 -14.00 1.71 26.84
C ALA E 434 -13.09 1.92 25.64
N ILE E 435 -11.78 1.81 25.82
CA ILE E 435 -10.82 2.22 24.79
C ILE E 435 -10.20 1.04 24.07
N LYS E 436 -10.73 -0.17 24.26
CA LYS E 436 -10.08 -1.34 23.70
C LYS E 436 -10.22 -1.46 22.20
N ARG E 437 -11.10 -0.68 21.57
CA ARG E 437 -11.29 -0.81 20.12
C ARG E 437 -11.33 0.55 19.41
N LEU E 438 -10.74 1.59 20.00
CA LEU E 438 -10.77 2.91 19.37
C LEU E 438 -10.00 2.91 18.05
N THR E 439 -8.86 2.22 18.01
CA THR E 439 -8.03 2.16 16.81
C THR E 439 -8.25 0.87 16.02
N VAL E 440 -9.46 0.33 16.06
CA VAL E 440 -9.75 -0.93 15.39
C VAL E 440 -10.86 -0.75 14.36
N ASP E 441 -12.06 -0.38 14.83
CA ASP E 441 -13.21 -0.31 13.95
C ASP E 441 -14.08 0.91 14.21
N HIS E 442 -13.48 2.01 14.62
CA HIS E 442 -14.21 3.26 14.84
C HIS E 442 -13.98 4.16 13.64
N GLY E 443 -15.04 4.39 12.86
CA GLY E 443 -14.92 5.14 11.62
C GLY E 443 -14.72 6.63 11.80
N GLU E 444 -14.98 7.16 12.99
CA GLU E 444 -14.78 8.57 13.24
C GLU E 444 -13.38 8.91 13.72
N LEU E 445 -12.52 7.91 13.89
CA LEU E 445 -11.12 8.12 14.26
C LEU E 445 -10.22 7.70 13.10
N ASP E 446 -9.34 8.60 12.68
CA ASP E 446 -8.49 8.34 11.54
C ASP E 446 -7.08 8.87 11.83
N THR E 447 -6.10 8.27 11.14
CA THR E 447 -4.72 8.68 11.32
C THR E 447 -4.52 10.11 10.85
N MET E 448 -3.60 10.82 11.50
CA MET E 448 -3.33 12.21 11.23
C MET E 448 -2.12 12.35 10.32
N SER E 449 -2.25 13.17 9.27
CA SER E 449 -1.13 13.49 8.38
C SER E 449 -1.35 14.93 7.87
N ASN E 450 -0.75 15.89 8.56
CA ASN E 450 -0.89 17.29 8.22
C ASN E 450 0.49 17.91 8.02
N PRO E 451 0.91 18.17 6.78
CA PRO E 451 2.27 18.70 6.57
C PRO E 451 2.44 20.17 6.91
N ASN E 452 1.38 20.90 7.22
CA ASN E 452 1.47 22.30 7.57
C ASN E 452 0.75 22.54 8.90
N SER E 453 0.63 23.81 9.27
CA SER E 453 0.11 24.19 10.57
C SER E 453 -1.38 24.46 10.59
N SER E 454 -2.06 24.33 9.45
CA SER E 454 -3.47 24.65 9.41
C SER E 454 -4.30 23.63 10.18
N MET E 455 -5.33 24.10 10.85
CA MET E 455 -6.20 23.24 11.65
C MET E 455 -7.49 22.87 10.94
N LEU E 456 -7.80 23.53 9.83
CA LEU E 456 -9.13 23.41 9.22
C LEU E 456 -9.15 22.44 8.05
N ILE E 457 -8.08 22.43 7.25
CA ILE E 457 -8.11 21.82 5.92
C ILE E 457 -8.41 20.33 6.00
N LYS E 458 -7.74 19.61 6.89
CA LYS E 458 -8.02 18.19 7.10
C LYS E 458 -8.16 17.88 8.57
N GLY E 459 -8.58 18.86 9.36
CA GLY E 459 -8.74 18.67 10.78
C GLY E 459 -10.19 18.72 11.20
N THR E 460 -10.62 19.87 11.71
CA THR E 460 -11.95 20.06 12.26
C THR E 460 -13.02 20.19 11.18
N SER E 461 -12.67 20.05 9.89
CA SER E 461 -13.66 20.12 8.82
C SER E 461 -14.02 18.74 8.26
N ILE E 462 -13.51 17.67 8.86
CA ILE E 462 -13.86 16.32 8.41
C ILE E 462 -15.21 15.95 8.98
N LEU E 463 -16.09 15.44 8.13
CA LEU E 463 -17.42 15.00 8.52
C LEU E 463 -17.60 13.55 8.11
N VAL E 464 -18.22 12.76 9.00
CA VAL E 464 -18.41 11.33 8.78
C VAL E 464 -19.90 11.07 8.58
N THR E 465 -20.24 10.38 7.50
CA THR E 465 -21.62 10.00 7.24
C THR E 465 -22.03 8.85 8.16
N GLN E 466 -23.34 8.77 8.41
CA GLN E 466 -23.86 7.74 9.29
C GLN E 466 -23.60 6.34 8.74
N ASP E 467 -23.52 6.21 7.41
CA ASP E 467 -23.29 4.90 6.81
C ASP E 467 -21.90 4.37 7.11
N ARG E 468 -20.90 5.25 7.19
CA ARG E 468 -19.52 4.85 7.43
C ARG E 468 -19.10 5.06 8.88
N ALA E 469 -20.06 5.19 9.80
CA ALA E 469 -19.72 5.44 11.19
C ALA E 469 -18.96 4.27 11.80
N LYS E 470 -19.35 3.04 11.48
CA LYS E 470 -18.71 1.84 12.01
C LYS E 470 -18.25 0.99 10.84
N THR E 471 -16.95 0.72 10.78
CA THR E 471 -16.38 -0.08 9.71
C THR E 471 -15.84 -1.40 10.24
N SER E 484 -22.98 7.29 -3.81
CA SER E 484 -23.50 8.32 -2.92
C SER E 484 -24.97 8.61 -3.21
N ARG E 485 -25.35 9.88 -3.09
CA ARG E 485 -26.73 10.28 -3.29
C ARG E 485 -26.80 11.48 -4.24
N ILE E 486 -27.99 11.75 -4.75
CA ILE E 486 -28.22 12.80 -5.73
C ILE E 486 -28.08 14.16 -5.08
N ILE E 487 -28.04 15.21 -5.91
CA ILE E 487 -27.76 16.56 -5.42
C ILE E 487 -28.87 17.03 -4.48
N HIS E 488 -28.50 17.94 -3.59
CA HIS E 488 -29.44 18.64 -2.72
C HIS E 488 -28.85 19.99 -2.36
N ALA E 489 -29.70 21.01 -2.31
CA ALA E 489 -29.21 22.36 -2.06
C ALA E 489 -28.65 22.54 -0.65
N SER E 490 -28.97 21.63 0.27
CA SER E 490 -28.46 21.75 1.63
C SER E 490 -26.96 21.50 1.71
N ILE E 491 -26.39 20.82 0.71
CA ILE E 491 -24.94 20.58 0.73
C ILE E 491 -24.17 21.90 0.68
N ALA E 492 -24.69 22.88 -0.06
CA ALA E 492 -24.03 24.19 -0.12
C ALA E 492 -24.01 24.90 1.21
N GLU E 493 -24.94 24.58 2.12
CA GLU E 493 -25.01 25.22 3.42
C GLU E 493 -24.35 24.42 4.53
N VAL E 494 -24.46 23.10 4.50
CA VAL E 494 -23.93 22.25 5.55
C VAL E 494 -22.60 21.62 5.17
N GLY E 495 -22.46 21.18 3.93
CA GLY E 495 -21.24 20.57 3.45
C GLY E 495 -20.42 21.52 2.60
N GLN E 496 -19.58 20.94 1.75
CA GLN E 496 -18.75 21.71 0.81
C GLN E 496 -18.87 20.99 -0.54
N TYR E 497 -19.73 21.51 -1.41
CA TYR E 497 -20.10 20.76 -2.62
C TYR E 497 -18.98 20.72 -3.65
N LYS E 498 -17.97 21.58 -3.54
CA LYS E 498 -16.85 21.51 -4.47
C LYS E 498 -15.68 20.71 -3.92
N ASN E 499 -15.57 20.58 -2.61
CA ASN E 499 -14.56 19.72 -1.99
C ASN E 499 -15.02 18.27 -2.16
N GLN E 500 -14.34 17.53 -3.03
CA GLN E 500 -14.78 16.20 -3.44
C GLN E 500 -13.66 15.19 -3.28
N PRO E 501 -13.45 14.68 -2.07
CA PRO E 501 -12.51 13.57 -1.90
C PRO E 501 -13.05 12.28 -2.51
N LYS E 502 -12.16 11.30 -2.64
CA LYS E 502 -12.55 10.04 -3.27
C LYS E 502 -13.65 9.33 -2.48
N ASN E 503 -13.56 9.35 -1.16
CA ASN E 503 -14.54 8.63 -0.34
C ASN E 503 -15.94 9.22 -0.49
N ASN E 504 -16.04 10.56 -0.52
CA ASN E 504 -17.32 11.26 -0.58
C ASN E 504 -17.27 12.27 -1.71
N PRO E 505 -17.47 11.82 -2.96
CA PRO E 505 -17.37 12.74 -4.10
C PRO E 505 -18.50 13.74 -4.20
N ASP E 506 -19.56 13.60 -3.41
CA ASP E 506 -20.70 14.50 -3.49
C ASP E 506 -20.59 15.69 -2.54
N GLY E 507 -19.50 15.80 -1.80
CA GLY E 507 -19.31 16.93 -0.91
C GLY E 507 -19.92 16.81 0.46
N ARG E 508 -20.47 15.66 0.82
CA ARG E 508 -21.06 15.46 2.12
C ARG E 508 -20.07 14.91 3.15
N GLY E 509 -18.83 14.67 2.75
CA GLY E 509 -17.79 14.24 3.66
C GLY E 509 -16.99 15.35 4.29
N ARG E 510 -17.37 16.61 4.09
CA ARG E 510 -16.70 17.75 4.67
C ARG E 510 -17.74 18.68 5.28
N LEU E 511 -17.33 19.42 6.29
CA LEU E 511 -18.23 20.27 7.06
C LEU E 511 -18.00 21.73 6.70
N ASN E 512 -19.09 22.43 6.37
CA ASN E 512 -19.01 23.86 6.15
C ASN E 512 -18.74 24.58 7.47
N MET E 513 -17.68 25.39 7.50
CA MET E 513 -17.25 26.03 8.73
C MET E 513 -18.19 27.15 9.17
N TYR E 514 -19.14 27.55 8.33
CA TYR E 514 -20.11 28.58 8.67
C TYR E 514 -21.47 28.01 9.06
N THR E 515 -21.55 26.70 9.27
CA THR E 515 -22.81 26.07 9.62
C THR E 515 -23.30 26.56 10.98
N LYS E 516 -24.62 26.67 11.11
CA LYS E 516 -25.24 27.07 12.36
C LYS E 516 -25.66 25.82 13.12
N VAL E 517 -25.14 25.66 14.33
CA VAL E 517 -25.33 24.45 15.12
C VAL E 517 -25.85 24.83 16.50
N GLY E 518 -26.84 24.10 16.99
CA GLY E 518 -27.40 24.35 18.30
C GLY E 518 -26.54 23.78 19.41
N PRO E 519 -26.95 24.05 20.65
CA PRO E 519 -26.17 23.60 21.81
C PRO E 519 -26.00 22.09 21.89
N THR E 520 -27.00 21.32 21.47
CA THR E 520 -26.92 19.86 21.53
C THR E 520 -26.38 19.24 20.25
N GLY E 521 -25.95 20.04 19.28
CA GLY E 521 -25.44 19.53 18.03
C GLY E 521 -26.44 19.45 16.91
N LEU E 522 -27.60 20.08 17.04
CA LEU E 522 -28.61 20.04 15.98
C LEU E 522 -28.29 21.05 14.90
N VAL E 523 -28.37 20.62 13.65
CA VAL E 523 -28.10 21.51 12.52
C VAL E 523 -29.29 22.44 12.33
N GLU E 524 -29.05 23.73 12.42
CA GLU E 524 -30.08 24.74 12.23
C GLU E 524 -29.96 25.37 10.85
N ARG E 525 -30.99 26.13 10.47
CA ARG E 525 -31.05 26.77 9.18
C ARG E 525 -30.67 28.24 9.30
N ARG E 526 -30.00 28.75 8.28
CA ARG E 526 -29.61 30.15 8.21
C ARG E 526 -30.61 30.89 7.34
N GLU E 527 -31.21 31.95 7.88
CA GLU E 527 -32.28 32.65 7.19
C GLU E 527 -31.77 33.54 6.07
N GLU E 528 -30.58 34.12 6.23
CA GLU E 528 -30.07 35.04 5.23
C GLU E 528 -29.75 34.37 3.90
N VAL E 529 -29.68 33.05 3.85
CA VAL E 529 -29.50 32.32 2.61
C VAL E 529 -30.66 31.37 2.35
N ARG E 530 -31.78 31.57 3.06
CA ARG E 530 -32.91 30.66 2.93
C ARG E 530 -33.54 30.73 1.54
N GLU E 531 -33.71 31.94 1.01
CA GLU E 531 -34.41 32.09 -0.27
C GLU E 531 -33.59 31.50 -1.42
N ILE E 532 -32.30 31.81 -1.47
CA ILE E 532 -31.47 31.33 -2.57
C ILE E 532 -31.34 29.82 -2.53
N ILE E 533 -31.22 29.25 -1.33
CA ILE E 533 -31.18 27.79 -1.20
C ILE E 533 -32.49 27.18 -1.67
N ASP E 534 -33.62 27.76 -1.27
CA ASP E 534 -34.91 27.20 -1.63
C ASP E 534 -35.15 27.24 -3.13
N ASN E 535 -34.79 28.34 -3.79
CA ASN E 535 -35.01 28.48 -5.22
C ASN E 535 -34.24 27.42 -6.01
N ALA E 536 -33.00 27.15 -5.61
CA ALA E 536 -32.20 26.15 -6.29
C ALA E 536 -32.81 24.76 -6.14
N GLN E 537 -33.36 24.45 -4.97
CA GLN E 537 -33.91 23.12 -4.73
C GLN E 537 -35.08 22.83 -5.67
N LEU E 538 -35.91 23.84 -5.93
CA LEU E 538 -37.01 23.66 -6.88
C LEU E 538 -36.48 23.31 -8.27
N MET E 539 -35.46 24.02 -8.73
CA MET E 539 -34.94 23.78 -10.07
C MET E 539 -34.21 22.45 -10.17
N PHE E 540 -33.68 21.94 -9.06
CA PHE E 540 -33.01 20.65 -9.09
C PHE E 540 -33.98 19.53 -9.38
N ARG E 541 -35.18 19.59 -8.80
CA ARG E 541 -36.18 18.54 -8.98
C ARG E 541 -37.14 18.80 -10.12
N ALA E 542 -37.10 19.98 -10.73
CA ALA E 542 -37.98 20.30 -11.84
C ALA E 542 -37.56 19.54 -13.09
#